data_7QQV
#
_entry.id   7QQV
#
_cell.length_a   179.019
_cell.length_b   67.145
_cell.length_c   187.767
_cell.angle_alpha   90.000
_cell.angle_beta   111.141
_cell.angle_gamma   90.000
#
_symmetry.space_group_name_H-M   'C 1 2 1'
#
loop_
_entity.id
_entity.type
_entity.pdbx_description
1 polymer 'FANCF sgRNA'
2 polymer 'CRISPR-associated endonuclease Cas9/Csn1'
3 polymer 'FANCF off-target3 target strand'
4 polymer 'FANCF off-target3 non-target strand'
5 non-polymer 'MAGNESIUM ION'
6 non-polymer 'POTASSIUM ION'
7 water water
#
loop_
_entity_poly.entity_id
_entity_poly.type
_entity_poly.pdbx_seq_one_letter_code
_entity_poly.pdbx_strand_id
1 'polyribonucleotide'
;GGGGGAAUCCCUUCUGCAGCACCGUUUUAGAGCUAGAAAUAGCAAGUUAAAAUAAGGCUAGUCCGUUAUCAACUUGAAAA
AGUGA
;
A
2 'polypeptide(L)'
;MDKKYSIGLAIGTNSVGWAVITDEYKVPSKKFKVLGNTDRHSIKKNLIGALLFDSGETAEATRLKRTARRRYTRRKNRIC
YLQEIFSNEMAKVDDSFFHRLEESFLVEEDKKHERHPIFGNIVDEVAYHEKYPTIYHLRKKLVDSTDKADLRLIYLALAH
MIKFRGHFLIEGDLNPDNSDVDKLFIQLVQTYNQLFEENPINASGVDAKAILSARLSKSRRLENLIAQLPGEKKNGLFGN
LIALSLGLTPNFKSNFDLAEDAKLQLSKDTYDDDLDNLLAQIGDQYADLFLAAKNLSDAILLSDILRVNTEITKAPLSAS
MIKRYDEHHQDLTLLKALVRQQLPEKYKEIFFDQSKNGYAGYIDGGASQEEFYKFIKPILEKMDGTEELLVKLNREDLLR
KQRTFDNGSIPHQIHLGELHAILRRQEDFYPFLKDNREKIEKILTFRIPYYVGPLARGNSRFAWMTRKSEETITPWNFEE
VVDKGASAQSFIERMTNFDKNLPNEKVLPKHSLLYEYFTVYNELTKVKYVTEGMRKPAFLSGEQKKAIVDLLFKTNRKVT
VKQLKEDYFKKIECFDSVEISGVEDRFNASLGTYHDLLKIIKDKDFLDNEENEDILEDIVLTLTLFEDREMIEERLKTYA
HLFDDKVMKQLKRRRYTGWGRLSRKLINGIRDKQSGKTILDFLKSDGFANRNFMQLIHDDSLTFKEDIQKAQVSGQGDSL
HEHIANLAGSPAIKKGILQTVKVVDELVKVMGRHKPENIVIEMARENQTTQKGQKNSRERMKRIEEGIKELGSQILKEHP
VENTQLQNEKLYLYYLQNGRDMYVDQELDINRLSDYDVDAIVPQSFLKDDSIDNKVLTRSDKNRGKSDNVPSEEVVKKMK
NYWRQLLNAKLITQRKFDNLTKAERGGLSELDKAGFIKRQLVETRQITKHVAQILDSRMNTKYDENDKLIREVKVITLKS
KLVSDFRKDFQFYKVREINNYHHAHDAYLNAVVGTALIKKYPKLESEFVYGDYKVYDVRKMIAKSEQEIGKATAKYFFYS
NIMNFFKTEITLANGEIRKRPLIETNGETGEIVWDKGRDFATVRKVLSMPQVNIVKKTEVQTGGFSKESILPKRNSDKLI
ARKKDWDPKKYGGFDSPTVAYSVLVVAKVEKGKSKKLKSVKELLGITIMERSSFEKNPIDFLEAKGYKEVKKDLIIKLPK
YSLFELENGRKRMLASAGELQKGNELALPSKYVNFLYLASHYEKLKGSPEDNEQKQLFVEQHKHYLDEIIEQISEFSKRV
ILADANLDKVLSAYNKHRDKPIREQAENIIHLFTLTNLGAPAAFKYFDTTIDRKRYTSTKEVLDATLIHQSITGLYETRI
DLSQLGGD
;
B
3 'polydeoxyribonucleotide'
;(DC)(DA)(DA)(DT)(DA)(DC)(DC)(DG)(DG)(DG)(DT)(DC)(DT)(DG)(DC)(DA)(DG)(DA)(DA)(DG)
(DG)(DG)(DG)(DC)(DT)(DC)(DC)(DG)
;
C
4 'polydeoxyribonucleotide' (DG)(DA)(DC)(DC)(DC)(DG)(DG)(DT)(DA)(DT)(DT)(DG) D
#
loop_
_chem_comp.id
_chem_comp.type
_chem_comp.name
_chem_comp.formula
A RNA linking ADENOSINE-5'-MONOPHOSPHATE 'C10 H14 N5 O7 P'
C RNA linking CYTIDINE-5'-MONOPHOSPHATE 'C9 H14 N3 O8 P'
DA DNA linking 2'-DEOXYADENOSINE-5'-MONOPHOSPHATE 'C10 H14 N5 O6 P'
DC DNA linking 2'-DEOXYCYTIDINE-5'-MONOPHOSPHATE 'C9 H14 N3 O7 P'
DG DNA linking 2'-DEOXYGUANOSINE-5'-MONOPHOSPHATE 'C10 H14 N5 O7 P'
DT DNA linking THYMIDINE-5'-MONOPHOSPHATE 'C10 H15 N2 O8 P'
G RNA linking GUANOSINE-5'-MONOPHOSPHATE 'C10 H14 N5 O8 P'
K non-polymer 'POTASSIUM ION' 'K 1'
MG non-polymer 'MAGNESIUM ION' 'Mg 2'
U RNA linking URIDINE-5'-MONOPHOSPHATE 'C9 H13 N2 O9 P'
#
# COMPACT_ATOMS: atom_id res chain seq x y z
N LYS B 3 19.23 6.29 -44.89
CA LYS B 3 18.62 7.02 -43.78
C LYS B 3 18.37 6.11 -42.59
N LYS B 4 19.44 5.60 -41.99
CA LYS B 4 19.36 4.74 -40.83
C LYS B 4 19.38 5.58 -39.57
N TYR B 5 18.55 5.19 -38.60
CA TYR B 5 18.43 5.96 -37.37
C TYR B 5 18.02 5.02 -36.23
N SER B 6 18.32 5.45 -35.01
CA SER B 6 17.91 4.76 -33.80
C SER B 6 17.11 5.69 -32.91
N ILE B 7 16.34 5.11 -32.00
CA ILE B 7 15.55 5.87 -31.03
C ILE B 7 16.04 5.54 -29.63
N GLY B 8 16.15 6.57 -28.81
CA GLY B 8 16.42 6.41 -27.39
C GLY B 8 15.20 6.88 -26.59
N LEU B 9 14.85 6.12 -25.56
CA LEU B 9 13.68 6.39 -24.73
C LEU B 9 14.05 6.29 -23.25
N ALA B 10 13.59 7.25 -22.47
CA ALA B 10 13.72 7.25 -21.01
C ALA B 10 12.30 7.24 -20.44
N ILE B 11 11.89 6.10 -19.89
CA ILE B 11 10.54 5.87 -19.42
C ILE B 11 10.47 6.11 -17.92
N GLY B 12 9.61 7.03 -17.49
CA GLY B 12 9.43 7.34 -16.09
C GLY B 12 7.96 7.38 -15.72
N THR B 13 7.70 7.77 -14.48
CA THR B 13 6.34 7.86 -13.95
C THR B 13 5.69 9.20 -14.26
N ASN B 14 6.44 10.18 -14.74
CA ASN B 14 5.86 11.47 -15.11
C ASN B 14 6.45 12.02 -16.39
N SER B 15 7.17 11.21 -17.17
CA SER B 15 7.84 11.69 -18.36
C SER B 15 8.23 10.50 -19.24
N VAL B 16 8.23 10.73 -20.54
CA VAL B 16 8.88 9.87 -21.52
C VAL B 16 9.82 10.75 -22.33
N GLY B 17 11.12 10.61 -22.10
CA GLY B 17 12.09 11.28 -22.94
C GLY B 17 12.38 10.47 -24.20
N TRP B 18 12.61 11.17 -25.30
CA TRP B 18 12.82 10.51 -26.58
C TRP B 18 13.83 11.29 -27.42
N ALA B 19 14.56 10.55 -28.25
CA ALA B 19 15.50 11.16 -29.16
C ALA B 19 15.72 10.25 -30.36
N VAL B 20 16.02 10.88 -31.49
CA VAL B 20 16.39 10.18 -32.72
C VAL B 20 17.85 10.49 -33.00
N ILE B 21 18.64 9.44 -33.30
CA ILE B 21 20.04 9.63 -33.67
C ILE B 21 20.31 8.96 -35.01
N THR B 22 21.31 9.48 -35.71
CA THR B 22 21.88 8.82 -36.86
C THR B 22 23.09 7.99 -36.41
N ASP B 23 23.70 7.27 -37.34
CA ASP B 23 24.84 6.41 -36.96
C ASP B 23 26.05 7.24 -36.55
N GLU B 24 26.09 8.53 -36.86
CA GLU B 24 27.11 9.42 -36.35
C GLU B 24 26.79 9.96 -34.97
N TYR B 25 25.75 9.43 -34.32
CA TYR B 25 25.29 9.85 -33.01
C TYR B 25 24.78 11.29 -32.99
N LYS B 26 24.44 11.85 -34.15
CA LYS B 26 23.85 13.16 -34.24
C LYS B 26 22.32 13.08 -34.21
N VAL B 27 21.71 14.13 -33.69
CA VAL B 27 20.25 14.26 -33.68
C VAL B 27 19.84 15.06 -34.90
N PRO B 28 19.00 14.53 -35.79
CA PRO B 28 18.62 15.27 -37.00
C PRO B 28 17.67 16.40 -36.64
N SER B 29 17.42 17.25 -37.64
CA SER B 29 16.44 18.33 -37.53
C SER B 29 15.69 18.44 -38.84
N LYS B 30 14.39 18.71 -38.75
CA LYS B 30 13.51 18.72 -39.90
C LYS B 30 12.66 19.98 -39.91
N LYS B 31 12.21 20.36 -41.11
CA LYS B 31 11.15 21.34 -41.27
C LYS B 31 9.81 20.62 -41.19
N PHE B 32 9.00 20.99 -40.21
CA PHE B 32 7.68 20.42 -40.03
C PHE B 32 6.63 21.46 -40.40
N LYS B 33 5.50 20.96 -40.90
CA LYS B 33 4.42 21.82 -41.36
C LYS B 33 3.57 22.29 -40.20
N VAL B 34 3.22 23.58 -40.23
CA VAL B 34 2.39 24.20 -39.19
C VAL B 34 1.02 24.50 -39.79
N LEU B 35 -0.02 23.93 -39.19
CA LEU B 35 -1.38 24.17 -39.60
C LEU B 35 -2.00 25.30 -38.79
N GLY B 36 -3.18 25.71 -39.21
CA GLY B 36 -3.90 26.76 -38.51
C GLY B 36 -4.12 28.00 -39.35
N ASN B 37 -4.33 29.13 -38.66
CA ASN B 37 -4.72 30.38 -39.29
C ASN B 37 -3.71 31.49 -39.07
N THR B 38 -2.49 31.17 -38.66
CA THR B 38 -1.46 32.18 -38.52
C THR B 38 -0.68 32.31 -39.82
N ASP B 39 0.28 33.23 -39.84
CA ASP B 39 1.13 33.46 -41.00
C ASP B 39 2.35 32.55 -41.03
N ARG B 40 2.55 31.72 -40.01
CA ARG B 40 3.64 30.75 -40.02
C ARG B 40 3.15 29.46 -40.66
N HIS B 41 3.90 28.95 -41.64
CA HIS B 41 3.51 27.74 -42.37
C HIS B 41 4.38 26.53 -42.03
N SER B 42 5.54 26.73 -41.43
CA SER B 42 6.43 25.62 -41.10
C SER B 42 7.37 26.09 -40.00
N ILE B 43 8.15 25.15 -39.46
CA ILE B 43 9.02 25.43 -38.32
C ILE B 43 10.09 24.37 -38.23
N LYS B 44 11.28 24.77 -37.80
CA LYS B 44 12.41 23.85 -37.65
C LYS B 44 12.37 23.19 -36.28
N LYS B 45 12.43 21.85 -36.28
CA LYS B 45 12.36 21.07 -35.06
C LYS B 45 13.58 20.15 -34.98
N ASN B 46 14.21 20.11 -33.81
CA ASN B 46 15.15 19.04 -33.49
C ASN B 46 14.39 17.79 -33.09
N LEU B 47 14.90 16.63 -33.48
CA LEU B 47 14.23 15.36 -33.16
C LEU B 47 14.67 14.84 -31.79
N ILE B 48 14.34 15.62 -30.77
CA ILE B 48 14.62 15.27 -29.38
C ILE B 48 13.63 16.01 -28.50
N GLY B 49 13.14 15.34 -27.46
CA GLY B 49 12.19 15.98 -26.58
C GLY B 49 11.77 15.06 -25.44
N ALA B 50 10.66 15.44 -24.80
CA ALA B 50 10.16 14.70 -23.65
C ALA B 50 8.70 15.04 -23.42
N LEU B 51 7.87 14.00 -23.29
CA LEU B 51 6.49 14.16 -22.88
C LEU B 51 6.42 14.17 -21.36
N LEU B 52 5.63 15.10 -20.80
CA LEU B 52 5.41 15.19 -19.37
C LEU B 52 3.93 14.97 -19.07
N PHE B 53 3.64 14.27 -17.98
CA PHE B 53 2.25 14.00 -17.64
C PHE B 53 2.09 13.86 -16.13
N ASP B 54 0.87 14.13 -15.67
CA ASP B 54 0.52 13.85 -14.28
C ASP B 54 0.42 12.34 -14.06
N SER B 55 0.78 11.91 -12.86
CA SER B 55 0.91 10.48 -12.56
C SER B 55 -0.43 9.75 -12.72
N GLY B 56 -0.37 8.59 -13.35
CA GLY B 56 -1.50 7.67 -13.28
C GLY B 56 -1.75 7.24 -11.85
N GLU B 57 -3.03 7.13 -11.48
CA GLU B 57 -3.44 6.83 -10.12
C GLU B 57 -3.94 5.40 -10.02
N THR B 58 -3.82 4.83 -8.82
CA THR B 58 -4.38 3.51 -8.57
C THR B 58 -5.89 3.62 -8.36
N ALA B 59 -6.55 2.47 -8.38
CA ALA B 59 -8.00 2.42 -8.23
C ALA B 59 -8.45 2.39 -6.78
N GLU B 60 -7.53 2.53 -5.83
CA GLU B 60 -7.85 2.30 -4.43
C GLU B 60 -8.84 3.34 -3.89
N ALA B 61 -8.54 4.64 -4.07
CA ALA B 61 -9.45 5.66 -3.57
C ALA B 61 -10.85 5.50 -4.16
N THR B 62 -10.93 5.23 -5.47
CA THR B 62 -12.21 4.98 -6.11
C THR B 62 -12.95 3.84 -5.42
N ARG B 63 -12.23 2.77 -5.06
CA ARG B 63 -12.84 1.61 -4.42
C ARG B 63 -13.32 1.94 -3.03
N LEU B 64 -12.49 2.63 -2.24
CA LEU B 64 -12.90 2.98 -0.88
C LEU B 64 -14.18 3.82 -0.91
N LYS B 65 -14.26 4.76 -1.86
CA LYS B 65 -15.49 5.55 -1.97
C LYS B 65 -16.67 4.71 -2.46
N ARG B 66 -16.42 3.73 -3.34
CA ARG B 66 -17.51 2.88 -3.84
C ARG B 66 -18.11 2.05 -2.71
N THR B 67 -17.27 1.36 -1.94
CA THR B 67 -17.79 0.52 -0.87
C THR B 67 -18.43 1.37 0.23
N ALA B 68 -17.85 2.55 0.53
CA ALA B 68 -18.51 3.44 1.50
C ALA B 68 -19.91 3.83 1.03
N ARG B 69 -20.05 4.12 -0.27
CA ARG B 69 -21.37 4.42 -0.84
C ARG B 69 -22.35 3.29 -0.56
N ARG B 70 -21.92 2.06 -0.84
CA ARG B 70 -22.77 0.90 -0.57
C ARG B 70 -23.18 0.84 0.91
N ARG B 71 -22.24 1.14 1.81
CA ARG B 71 -22.55 1.10 3.23
C ARG B 71 -23.63 2.11 3.59
N TYR B 72 -23.53 3.33 3.06
CA TYR B 72 -24.56 4.34 3.37
C TYR B 72 -25.92 3.89 2.86
N THR B 73 -25.97 3.36 1.64
CA THR B 73 -27.22 2.85 1.09
C THR B 73 -27.84 1.79 2.01
N ARG B 74 -27.05 0.81 2.40
CA ARG B 74 -27.59 -0.31 3.19
C ARG B 74 -27.96 0.11 4.62
N ARG B 75 -27.22 1.06 5.21
CA ARG B 75 -27.61 1.56 6.52
C ARG B 75 -28.97 2.25 6.45
N LYS B 76 -29.16 3.09 5.43
CA LYS B 76 -30.48 3.66 5.20
C LYS B 76 -31.53 2.56 5.06
N ASN B 77 -31.18 1.46 4.39
CA ASN B 77 -32.15 0.39 4.19
C ASN B 77 -32.51 -0.30 5.51
N ARG B 78 -31.53 -0.46 6.40
CA ARG B 78 -31.84 -1.00 7.73
C ARG B 78 -32.89 -0.14 8.42
N ILE B 79 -32.66 1.18 8.43
CA ILE B 79 -33.64 2.06 9.06
C ILE B 79 -34.99 1.94 8.38
N CYS B 80 -34.99 1.80 7.04
CA CYS B 80 -36.26 1.68 6.32
C CYS B 80 -37.00 0.41 6.68
N TYR B 81 -36.27 -0.71 6.86
CA TYR B 81 -36.92 -1.96 7.29
C TYR B 81 -37.58 -1.77 8.64
N LEU B 82 -36.86 -1.15 9.59
CA LEU B 82 -37.43 -0.94 10.91
C LEU B 82 -38.69 -0.10 10.83
N GLN B 83 -38.64 1.00 10.05
CA GLN B 83 -39.81 1.87 9.92
C GLN B 83 -40.98 1.15 9.24
N GLU B 84 -40.69 0.28 8.27
CA GLU B 84 -41.77 -0.47 7.63
C GLU B 84 -42.41 -1.43 8.62
N ILE B 85 -41.63 -1.99 9.55
CA ILE B 85 -42.21 -2.83 10.58
C ILE B 85 -43.11 -2.00 11.50
N PHE B 86 -42.68 -0.78 11.84
CA PHE B 86 -43.43 0.04 12.79
C PHE B 86 -44.65 0.75 12.19
N SER B 87 -44.70 0.88 10.85
CA SER B 87 -45.62 1.76 10.14
C SER B 87 -47.03 1.88 10.72
N ASN B 88 -47.79 0.77 10.75
CA ASN B 88 -49.22 0.86 11.05
C ASN B 88 -49.47 1.32 12.49
N GLU B 89 -48.84 0.65 13.46
CA GLU B 89 -49.04 1.00 14.85
C GLU B 89 -48.56 2.42 15.13
N MET B 90 -47.45 2.82 14.51
CA MET B 90 -47.02 4.21 14.68
C MET B 90 -48.06 5.17 14.11
N ALA B 91 -48.65 4.83 12.96
CA ALA B 91 -49.71 5.68 12.41
C ALA B 91 -50.88 5.80 13.35
N LYS B 92 -51.14 4.76 14.15
CA LYS B 92 -52.16 4.87 15.19
C LYS B 92 -51.71 5.81 16.31
N VAL B 93 -50.42 5.78 16.68
CA VAL B 93 -49.98 6.63 17.78
C VAL B 93 -49.78 8.08 17.33
N ASP B 94 -49.22 8.28 16.13
CA ASP B 94 -48.72 9.57 15.69
C ASP B 94 -48.41 9.50 14.21
N ASP B 95 -49.32 9.99 13.37
CA ASP B 95 -49.24 9.70 11.95
C ASP B 95 -48.21 10.53 11.20
N SER B 96 -47.49 11.43 11.89
CA SER B 96 -46.45 12.22 11.24
C SER B 96 -45.09 12.11 11.91
N PHE B 97 -44.92 11.18 12.86
CA PHE B 97 -43.65 10.99 13.54
C PHE B 97 -42.52 10.77 12.54
N PHE B 98 -42.67 9.75 11.68
CA PHE B 98 -41.63 9.45 10.70
C PHE B 98 -41.42 10.60 9.72
N HIS B 99 -42.48 11.33 9.38
CA HIS B 99 -42.30 12.50 8.52
C HIS B 99 -41.47 13.57 9.20
N ARG B 100 -41.71 13.81 10.49
CA ARG B 100 -40.90 14.80 11.19
C ARG B 100 -39.45 14.34 11.29
N LEU B 101 -39.23 13.04 11.46
CA LEU B 101 -37.86 12.55 11.44
C LEU B 101 -37.22 12.83 10.09
N GLU B 102 -37.97 12.64 9.00
CA GLU B 102 -37.37 12.74 7.68
C GLU B 102 -36.97 14.17 7.34
N GLU B 103 -37.67 15.17 7.86
CA GLU B 103 -37.40 16.57 7.53
C GLU B 103 -36.71 17.31 8.68
N SER B 104 -36.13 16.58 9.63
CA SER B 104 -35.50 17.22 10.78
C SER B 104 -34.41 18.19 10.37
N PHE B 105 -33.79 17.97 9.21
CA PHE B 105 -32.71 18.82 8.73
C PHE B 105 -33.21 20.16 8.20
N LEU B 106 -34.46 20.25 7.79
CA LEU B 106 -34.98 21.45 7.14
C LEU B 106 -35.15 22.59 8.14
N VAL B 107 -34.90 23.81 7.68
CA VAL B 107 -35.24 24.98 8.48
C VAL B 107 -36.75 25.02 8.70
N GLU B 108 -37.18 25.68 9.78
CA GLU B 108 -38.59 25.68 10.15
C GLU B 108 -39.46 26.17 8.99
N GLU B 109 -38.94 27.13 8.22
CA GLU B 109 -39.68 27.67 7.09
C GLU B 109 -40.02 26.59 6.07
N ASP B 110 -39.08 25.67 5.82
CA ASP B 110 -39.30 24.62 4.83
C ASP B 110 -40.01 23.40 5.40
N LYS B 111 -40.04 23.24 6.72
CA LYS B 111 -40.70 22.08 7.31
C LYS B 111 -42.19 22.10 7.00
N LYS B 112 -42.73 20.94 6.67
CA LYS B 112 -44.16 20.78 6.46
C LYS B 112 -44.91 20.38 7.72
N HIS B 113 -44.19 20.03 8.79
CA HIS B 113 -44.82 19.67 10.06
C HIS B 113 -44.21 20.42 11.23
N GLU B 114 -44.61 20.10 12.45
CA GLU B 114 -44.09 20.75 13.63
C GLU B 114 -42.58 20.56 13.74
N ARG B 115 -41.90 21.55 14.31
CA ARG B 115 -40.45 21.58 14.33
C ARG B 115 -39.84 20.70 15.41
N HIS B 116 -40.64 20.17 16.33
CA HIS B 116 -40.11 19.33 17.40
C HIS B 116 -40.29 17.87 17.03
N PRO B 117 -39.20 17.14 16.75
CA PRO B 117 -39.33 15.84 16.04
C PRO B 117 -40.11 14.78 16.80
N ILE B 118 -39.80 14.60 18.08
CA ILE B 118 -40.29 13.42 18.79
C ILE B 118 -41.78 13.55 19.11
N PHE B 119 -42.17 14.64 19.76
CA PHE B 119 -43.54 14.76 20.26
C PHE B 119 -44.35 15.87 19.59
N GLY B 120 -43.74 16.71 18.77
CA GLY B 120 -44.50 17.70 18.04
C GLY B 120 -45.04 18.86 18.86
N ASN B 121 -44.62 19.01 20.11
CA ASN B 121 -44.92 20.20 20.90
C ASN B 121 -43.77 20.44 21.86
N ILE B 122 -43.63 21.70 22.29
CA ILE B 122 -42.41 22.09 22.99
C ILE B 122 -42.41 21.59 24.43
N VAL B 123 -43.58 21.54 25.08
CA VAL B 123 -43.66 21.06 26.45
C VAL B 123 -43.14 19.62 26.54
N ASP B 124 -43.67 18.75 25.69
CA ASP B 124 -43.29 17.34 25.74
C ASP B 124 -41.85 17.14 25.30
N GLU B 125 -41.39 17.90 24.32
CA GLU B 125 -40.00 17.75 23.85
C GLU B 125 -39.02 18.14 24.94
N VAL B 126 -39.26 19.29 25.59
CA VAL B 126 -38.41 19.74 26.68
C VAL B 126 -38.42 18.74 27.82
N ALA B 127 -39.60 18.21 28.16
CA ALA B 127 -39.69 17.22 29.22
C ALA B 127 -38.92 15.95 28.87
N TYR B 128 -38.98 15.53 27.60
CA TYR B 128 -38.20 14.37 27.17
C TYR B 128 -36.72 14.60 27.42
N HIS B 129 -36.19 15.69 26.88
CA HIS B 129 -34.76 15.95 27.03
C HIS B 129 -34.36 16.13 28.50
N GLU B 130 -35.29 16.58 29.34
CA GLU B 130 -34.99 16.69 30.76
C GLU B 130 -34.92 15.32 31.41
N LYS B 131 -35.79 14.39 31.00
CA LYS B 131 -35.76 13.06 31.58
C LYS B 131 -34.64 12.19 31.01
N TYR B 132 -34.28 12.41 29.75
CA TYR B 132 -33.28 11.60 29.06
C TYR B 132 -32.29 12.52 28.35
N PRO B 133 -31.30 13.04 29.08
CA PRO B 133 -30.33 13.94 28.44
C PRO B 133 -29.48 13.28 27.36
N THR B 134 -29.32 11.96 27.39
CA THR B 134 -28.70 11.23 26.29
C THR B 134 -29.63 10.09 25.89
N ILE B 135 -29.42 9.57 24.67
CA ILE B 135 -30.16 8.41 24.21
C ILE B 135 -29.82 7.19 25.06
N TYR B 136 -28.64 7.16 25.69
CA TYR B 136 -28.27 6.01 26.51
C TYR B 136 -29.11 5.95 27.78
N HIS B 137 -29.55 7.10 28.30
CA HIS B 137 -30.55 7.12 29.38
C HIS B 137 -31.82 6.40 28.95
N LEU B 138 -32.35 6.75 27.77
CA LEU B 138 -33.57 6.13 27.27
C LEU B 138 -33.37 4.63 27.06
N ARG B 139 -32.23 4.24 26.50
CA ARG B 139 -31.95 2.83 26.27
C ARG B 139 -31.92 2.06 27.58
N LYS B 140 -31.24 2.60 28.59
CA LYS B 140 -31.19 1.94 29.88
C LYS B 140 -32.58 1.82 30.49
N LYS B 141 -33.38 2.88 30.39
CA LYS B 141 -34.73 2.85 30.93
C LYS B 141 -35.57 1.76 30.25
N LEU B 142 -35.50 1.69 28.93
CA LEU B 142 -36.32 0.72 28.23
C LEU B 142 -35.84 -0.71 28.48
N VAL B 143 -34.53 -0.89 28.73
CA VAL B 143 -34.03 -2.22 29.07
C VAL B 143 -34.49 -2.65 30.46
N ASP B 144 -34.44 -1.72 31.43
CA ASP B 144 -34.65 -2.09 32.83
C ASP B 144 -36.11 -2.01 33.29
N SER B 145 -36.86 -0.99 32.86
CA SER B 145 -38.21 -0.79 33.36
C SER B 145 -39.17 -1.87 32.84
N THR B 146 -40.22 -2.11 33.62
CA THR B 146 -41.28 -3.04 33.24
C THR B 146 -42.57 -2.33 32.82
N ASP B 147 -42.55 -1.00 32.69
CA ASP B 147 -43.73 -0.25 32.27
C ASP B 147 -43.87 -0.25 30.76
N LYS B 148 -45.11 -0.16 30.29
CA LYS B 148 -45.37 0.09 28.89
C LYS B 148 -44.79 1.45 28.52
N ALA B 149 -44.03 1.49 27.43
CA ALA B 149 -43.38 2.73 26.98
C ALA B 149 -44.05 3.26 25.72
N ASP B 150 -43.87 4.56 25.49
CA ASP B 150 -44.38 5.22 24.30
C ASP B 150 -43.70 4.65 23.06
N LEU B 151 -44.50 4.32 22.04
CA LEU B 151 -43.99 3.61 20.88
C LEU B 151 -42.91 4.40 20.14
N ARG B 152 -42.97 5.73 20.21
CA ARG B 152 -41.96 6.55 19.56
C ARG B 152 -40.60 6.42 20.26
N LEU B 153 -40.60 6.31 21.58
CA LEU B 153 -39.34 6.14 22.30
C LEU B 153 -38.75 4.75 22.06
N ILE B 154 -39.61 3.73 22.03
CA ILE B 154 -39.14 2.39 21.64
C ILE B 154 -38.50 2.44 20.27
N TYR B 155 -39.15 3.11 19.32
CA TYR B 155 -38.58 3.22 17.98
C TYR B 155 -37.21 3.87 18.04
N LEU B 156 -37.10 5.01 18.73
CA LEU B 156 -35.83 5.74 18.71
C LEU B 156 -34.71 4.90 19.34
N ALA B 157 -35.00 4.18 20.42
CA ALA B 157 -33.97 3.32 21.01
C ALA B 157 -33.53 2.22 20.03
N LEU B 158 -34.50 1.53 19.43
CA LEU B 158 -34.15 0.44 18.51
C LEU B 158 -33.41 0.96 17.29
N ALA B 159 -33.87 2.09 16.74
CA ALA B 159 -33.23 2.68 15.57
C ALA B 159 -31.81 3.13 15.90
N HIS B 160 -31.59 3.67 17.09
CA HIS B 160 -30.24 4.05 17.46
C HIS B 160 -29.33 2.84 17.54
N MET B 161 -29.83 1.74 18.09
CA MET B 161 -29.00 0.52 18.14
C MET B 161 -28.74 -0.03 16.74
N ILE B 162 -29.70 0.08 15.83
CA ILE B 162 -29.52 -0.53 14.51
C ILE B 162 -28.67 0.34 13.59
N LYS B 163 -28.77 1.67 13.72
CA LYS B 163 -28.00 2.56 12.86
C LYS B 163 -26.52 2.54 13.22
N PHE B 164 -26.20 2.46 14.51
CA PHE B 164 -24.83 2.42 14.98
C PHE B 164 -24.68 1.12 15.77
N ARG B 165 -24.42 0.03 15.04
CA ARG B 165 -24.61 -1.30 15.56
C ARG B 165 -23.34 -1.99 16.04
N GLY B 166 -22.16 -1.38 15.86
CA GLY B 166 -20.94 -1.97 16.39
C GLY B 166 -20.30 -2.98 15.45
N HIS B 167 -19.11 -3.43 15.82
CA HIS B 167 -18.31 -4.20 14.87
C HIS B 167 -18.69 -5.69 14.89
N PHE B 168 -18.16 -6.40 13.89
CA PHE B 168 -18.41 -7.83 13.72
C PHE B 168 -17.10 -8.62 13.80
N LEU B 169 -16.15 -8.12 14.59
CA LEU B 169 -14.84 -8.75 14.68
C LEU B 169 -14.86 -10.05 15.48
N ILE B 170 -15.91 -10.30 16.25
CA ILE B 170 -15.99 -11.45 17.15
C ILE B 170 -17.11 -12.36 16.70
N GLU B 171 -16.79 -13.63 16.45
CA GLU B 171 -17.79 -14.59 16.04
C GLU B 171 -18.48 -15.21 17.24
N GLY B 172 -19.74 -15.58 17.05
CA GLY B 172 -20.51 -16.20 18.12
C GLY B 172 -21.10 -15.18 19.07
N ASP B 173 -21.78 -15.71 20.09
CA ASP B 173 -22.45 -14.89 21.09
C ASP B 173 -21.47 -14.52 22.19
N LEU B 174 -21.73 -13.38 22.84
CA LEU B 174 -20.85 -12.89 23.89
C LEU B 174 -21.15 -13.69 25.16
N ASN B 175 -20.26 -14.63 25.48
CA ASN B 175 -20.51 -15.62 26.52
C ASN B 175 -20.77 -14.95 27.87
N PRO B 176 -21.88 -15.25 28.54
CA PRO B 176 -22.12 -14.67 29.87
C PRO B 176 -21.23 -15.25 30.95
N ASP B 177 -20.68 -16.45 30.73
CA ASP B 177 -19.71 -16.98 31.68
C ASP B 177 -18.50 -16.07 31.79
N ASN B 178 -17.98 -15.63 30.65
CA ASN B 178 -16.73 -14.87 30.59
C ASN B 178 -16.95 -13.37 30.73
N SER B 179 -17.86 -12.94 31.60
CA SER B 179 -18.05 -11.51 31.81
C SER B 179 -17.29 -11.01 33.03
N ASP B 180 -17.25 -11.79 34.10
CA ASP B 180 -16.70 -11.36 35.39
C ASP B 180 -15.22 -11.67 35.44
N VAL B 181 -14.41 -10.63 35.71
CA VAL B 181 -12.96 -10.80 35.78
C VAL B 181 -12.57 -11.52 37.07
N ASP B 182 -13.20 -11.17 38.19
CA ASP B 182 -12.86 -11.81 39.47
C ASP B 182 -13.08 -13.33 39.41
N LYS B 183 -14.22 -13.74 38.88
CA LYS B 183 -14.56 -15.16 38.85
C LYS B 183 -13.66 -15.94 37.92
N LEU B 184 -13.30 -15.36 36.77
CA LEU B 184 -12.41 -16.07 35.86
C LEU B 184 -10.97 -16.08 36.36
N PHE B 185 -10.55 -15.04 37.08
CA PHE B 185 -9.25 -15.08 37.74
C PHE B 185 -9.19 -16.21 38.75
N ILE B 186 -10.24 -16.34 39.56
CA ILE B 186 -10.30 -17.45 40.52
C ILE B 186 -10.30 -18.80 39.80
N GLN B 187 -10.98 -18.87 38.66
CA GLN B 187 -10.98 -20.10 37.86
C GLN B 187 -9.57 -20.46 37.40
N LEU B 188 -8.82 -19.46 36.91
CA LEU B 188 -7.45 -19.71 36.47
C LEU B 188 -6.58 -20.17 37.64
N VAL B 189 -6.76 -19.55 38.81
CA VAL B 189 -5.98 -19.95 39.97
C VAL B 189 -6.30 -21.39 40.37
N GLN B 190 -7.59 -21.75 40.36
CA GLN B 190 -7.99 -23.12 40.69
C GLN B 190 -7.36 -24.12 39.73
N THR B 191 -7.40 -23.82 38.43
CA THR B 191 -6.82 -24.71 37.44
C THR B 191 -5.32 -24.87 37.64
N TYR B 192 -4.61 -23.74 37.83
CA TYR B 192 -3.18 -23.79 38.08
C TYR B 192 -2.86 -24.63 39.31
N ASN B 193 -3.59 -24.41 40.41
CA ASN B 193 -3.30 -25.13 41.64
C ASN B 193 -3.65 -26.60 41.52
N GLN B 194 -4.62 -26.94 40.68
CA GLN B 194 -4.83 -28.34 40.30
C GLN B 194 -3.57 -28.90 39.65
N LEU B 195 -2.97 -28.15 38.73
CA LEU B 195 -1.79 -28.67 38.04
C LEU B 195 -0.52 -28.64 38.89
N PHE B 196 -0.48 -27.88 39.99
CA PHE B 196 0.76 -27.66 40.73
C PHE B 196 0.51 -27.67 42.25
N GLU B 197 0.14 -28.83 42.78
CA GLU B 197 -0.26 -28.91 44.18
C GLU B 197 0.87 -28.53 45.14
N GLU B 198 2.12 -28.80 44.77
CA GLU B 198 3.23 -28.53 45.67
C GLU B 198 3.55 -27.05 45.75
N ASN B 199 3.26 -26.29 44.69
CA ASN B 199 3.55 -24.86 44.64
C ASN B 199 2.28 -24.11 44.28
N PRO B 200 1.28 -24.10 45.16
CA PRO B 200 0.02 -23.40 44.86
C PRO B 200 0.19 -21.90 45.01
N ILE B 201 -0.84 -21.17 44.56
CA ILE B 201 -0.85 -19.72 44.57
C ILE B 201 -1.94 -19.24 45.50
N ASN B 202 -1.60 -18.26 46.35
CA ASN B 202 -2.53 -17.68 47.31
C ASN B 202 -3.07 -16.40 46.71
N ALA B 203 -4.30 -16.44 46.20
CA ALA B 203 -4.90 -15.31 45.51
C ALA B 203 -5.98 -14.62 46.34
N SER B 204 -6.17 -15.01 47.60
CA SER B 204 -7.14 -14.35 48.45
C SER B 204 -6.66 -12.93 48.78
N GLY B 205 -7.62 -12.02 48.89
CA GLY B 205 -7.29 -10.62 49.09
C GLY B 205 -6.84 -9.88 47.86
N VAL B 206 -6.72 -10.56 46.72
CA VAL B 206 -6.31 -9.93 45.47
C VAL B 206 -7.56 -9.44 44.75
N ASP B 207 -7.72 -8.13 44.66
CA ASP B 207 -8.81 -7.54 43.87
C ASP B 207 -8.40 -7.62 42.42
N ALA B 208 -8.69 -8.76 41.79
CA ALA B 208 -8.28 -8.97 40.41
C ALA B 208 -9.03 -8.05 39.45
N LYS B 209 -10.30 -7.77 39.74
CA LYS B 209 -11.09 -6.90 38.88
C LYS B 209 -10.43 -5.52 38.75
N ALA B 210 -10.14 -4.89 39.88
CA ALA B 210 -9.61 -3.53 39.85
C ALA B 210 -8.24 -3.49 39.17
N ILE B 211 -7.38 -4.45 39.48
CA ILE B 211 -6.03 -4.45 38.91
C ILE B 211 -6.09 -4.70 37.41
N LEU B 212 -6.84 -5.72 36.98
CA LEU B 212 -6.78 -6.17 35.60
C LEU B 212 -7.65 -5.33 34.67
N SER B 213 -8.64 -4.60 35.19
CA SER B 213 -9.48 -3.76 34.34
C SER B 213 -9.12 -2.28 34.43
N ALA B 214 -8.16 -1.93 35.29
CA ALA B 214 -7.74 -0.54 35.41
C ALA B 214 -7.29 0.02 34.07
N ARG B 215 -7.55 1.31 33.86
CA ARG B 215 -7.13 1.99 32.63
C ARG B 215 -5.62 2.22 32.72
N LEU B 216 -4.88 1.16 32.40
CA LEU B 216 -3.42 1.19 32.44
C LEU B 216 -2.89 0.27 31.35
N SER B 217 -1.60 0.39 31.08
CA SER B 217 -0.96 -0.46 30.09
C SER B 217 -0.98 -1.92 30.56
N LYS B 218 -0.94 -2.83 29.58
CA LYS B 218 -0.94 -4.26 29.87
C LYS B 218 0.18 -4.62 30.83
N SER B 219 1.41 -4.18 30.52
CA SER B 219 2.55 -4.57 31.34
C SER B 219 2.46 -4.01 32.76
N ARG B 220 1.92 -2.80 32.91
CA ARG B 220 1.76 -2.24 34.25
C ARG B 220 0.75 -3.05 35.08
N ARG B 221 -0.37 -3.44 34.47
CA ARG B 221 -1.34 -4.25 35.19
C ARG B 221 -0.76 -5.60 35.57
N LEU B 222 0.05 -6.18 34.68
CA LEU B 222 0.76 -7.42 35.01
C LEU B 222 1.66 -7.21 36.22
N GLU B 223 2.42 -6.11 36.22
CA GLU B 223 3.28 -5.79 37.36
C GLU B 223 2.47 -5.68 38.65
N ASN B 224 1.33 -4.99 38.60
CA ASN B 224 0.53 -4.80 39.81
C ASN B 224 0.00 -6.12 40.35
N LEU B 225 -0.59 -6.94 39.47
CA LEU B 225 -1.12 -8.22 39.92
C LEU B 225 -0.02 -9.09 40.51
N ILE B 226 1.14 -9.18 39.83
CA ILE B 226 2.24 -9.98 40.36
C ILE B 226 2.73 -9.40 41.69
N ALA B 227 2.66 -8.07 41.85
CA ALA B 227 3.03 -7.47 43.12
C ALA B 227 2.10 -7.90 44.24
N GLN B 228 0.86 -8.25 43.91
CA GLN B 228 -0.02 -8.81 44.95
C GLN B 228 0.22 -10.29 45.23
N LEU B 229 1.32 -10.89 44.77
CA LEU B 229 1.56 -12.32 44.96
C LEU B 229 3.01 -12.57 45.34
N PRO B 230 3.34 -12.54 46.63
CA PRO B 230 4.74 -12.73 47.04
C PRO B 230 5.23 -14.14 46.72
N GLY B 231 6.49 -14.23 46.28
CA GLY B 231 7.06 -15.48 45.86
C GLY B 231 6.79 -15.86 44.42
N GLU B 232 6.11 -14.99 43.67
CA GLU B 232 5.80 -15.22 42.26
C GLU B 232 6.35 -14.06 41.45
N LYS B 233 7.01 -14.37 40.34
CA LYS B 233 7.57 -13.35 39.48
C LYS B 233 6.86 -13.32 38.13
N LYS B 234 6.90 -12.15 37.48
CA LYS B 234 6.09 -11.92 36.28
C LYS B 234 6.48 -12.84 35.14
N ASN B 235 7.64 -13.49 35.21
CA ASN B 235 8.08 -14.40 34.16
C ASN B 235 7.95 -15.88 34.55
N GLY B 236 7.45 -16.18 35.74
CA GLY B 236 7.03 -17.52 36.07
C GLY B 236 5.77 -17.89 35.29
N LEU B 237 5.32 -19.13 35.47
CA LEU B 237 4.24 -19.67 34.64
C LEU B 237 2.94 -18.90 34.85
N PHE B 238 2.55 -18.68 36.10
CA PHE B 238 1.30 -17.95 36.36
C PHE B 238 1.38 -16.53 35.83
N GLY B 239 2.54 -15.88 36.01
CA GLY B 239 2.72 -14.55 35.46
C GLY B 239 2.61 -14.53 33.94
N ASN B 240 3.15 -15.55 33.27
CA ASN B 240 3.03 -15.62 31.82
C ASN B 240 1.58 -15.85 31.39
N LEU B 241 0.84 -16.65 32.16
CA LEU B 241 -0.58 -16.83 31.86
C LEU B 241 -1.34 -15.52 32.00
N ILE B 242 -1.04 -14.75 33.04
CA ILE B 242 -1.69 -13.45 33.20
C ILE B 242 -1.31 -12.51 32.07
N ALA B 243 -0.04 -12.54 31.64
CA ALA B 243 0.39 -11.73 30.52
C ALA B 243 -0.36 -12.11 29.25
N LEU B 244 -0.52 -13.41 29.00
CA LEU B 244 -1.30 -13.87 27.86
C LEU B 244 -2.75 -13.42 27.95
N SER B 245 -3.31 -13.39 29.17
CA SER B 245 -4.68 -12.91 29.36
C SER B 245 -4.79 -11.42 29.06
N LEU B 246 -3.78 -10.64 29.43
CA LEU B 246 -3.79 -9.20 29.19
C LEU B 246 -3.51 -8.85 27.74
N GLY B 247 -3.13 -9.80 26.91
CA GLY B 247 -2.87 -9.54 25.51
C GLY B 247 -1.41 -9.43 25.11
N LEU B 248 -0.48 -9.69 26.04
CA LEU B 248 0.94 -9.65 25.71
C LEU B 248 1.34 -10.92 24.97
N THR B 249 2.63 -11.03 24.65
CA THR B 249 3.16 -12.18 23.91
C THR B 249 4.19 -12.88 24.80
N PRO B 250 3.75 -13.64 25.80
CA PRO B 250 4.71 -14.31 26.68
C PRO B 250 5.34 -15.52 26.01
N ASN B 251 6.56 -15.80 26.41
CA ASN B 251 7.31 -16.96 25.92
C ASN B 251 7.26 -18.03 27.01
N PHE B 252 6.52 -19.11 26.75
CA PHE B 252 6.40 -20.21 27.69
C PHE B 252 7.54 -21.21 27.58
N LYS B 253 8.64 -20.83 26.92
CA LYS B 253 9.77 -21.73 26.75
C LYS B 253 10.39 -22.08 28.10
N SER B 254 10.74 -21.07 28.89
CA SER B 254 11.45 -21.31 30.13
C SER B 254 10.56 -21.96 31.19
N ASN B 255 9.25 -21.67 31.17
CA ASN B 255 8.36 -22.28 32.15
C ASN B 255 8.40 -23.79 32.06
N PHE B 256 8.40 -24.33 30.84
CA PHE B 256 8.30 -25.77 30.61
C PHE B 256 9.59 -26.38 30.12
N ASP B 257 10.69 -25.62 30.09
CA ASP B 257 12.01 -26.14 29.75
C ASP B 257 12.02 -26.72 28.34
N LEU B 258 11.63 -25.91 27.37
CA LEU B 258 11.45 -26.38 26.00
C LEU B 258 12.72 -26.27 25.15
N ALA B 259 13.61 -25.32 25.48
CA ALA B 259 14.84 -25.07 24.74
C ALA B 259 14.58 -24.60 23.30
N GLU B 260 13.31 -24.56 22.89
CA GLU B 260 12.90 -23.96 21.63
C GLU B 260 11.71 -23.05 21.92
N ASP B 261 11.72 -21.86 21.30
CA ASP B 261 10.76 -20.83 21.66
C ASP B 261 9.32 -21.30 21.48
N ALA B 262 8.43 -20.81 22.36
CA ALA B 262 7.02 -21.13 22.33
C ALA B 262 6.25 -19.87 22.76
N LYS B 263 6.29 -18.85 21.92
CA LYS B 263 5.57 -17.61 22.19
C LYS B 263 4.11 -17.76 21.83
N LEU B 264 3.25 -17.10 22.61
CA LEU B 264 1.81 -17.17 22.43
C LEU B 264 1.22 -15.76 22.45
N GLN B 265 0.43 -15.46 21.43
CA GLN B 265 -0.35 -14.22 21.36
C GLN B 265 -1.76 -14.60 20.96
N LEU B 266 -2.73 -14.28 21.81
CA LEU B 266 -4.11 -14.66 21.54
C LEU B 266 -4.68 -13.97 20.31
N SER B 267 -4.11 -12.83 19.91
CA SER B 267 -4.62 -12.09 18.76
C SER B 267 -4.19 -12.69 17.43
N LYS B 268 -2.99 -13.27 17.36
CA LYS B 268 -2.48 -13.78 16.09
C LYS B 268 -3.35 -14.92 15.56
N ASP B 269 -3.39 -15.04 14.24
CA ASP B 269 -4.20 -16.09 13.61
C ASP B 269 -3.65 -17.48 13.88
N THR B 270 -2.32 -17.60 14.01
CA THR B 270 -1.68 -18.89 14.21
C THR B 270 -1.82 -19.44 15.63
N TYR B 271 -2.41 -18.68 16.56
CA TYR B 271 -2.44 -19.08 17.95
C TYR B 271 -3.02 -20.48 18.12
N ASP B 272 -4.15 -20.75 17.46
CA ASP B 272 -4.80 -22.05 17.59
C ASP B 272 -3.83 -23.19 17.30
N ASP B 273 -2.97 -23.00 16.29
CA ASP B 273 -1.94 -24.01 16.04
C ASP B 273 -0.80 -23.87 17.03
N ASP B 274 -0.36 -22.64 17.31
CA ASP B 274 0.72 -22.41 18.27
C ASP B 274 0.44 -23.12 19.58
N LEU B 275 -0.76 -22.92 20.14
CA LEU B 275 -1.14 -23.63 21.35
C LEU B 275 -1.06 -25.14 21.15
N ASP B 276 -1.67 -25.63 20.07
CA ASP B 276 -1.59 -27.07 19.79
C ASP B 276 -0.16 -27.51 19.48
N ASN B 277 0.70 -26.58 19.08
CA ASN B 277 2.11 -26.91 18.93
C ASN B 277 2.81 -27.00 20.28
N LEU B 278 2.38 -26.18 21.25
CA LEU B 278 2.95 -26.25 22.59
C LEU B 278 2.41 -27.45 23.35
N LEU B 279 1.09 -27.63 23.35
CA LEU B 279 0.48 -28.76 24.05
C LEU B 279 1.00 -30.11 23.55
N ALA B 280 1.52 -30.15 22.32
CA ALA B 280 2.10 -31.40 21.83
C ALA B 280 3.36 -31.77 22.59
N GLN B 281 4.18 -30.77 22.96
CA GLN B 281 5.41 -31.01 23.70
C GLN B 281 5.20 -31.08 25.20
N ILE B 282 4.11 -30.51 25.72
CA ILE B 282 3.94 -30.38 27.16
C ILE B 282 2.94 -31.42 27.66
N GLY B 283 1.97 -31.75 26.83
CA GLY B 283 0.89 -32.63 27.23
C GLY B 283 -0.46 -31.90 27.25
N ASP B 284 -1.52 -32.70 27.20
CA ASP B 284 -2.88 -32.18 27.10
C ASP B 284 -3.49 -31.86 28.46
N GLN B 285 -2.80 -32.16 29.56
CA GLN B 285 -3.31 -31.79 30.87
C GLN B 285 -3.19 -30.29 31.12
N TYR B 286 -2.38 -29.59 30.32
CA TYR B 286 -2.26 -28.15 30.41
C TYR B 286 -3.23 -27.41 29.49
N ALA B 287 -4.08 -28.13 28.76
CA ALA B 287 -5.01 -27.47 27.85
C ALA B 287 -6.02 -26.62 28.60
N ASP B 288 -6.55 -27.14 29.71
CA ASP B 288 -7.55 -26.38 30.47
C ASP B 288 -6.94 -25.12 31.09
N LEU B 289 -5.65 -25.15 31.40
CA LEU B 289 -4.99 -23.96 31.95
C LEU B 289 -4.98 -22.82 30.94
N PHE B 290 -4.55 -23.10 29.71
CA PHE B 290 -4.54 -22.07 28.68
C PHE B 290 -5.96 -21.67 28.26
N LEU B 291 -6.90 -22.61 28.32
CA LEU B 291 -8.29 -22.26 28.06
C LEU B 291 -8.81 -21.27 29.11
N ALA B 292 -8.44 -21.50 30.37
CA ALA B 292 -8.80 -20.56 31.43
C ALA B 292 -8.19 -19.20 31.18
N ALA B 293 -6.93 -19.17 30.72
CA ALA B 293 -6.31 -17.90 30.35
C ALA B 293 -7.10 -17.19 29.25
N LYS B 294 -7.55 -17.93 28.24
CA LYS B 294 -8.31 -17.31 27.15
C LYS B 294 -9.64 -16.74 27.65
N ASN B 295 -10.31 -17.45 28.56
CA ASN B 295 -11.56 -16.95 29.13
C ASN B 295 -11.32 -15.66 29.91
N LEU B 296 -10.27 -15.63 30.74
CA LEU B 296 -9.93 -14.41 31.47
C LEU B 296 -9.65 -13.26 30.50
N SER B 297 -8.99 -13.56 29.37
CA SER B 297 -8.75 -12.54 28.36
C SER B 297 -10.05 -11.96 27.83
N ASP B 298 -11.03 -12.82 27.53
CA ASP B 298 -12.32 -12.33 27.06
C ASP B 298 -12.97 -11.41 28.08
N ALA B 299 -12.90 -11.79 29.37
CA ALA B 299 -13.52 -10.96 30.41
C ALA B 299 -12.83 -9.60 30.53
N ILE B 300 -11.50 -9.58 30.41
CA ILE B 300 -10.79 -8.30 30.52
C ILE B 300 -11.12 -7.41 29.33
N LEU B 301 -11.18 -8.00 28.13
CA LEU B 301 -11.60 -7.24 26.96
C LEU B 301 -12.98 -6.62 27.17
N LEU B 302 -13.92 -7.40 27.70
CA LEU B 302 -15.25 -6.86 27.97
C LEU B 302 -15.18 -5.71 28.97
N SER B 303 -14.46 -5.92 30.09
CA SER B 303 -14.35 -4.89 31.12
C SER B 303 -13.76 -3.60 30.59
N ASP B 304 -12.99 -3.67 29.49
CA ASP B 304 -12.53 -2.43 28.87
C ASP B 304 -13.70 -1.55 28.42
N ILE B 305 -14.74 -2.16 27.86
CA ILE B 305 -15.89 -1.41 27.35
C ILE B 305 -16.95 -1.21 28.42
N LEU B 306 -17.28 -2.26 29.16
CA LEU B 306 -18.29 -2.21 30.21
C LEU B 306 -17.61 -1.80 31.51
N ARG B 307 -17.73 -0.52 31.86
CA ARG B 307 -17.10 0.04 33.05
C ARG B 307 -18.00 0.01 34.29
N VAL B 308 -19.09 -0.75 34.24
CA VAL B 308 -20.11 -0.70 35.29
C VAL B 308 -20.42 -2.12 35.74
N ASN B 309 -20.97 -2.24 36.94
CA ASN B 309 -21.38 -3.54 37.46
C ASN B 309 -22.57 -4.06 36.66
N THR B 310 -22.47 -5.30 36.20
CA THR B 310 -23.49 -5.91 35.34
C THR B 310 -24.56 -6.67 36.12
N GLU B 311 -24.72 -6.35 37.41
CA GLU B 311 -25.74 -6.99 38.23
C GLU B 311 -26.83 -6.02 38.68
N ILE B 312 -26.69 -4.73 38.37
CA ILE B 312 -27.73 -3.75 38.64
C ILE B 312 -28.53 -3.40 37.39
N THR B 313 -28.10 -3.88 36.21
CA THR B 313 -28.74 -3.52 34.96
C THR B 313 -28.34 -4.52 33.88
N LYS B 314 -29.26 -4.77 32.96
CA LYS B 314 -28.97 -5.50 31.74
C LYS B 314 -28.57 -4.57 30.59
N ALA B 315 -28.19 -3.33 30.91
CA ALA B 315 -27.69 -2.38 29.93
C ALA B 315 -26.35 -1.81 30.40
N PRO B 316 -25.33 -2.66 30.59
CA PRO B 316 -24.05 -2.13 31.06
C PRO B 316 -23.38 -1.15 30.11
N LEU B 317 -23.60 -1.26 28.80
CA LEU B 317 -23.02 -0.29 27.88
C LEU B 317 -23.68 1.09 28.05
N SER B 318 -25.01 1.14 28.00
CA SER B 318 -25.71 2.39 28.25
C SER B 318 -25.40 2.93 29.64
N ALA B 319 -25.26 2.02 30.62
CA ALA B 319 -24.90 2.45 31.96
C ALA B 319 -23.51 3.09 31.97
N SER B 320 -22.58 2.58 31.15
CA SER B 320 -21.25 3.16 31.09
C SER B 320 -21.26 4.52 30.40
N MET B 321 -22.06 4.66 29.35
CA MET B 321 -22.22 5.99 28.75
C MET B 321 -22.81 6.97 29.74
N ILE B 322 -23.81 6.52 30.53
CA ILE B 322 -24.41 7.38 31.55
C ILE B 322 -23.40 7.73 32.63
N LYS B 323 -22.50 6.80 32.96
CA LYS B 323 -21.43 7.10 33.91
C LYS B 323 -20.50 8.17 33.35
N ARG B 324 -20.14 8.06 32.06
CA ARG B 324 -19.44 9.15 31.39
C ARG B 324 -20.17 10.48 31.56
N TYR B 325 -21.48 10.47 31.32
CA TYR B 325 -22.26 11.70 31.41
C TYR B 325 -22.25 12.28 32.83
N ASP B 326 -22.40 11.42 33.84
CA ASP B 326 -22.47 11.90 35.21
C ASP B 326 -21.12 12.43 35.68
N GLU B 327 -20.03 11.73 35.35
CA GLU B 327 -18.71 12.25 35.70
C GLU B 327 -18.43 13.55 34.96
N HIS B 328 -18.82 13.63 33.69
CA HIS B 328 -18.71 14.89 32.94
C HIS B 328 -19.43 16.01 33.67
N HIS B 329 -20.66 15.77 34.10
CA HIS B 329 -21.44 16.80 34.79
C HIS B 329 -20.77 17.24 36.09
N GLN B 330 -20.43 16.28 36.94
CA GLN B 330 -19.82 16.62 38.23
C GLN B 330 -18.51 17.35 38.05
N ASP B 331 -17.65 16.86 37.16
CA ASP B 331 -16.35 17.48 36.96
C ASP B 331 -16.47 18.84 36.29
N LEU B 332 -17.49 19.04 35.45
CA LEU B 332 -17.69 20.36 34.85
C LEU B 332 -18.16 21.36 35.89
N THR B 333 -19.08 20.95 36.76
CA THR B 333 -19.49 21.81 37.87
C THR B 333 -18.29 22.22 38.71
N LEU B 334 -17.47 21.22 39.07
CA LEU B 334 -16.28 21.49 39.88
C LEU B 334 -15.31 22.43 39.15
N LEU B 335 -15.08 22.18 37.86
CA LEU B 335 -14.13 23.00 37.11
C LEU B 335 -14.61 24.44 37.00
N LYS B 336 -15.90 24.63 36.70
CA LYS B 336 -16.45 25.99 36.66
C LYS B 336 -16.27 26.70 38.00
N ALA B 337 -16.59 26.00 39.10
CA ALA B 337 -16.44 26.62 40.42
C ALA B 337 -15.00 27.00 40.70
N LEU B 338 -14.07 26.08 40.44
CA LEU B 338 -12.66 26.32 40.72
C LEU B 338 -12.11 27.47 39.88
N VAL B 339 -12.50 27.54 38.61
CA VAL B 339 -12.03 28.62 37.74
C VAL B 339 -12.63 29.95 38.19
N ARG B 340 -13.91 29.97 38.54
CA ARG B 340 -14.53 31.20 39.03
C ARG B 340 -13.83 31.70 40.30
N GLN B 341 -13.44 30.78 41.19
CA GLN B 341 -12.83 31.19 42.45
C GLN B 341 -11.38 31.62 42.28
N GLN B 342 -10.59 30.87 41.51
CA GLN B 342 -9.14 31.08 41.48
C GLN B 342 -8.66 31.87 40.27
N LEU B 343 -9.27 31.68 39.10
CA LEU B 343 -8.85 32.35 37.87
C LEU B 343 -10.08 32.93 37.19
N PRO B 344 -10.71 33.94 37.79
CA PRO B 344 -11.96 34.47 37.22
C PRO B 344 -11.78 35.12 35.86
N GLU B 345 -10.57 35.61 35.56
CA GLU B 345 -10.34 36.28 34.28
C GLU B 345 -10.24 35.31 33.11
N LYS B 346 -10.00 34.03 33.37
CA LYS B 346 -9.92 33.03 32.30
C LYS B 346 -11.25 32.34 32.03
N TYR B 347 -12.28 32.63 32.81
CA TYR B 347 -13.56 31.93 32.67
C TYR B 347 -14.17 32.17 31.30
N LYS B 348 -14.18 33.43 30.85
CA LYS B 348 -14.80 33.75 29.56
C LYS B 348 -14.10 33.02 28.42
N GLU B 349 -12.76 32.96 28.46
CA GLU B 349 -12.03 32.25 27.42
C GLU B 349 -12.29 30.75 27.48
N ILE B 350 -12.33 30.18 28.69
CA ILE B 350 -12.45 28.73 28.81
C ILE B 350 -13.85 28.26 28.41
N PHE B 351 -14.88 29.05 28.73
CA PHE B 351 -16.25 28.57 28.58
C PHE B 351 -17.09 29.34 27.57
N PHE B 352 -16.51 30.30 26.84
CA PHE B 352 -17.31 31.06 25.88
C PHE B 352 -16.66 31.13 24.50
N ASP B 353 -15.33 31.12 24.45
CA ASP B 353 -14.58 31.38 23.21
C ASP B 353 -14.43 30.07 22.44
N GLN B 354 -15.25 29.90 21.40
CA GLN B 354 -15.16 28.71 20.56
C GLN B 354 -13.87 28.65 19.76
N SER B 355 -13.20 29.79 19.54
CA SER B 355 -11.95 29.81 18.79
C SER B 355 -10.79 29.24 19.59
N LYS B 356 -10.91 29.21 20.91
CA LYS B 356 -9.89 28.60 21.75
C LYS B 356 -10.22 27.15 22.03
N ASN B 357 -9.22 26.41 22.50
CA ASN B 357 -9.37 24.98 22.73
C ASN B 357 -9.81 24.65 24.16
N GLY B 358 -10.52 25.57 24.82
CA GLY B 358 -11.12 25.30 26.10
C GLY B 358 -12.40 24.50 25.95
N TYR B 359 -13.24 24.59 26.98
CA TYR B 359 -14.51 23.85 26.96
C TYR B 359 -15.43 24.33 25.84
N ALA B 360 -15.41 25.62 25.52
CA ALA B 360 -16.28 26.12 24.45
C ALA B 360 -15.84 25.60 23.09
N GLY B 361 -14.54 25.62 22.81
CA GLY B 361 -14.08 25.01 21.58
C GLY B 361 -14.26 23.51 21.56
N TYR B 362 -14.22 22.88 22.74
CA TYR B 362 -14.40 21.43 22.83
C TYR B 362 -15.84 21.04 22.51
N ILE B 363 -16.81 21.83 22.97
CA ILE B 363 -18.22 21.50 22.76
C ILE B 363 -18.75 22.12 21.48
N ASP B 364 -18.46 23.40 21.25
CA ASP B 364 -19.04 24.12 20.12
C ASP B 364 -18.06 24.35 18.97
N GLY B 365 -16.77 24.45 19.25
CA GLY B 365 -15.76 24.65 18.22
C GLY B 365 -15.28 23.35 17.61
N GLY B 366 -14.07 23.41 17.06
CA GLY B 366 -13.52 22.24 16.40
C GLY B 366 -12.41 21.53 17.16
N ALA B 367 -12.41 21.66 18.49
CA ALA B 367 -11.36 21.08 19.31
C ALA B 367 -11.68 19.64 19.62
N SER B 368 -10.74 18.74 19.31
CA SER B 368 -10.89 17.35 19.67
C SER B 368 -10.68 17.16 21.17
N GLN B 369 -10.97 15.96 21.65
CA GLN B 369 -10.72 15.63 23.05
C GLN B 369 -9.24 15.81 23.38
N GLU B 370 -8.35 15.37 22.48
CA GLU B 370 -6.92 15.47 22.71
C GLU B 370 -6.47 16.93 22.75
N GLU B 371 -6.95 17.75 21.81
CA GLU B 371 -6.60 19.16 21.81
C GLU B 371 -7.11 19.86 23.07
N PHE B 372 -8.33 19.52 23.49
CA PHE B 372 -8.87 20.12 24.72
C PHE B 372 -8.03 19.73 25.94
N TYR B 373 -7.64 18.45 26.02
CA TYR B 373 -6.77 18.03 27.11
C TYR B 373 -5.46 18.81 27.10
N LYS B 374 -4.83 18.92 25.94
CA LYS B 374 -3.54 19.62 25.86
C LYS B 374 -3.70 21.09 26.25
N PHE B 375 -4.82 21.70 25.87
CA PHE B 375 -5.07 23.09 26.24
C PHE B 375 -5.24 23.24 27.75
N ILE B 376 -6.07 22.39 28.35
CA ILE B 376 -6.50 22.62 29.73
C ILE B 376 -5.59 21.99 30.78
N LYS B 377 -4.64 21.14 30.37
CA LYS B 377 -3.75 20.52 31.34
C LYS B 377 -2.99 21.53 32.20
N PRO B 378 -2.28 22.53 31.63
CA PRO B 378 -1.58 23.48 32.50
C PRO B 378 -2.52 24.29 33.39
N ILE B 379 -3.73 24.58 32.92
CA ILE B 379 -4.70 25.30 33.74
C ILE B 379 -5.08 24.48 34.96
N LEU B 380 -5.19 23.16 34.80
CA LEU B 380 -5.44 22.30 35.95
C LEU B 380 -4.22 22.22 36.85
N GLU B 381 -3.02 22.24 36.26
CA GLU B 381 -1.80 22.11 37.05
C GLU B 381 -1.54 23.37 37.87
N LYS B 382 -2.00 24.53 37.39
CA LYS B 382 -1.75 25.79 38.10
C LYS B 382 -2.74 26.04 39.23
N MET B 383 -3.87 25.34 39.25
CA MET B 383 -4.87 25.54 40.29
C MET B 383 -4.77 24.45 41.37
N ASP B 384 -5.45 24.70 42.48
CA ASP B 384 -5.48 23.77 43.60
C ASP B 384 -6.86 23.13 43.70
N GLY B 385 -6.88 21.84 44.04
CA GLY B 385 -8.10 21.07 44.06
C GLY B 385 -8.39 20.29 42.80
N THR B 386 -7.42 20.17 41.89
CA THR B 386 -7.61 19.56 40.59
C THR B 386 -6.86 18.24 40.44
N GLU B 387 -6.59 17.57 41.57
CA GLU B 387 -5.75 16.37 41.52
C GLU B 387 -6.47 15.22 40.82
N GLU B 388 -7.71 14.94 41.22
CA GLU B 388 -8.47 13.87 40.57
C GLU B 388 -8.78 14.20 39.12
N LEU B 389 -9.06 15.48 38.82
CA LEU B 389 -9.26 15.88 37.44
C LEU B 389 -8.02 15.63 36.61
N LEU B 390 -6.83 15.86 37.18
CA LEU B 390 -5.59 15.60 36.46
C LEU B 390 -5.36 14.10 36.26
N VAL B 391 -5.68 13.29 37.28
CA VAL B 391 -5.61 11.85 37.11
C VAL B 391 -6.51 11.39 35.96
N LYS B 392 -7.75 11.89 35.94
CA LYS B 392 -8.66 11.53 34.87
C LYS B 392 -8.14 11.97 33.51
N LEU B 393 -7.53 13.16 33.45
CA LEU B 393 -6.98 13.62 32.18
C LEU B 393 -5.86 12.71 31.69
N ASN B 394 -4.99 12.27 32.59
CA ASN B 394 -3.92 11.37 32.18
C ASN B 394 -4.43 9.96 31.90
N ARG B 395 -5.56 9.57 32.47
CA ARG B 395 -6.25 8.35 32.08
C ARG B 395 -7.06 8.53 30.80
N GLU B 396 -7.08 9.72 30.22
CA GLU B 396 -7.91 10.03 29.06
C GLU B 396 -9.37 9.76 29.36
N ASP B 397 -9.82 10.20 30.54
CA ASP B 397 -11.13 9.87 31.06
C ASP B 397 -11.76 11.06 31.77
N LEU B 398 -11.51 12.26 31.25
CA LEU B 398 -12.01 13.51 31.84
C LEU B 398 -13.00 14.17 30.90
N LEU B 399 -14.18 14.52 31.43
CA LEU B 399 -15.17 15.34 30.72
C LEU B 399 -15.52 14.75 29.35
N ARG B 400 -15.71 13.44 29.32
CA ARG B 400 -15.85 12.72 28.06
C ARG B 400 -17.24 12.87 27.48
N LYS B 401 -17.31 12.87 26.15
CA LYS B 401 -18.56 12.71 25.45
C LYS B 401 -18.88 11.23 25.35
N GLN B 402 -20.03 10.88 24.77
CA GLN B 402 -20.42 9.49 24.64
C GLN B 402 -20.23 8.95 23.23
N ARG B 403 -20.32 9.82 22.22
CA ARG B 403 -19.98 9.46 20.86
C ARG B 403 -18.54 9.89 20.61
N THR B 404 -17.64 8.91 20.56
CA THR B 404 -16.21 9.18 20.61
C THR B 404 -15.46 8.24 19.67
N PHE B 405 -14.22 8.65 19.36
CA PHE B 405 -13.37 7.94 18.41
C PHE B 405 -13.03 6.52 18.84
N ASP B 406 -13.20 6.18 20.12
CA ASP B 406 -12.81 4.86 20.60
C ASP B 406 -13.97 3.87 20.66
N ASN B 407 -15.19 4.33 20.42
CA ASN B 407 -16.33 3.42 20.42
C ASN B 407 -16.24 2.35 19.34
N GLY B 408 -15.26 2.43 18.46
CA GLY B 408 -15.00 1.32 17.55
C GLY B 408 -14.65 0.02 18.25
N SER B 409 -14.37 0.07 19.56
CA SER B 409 -14.11 -1.15 20.33
C SER B 409 -15.38 -1.93 20.66
N ILE B 410 -16.56 -1.32 20.51
CA ILE B 410 -17.83 -1.92 20.94
C ILE B 410 -18.27 -3.01 19.98
N PRO B 411 -18.44 -4.25 20.44
CA PRO B 411 -18.98 -5.30 19.58
C PRO B 411 -20.47 -5.15 19.38
N HIS B 412 -20.96 -5.68 18.25
CA HIS B 412 -22.39 -5.60 17.97
C HIS B 412 -23.21 -6.49 18.90
N GLN B 413 -22.57 -7.48 19.54
CA GLN B 413 -23.33 -8.34 20.46
C GLN B 413 -23.81 -7.56 21.67
N ILE B 414 -23.08 -6.52 22.07
CA ILE B 414 -23.51 -5.67 23.17
C ILE B 414 -24.80 -4.93 22.81
N HIS B 415 -24.77 -4.20 21.68
CA HIS B 415 -25.97 -3.51 21.21
C HIS B 415 -27.11 -4.50 21.02
N LEU B 416 -26.82 -5.70 20.51
CA LEU B 416 -27.84 -6.73 20.36
C LEU B 416 -28.44 -7.10 21.71
N GLY B 417 -27.62 -7.20 22.75
CA GLY B 417 -28.15 -7.50 24.06
C GLY B 417 -29.17 -6.46 24.53
N GLU B 418 -28.80 -5.18 24.41
CA GLU B 418 -29.74 -4.13 24.82
C GLU B 418 -31.01 -4.15 23.96
N LEU B 419 -30.85 -4.36 22.65
CA LEU B 419 -32.02 -4.37 21.75
C LEU B 419 -32.96 -5.52 22.10
N HIS B 420 -32.41 -6.72 22.28
CA HIS B 420 -33.21 -7.87 22.65
C HIS B 420 -33.92 -7.64 23.98
N ALA B 421 -33.24 -7.03 24.95
CA ALA B 421 -33.87 -6.75 26.23
C ALA B 421 -35.08 -5.81 26.07
N ILE B 422 -34.92 -4.75 25.26
CA ILE B 422 -36.03 -3.83 25.03
C ILE B 422 -37.20 -4.56 24.38
N LEU B 423 -36.91 -5.35 23.35
CA LEU B 423 -37.96 -6.11 22.67
C LEU B 423 -38.69 -7.03 23.64
N ARG B 424 -37.95 -7.67 24.55
CA ARG B 424 -38.58 -8.56 25.52
C ARG B 424 -39.45 -7.78 26.51
N ARG B 425 -39.01 -6.59 26.90
CA ARG B 425 -39.83 -5.78 27.80
C ARG B 425 -41.14 -5.37 27.13
N GLN B 426 -41.07 -4.85 25.91
CA GLN B 426 -42.23 -4.17 25.33
C GLN B 426 -43.09 -5.07 24.46
N GLU B 427 -42.65 -6.28 24.12
CA GLU B 427 -43.53 -7.18 23.39
C GLU B 427 -44.72 -7.63 24.23
N ASP B 428 -44.62 -7.51 25.57
CA ASP B 428 -45.74 -7.81 26.44
C ASP B 428 -46.90 -6.83 26.26
N PHE B 429 -46.68 -5.70 25.58
CA PHE B 429 -47.73 -4.72 25.34
C PHE B 429 -48.04 -4.49 23.87
N TYR B 430 -47.08 -4.73 22.98
CA TYR B 430 -47.29 -4.52 21.54
C TYR B 430 -47.12 -5.86 20.82
N PRO B 431 -48.20 -6.47 20.33
CA PRO B 431 -48.07 -7.79 19.71
C PRO B 431 -47.21 -7.80 18.45
N PHE B 432 -47.17 -6.69 17.70
CA PHE B 432 -46.35 -6.65 16.51
C PHE B 432 -44.86 -6.68 16.84
N LEU B 433 -44.49 -6.32 18.07
CA LEU B 433 -43.10 -6.48 18.48
C LEU B 433 -42.77 -7.93 18.82
N LYS B 434 -43.74 -8.66 19.37
CA LYS B 434 -43.54 -10.09 19.58
C LYS B 434 -43.43 -10.83 18.26
N ASP B 435 -44.28 -10.48 17.28
CA ASP B 435 -44.23 -11.17 15.99
C ASP B 435 -42.96 -10.86 15.22
N ASN B 436 -42.45 -9.63 15.33
CA ASN B 436 -41.32 -9.19 14.52
C ASN B 436 -40.01 -9.08 15.31
N ARG B 437 -39.94 -9.65 16.52
CA ARG B 437 -38.74 -9.50 17.34
C ARG B 437 -37.52 -10.06 16.62
N GLU B 438 -37.63 -11.27 16.08
CA GLU B 438 -36.50 -11.88 15.40
C GLU B 438 -36.16 -11.13 14.11
N LYS B 439 -37.18 -10.62 13.41
CA LYS B 439 -36.92 -9.76 12.25
C LYS B 439 -36.03 -8.58 12.62
N ILE B 440 -36.35 -7.91 13.73
CA ILE B 440 -35.60 -6.72 14.13
C ILE B 440 -34.19 -7.09 14.56
N GLU B 441 -34.07 -8.16 15.36
CA GLU B 441 -32.75 -8.68 15.71
C GLU B 441 -31.95 -8.99 14.45
N LYS B 442 -32.59 -9.57 13.43
CA LYS B 442 -31.90 -9.91 12.19
C LYS B 442 -31.45 -8.66 11.45
N ILE B 443 -32.27 -7.61 11.46
CA ILE B 443 -31.83 -6.35 10.88
C ILE B 443 -30.54 -5.89 11.53
N LEU B 444 -30.44 -6.02 12.86
CA LEU B 444 -29.18 -5.62 13.51
C LEU B 444 -28.04 -6.56 13.13
N THR B 445 -28.27 -7.89 13.22
CA THR B 445 -27.15 -8.84 13.12
C THR B 445 -26.77 -9.17 11.69
N PHE B 446 -27.71 -9.15 10.74
CA PHE B 446 -27.39 -9.60 9.40
C PHE B 446 -26.34 -8.73 8.74
N ARG B 447 -25.42 -9.40 8.04
CA ARG B 447 -24.24 -8.78 7.45
C ARG B 447 -23.99 -9.47 6.12
N ILE B 448 -23.90 -8.70 5.04
CA ILE B 448 -23.55 -9.29 3.75
C ILE B 448 -22.12 -9.80 3.85
N PRO B 449 -21.87 -11.09 3.61
CA PRO B 449 -20.51 -11.61 3.72
C PRO B 449 -19.61 -11.03 2.64
N TYR B 450 -18.32 -10.88 2.98
CA TYR B 450 -17.37 -10.36 2.02
C TYR B 450 -17.15 -11.29 0.83
N TYR B 451 -17.48 -12.58 0.98
CA TYR B 451 -17.37 -13.54 -0.11
C TYR B 451 -18.66 -13.67 -0.92
N VAL B 452 -19.66 -12.82 -0.67
CA VAL B 452 -20.88 -12.81 -1.48
C VAL B 452 -20.90 -11.60 -2.43
N GLY B 453 -20.54 -10.41 -1.94
CA GLY B 453 -20.41 -9.26 -2.79
C GLY B 453 -21.72 -8.52 -3.00
N PRO B 454 -21.73 -7.56 -3.92
CA PRO B 454 -22.96 -6.78 -4.17
C PRO B 454 -24.10 -7.68 -4.61
N LEU B 455 -25.28 -7.38 -4.08
CA LEU B 455 -26.48 -8.18 -4.37
C LEU B 455 -27.13 -7.67 -5.65
N ALA B 456 -26.40 -7.85 -6.75
CA ALA B 456 -26.74 -7.20 -8.01
C ALA B 456 -27.68 -8.07 -8.85
N ARG B 457 -28.09 -7.51 -9.98
CA ARG B 457 -28.97 -8.20 -10.92
C ARG B 457 -28.57 -7.84 -12.35
N GLY B 458 -27.29 -8.04 -12.67
CA GLY B 458 -26.80 -7.94 -14.03
C GLY B 458 -26.29 -6.59 -14.46
N ASN B 459 -26.22 -5.60 -13.56
CA ASN B 459 -25.78 -4.27 -13.94
C ASN B 459 -24.59 -3.80 -13.11
N SER B 460 -23.84 -4.73 -12.53
CA SER B 460 -22.64 -4.39 -11.75
C SER B 460 -21.45 -5.16 -12.31
N ARG B 461 -20.44 -4.43 -12.77
CA ARG B 461 -19.22 -5.11 -13.21
C ARG B 461 -18.43 -5.69 -12.04
N PHE B 462 -18.88 -5.50 -10.80
CA PHE B 462 -18.18 -5.96 -9.61
C PHE B 462 -18.76 -7.23 -9.01
N ALA B 463 -20.00 -7.57 -9.34
CA ALA B 463 -20.73 -8.61 -8.61
C ALA B 463 -20.47 -9.99 -9.19
N TRP B 464 -20.67 -10.99 -8.33
CA TRP B 464 -20.56 -12.39 -8.71
C TRP B 464 -21.61 -13.25 -8.04
N MET B 465 -22.43 -12.70 -7.15
CA MET B 465 -23.44 -13.47 -6.45
C MET B 465 -24.47 -14.05 -7.41
N THR B 466 -24.82 -15.33 -7.20
CA THR B 466 -25.92 -15.95 -7.91
C THR B 466 -27.06 -16.23 -6.94
N ARG B 467 -28.27 -16.26 -7.48
CA ARG B 467 -29.47 -16.41 -6.67
C ARG B 467 -30.07 -17.80 -6.88
N LYS B 468 -30.70 -18.33 -5.83
CA LYS B 468 -31.48 -19.55 -5.95
C LYS B 468 -32.88 -19.30 -6.50
N SER B 469 -33.40 -18.07 -6.33
CA SER B 469 -34.71 -17.71 -6.84
C SER B 469 -34.75 -16.20 -7.06
N GLU B 470 -35.32 -15.80 -8.20
CA GLU B 470 -35.35 -14.39 -8.59
C GLU B 470 -36.41 -13.67 -7.77
N GLU B 471 -35.98 -12.98 -6.72
CA GLU B 471 -36.85 -12.15 -5.90
C GLU B 471 -35.98 -11.26 -5.04
N THR B 472 -36.59 -10.22 -4.50
CA THR B 472 -35.84 -9.21 -3.75
C THR B 472 -35.22 -9.82 -2.50
N ILE B 473 -33.95 -9.49 -2.26
CA ILE B 473 -33.22 -10.04 -1.13
C ILE B 473 -33.37 -9.10 0.06
N THR B 474 -33.72 -9.67 1.20
CA THR B 474 -33.89 -8.97 2.47
C THR B 474 -33.00 -9.66 3.49
N PRO B 475 -32.78 -9.05 4.65
CA PRO B 475 -31.98 -9.75 5.67
C PRO B 475 -32.60 -11.05 6.14
N TRP B 476 -33.90 -11.21 5.98
CA TRP B 476 -34.63 -12.35 6.54
C TRP B 476 -34.75 -13.52 5.58
N ASN B 477 -34.64 -13.28 4.27
CA ASN B 477 -34.73 -14.34 3.27
C ASN B 477 -33.40 -14.59 2.58
N PHE B 478 -32.31 -13.98 3.08
CA PHE B 478 -31.02 -14.05 2.40
C PHE B 478 -30.56 -15.49 2.22
N GLU B 479 -30.66 -16.29 3.28
CA GLU B 479 -30.19 -17.68 3.19
C GLU B 479 -30.99 -18.48 2.17
N GLU B 480 -32.22 -18.07 1.89
CA GLU B 480 -33.07 -18.82 0.98
C GLU B 480 -32.95 -18.35 -0.46
N VAL B 481 -32.63 -17.08 -0.67
CA VAL B 481 -32.61 -16.50 -2.00
C VAL B 481 -31.21 -16.48 -2.60
N VAL B 482 -30.21 -16.14 -1.79
CA VAL B 482 -28.83 -16.15 -2.27
C VAL B 482 -28.32 -17.58 -2.24
N ASP B 483 -27.69 -18.00 -3.34
CA ASP B 483 -26.96 -19.27 -3.35
C ASP B 483 -25.60 -19.02 -2.70
N LYS B 484 -25.55 -19.18 -1.38
CA LYS B 484 -24.34 -18.85 -0.64
C LYS B 484 -23.16 -19.72 -1.07
N GLY B 485 -23.40 -21.00 -1.30
CA GLY B 485 -22.31 -21.89 -1.67
C GLY B 485 -21.72 -21.54 -3.03
N ALA B 486 -22.58 -21.41 -4.04
CA ALA B 486 -22.11 -21.04 -5.37
C ALA B 486 -21.44 -19.68 -5.36
N SER B 487 -21.94 -18.75 -4.55
CA SER B 487 -21.36 -17.41 -4.51
C SER B 487 -19.98 -17.41 -3.85
N ALA B 488 -19.86 -18.08 -2.70
CA ALA B 488 -18.57 -18.19 -2.05
C ALA B 488 -17.57 -18.93 -2.91
N GLN B 489 -18.03 -19.89 -3.70
CA GLN B 489 -17.13 -20.60 -4.61
C GLN B 489 -16.69 -19.70 -5.75
N SER B 490 -17.63 -18.93 -6.33
CA SER B 490 -17.28 -18.01 -7.41
C SER B 490 -16.30 -16.94 -6.93
N PHE B 491 -16.51 -16.45 -5.71
CA PHE B 491 -15.59 -15.47 -5.13
C PHE B 491 -14.14 -15.91 -5.28
N ILE B 492 -13.84 -17.15 -4.89
CA ILE B 492 -12.47 -17.63 -4.99
C ILE B 492 -12.10 -17.95 -6.43
N GLU B 493 -12.99 -18.61 -7.17
CA GLU B 493 -12.61 -19.14 -8.48
C GLU B 493 -12.51 -18.07 -9.57
N ARG B 494 -13.09 -16.88 -9.37
CA ARG B 494 -12.81 -15.77 -10.28
C ARG B 494 -11.36 -15.33 -10.19
N MET B 495 -10.67 -15.65 -9.10
CA MET B 495 -9.36 -15.11 -8.83
C MET B 495 -8.23 -16.12 -8.89
N THR B 496 -8.52 -17.42 -8.76
CA THR B 496 -7.45 -18.40 -8.68
C THR B 496 -6.93 -18.76 -10.07
N ASN B 497 -5.64 -19.09 -10.11
CA ASN B 497 -5.00 -19.46 -11.37
C ASN B 497 -5.56 -20.77 -11.91
N PHE B 498 -5.47 -20.93 -13.22
CA PHE B 498 -5.54 -22.24 -13.85
C PHE B 498 -4.14 -22.79 -14.03
N ASP B 499 -4.06 -24.11 -14.20
CA ASP B 499 -2.79 -24.75 -14.48
C ASP B 499 -2.28 -24.31 -15.86
N LYS B 500 -1.10 -23.71 -15.90
CA LYS B 500 -0.55 -23.26 -17.18
C LYS B 500 -0.33 -24.43 -18.14
N ASN B 501 -0.03 -25.61 -17.61
CA ASN B 501 0.21 -26.78 -18.47
C ASN B 501 -1.10 -27.36 -18.99
N LEU B 502 -2.17 -27.30 -18.19
CA LEU B 502 -3.51 -27.74 -18.61
C LEU B 502 -4.46 -26.58 -18.35
N PRO B 503 -4.59 -25.66 -19.30
CA PRO B 503 -5.25 -24.36 -19.00
C PRO B 503 -6.72 -24.45 -18.63
N ASN B 504 -7.38 -25.58 -18.86
CA ASN B 504 -8.77 -25.75 -18.44
C ASN B 504 -8.90 -26.42 -17.09
N GLU B 505 -7.78 -26.69 -16.42
CA GLU B 505 -7.80 -27.37 -15.14
C GLU B 505 -7.54 -26.36 -14.02
N LYS B 506 -8.42 -26.35 -13.02
CA LYS B 506 -8.20 -25.53 -11.86
C LYS B 506 -7.02 -26.06 -11.05
N VAL B 507 -6.40 -25.17 -10.30
CA VAL B 507 -5.23 -25.52 -9.50
C VAL B 507 -5.67 -26.21 -8.21
N LEU B 508 -4.84 -27.13 -7.72
CA LEU B 508 -5.12 -27.78 -6.44
C LEU B 508 -4.97 -26.80 -5.29
N PRO B 509 -5.72 -27.02 -4.19
CA PRO B 509 -5.41 -26.31 -2.95
C PRO B 509 -3.95 -26.49 -2.57
N LYS B 510 -3.38 -25.44 -1.97
CA LYS B 510 -1.97 -25.49 -1.60
C LYS B 510 -1.70 -26.58 -0.57
N HIS B 511 -2.65 -26.82 0.33
CA HIS B 511 -2.49 -27.79 1.41
C HIS B 511 -3.13 -29.15 1.07
N SER B 512 -3.33 -29.44 -0.20
CA SER B 512 -3.87 -30.74 -0.59
C SER B 512 -2.87 -31.86 -0.28
N LEU B 513 -3.40 -33.03 0.10
CA LEU B 513 -2.53 -34.17 0.37
C LEU B 513 -1.78 -34.60 -0.89
N LEU B 514 -2.47 -34.64 -2.03
CA LEU B 514 -1.82 -35.00 -3.29
C LEU B 514 -0.74 -34.01 -3.67
N TYR B 515 -0.99 -32.71 -3.50
CA TYR B 515 0.01 -31.71 -3.85
C TYR B 515 1.25 -31.84 -2.98
N GLU B 516 1.08 -32.13 -1.69
CA GLU B 516 2.23 -32.27 -0.81
C GLU B 516 2.99 -33.57 -1.08
N TYR B 517 2.27 -34.65 -1.41
CA TYR B 517 2.93 -35.87 -1.89
C TYR B 517 3.77 -35.57 -3.12
N PHE B 518 3.21 -34.80 -4.06
CA PHE B 518 3.93 -34.43 -5.27
C PHE B 518 5.20 -33.67 -4.93
N THR B 519 5.09 -32.64 -4.07
CA THR B 519 6.28 -31.86 -3.74
C THR B 519 7.34 -32.73 -3.06
N VAL B 520 6.92 -33.63 -2.17
CA VAL B 520 7.86 -34.46 -1.42
C VAL B 520 8.59 -35.42 -2.36
N TYR B 521 7.85 -36.09 -3.24
CA TYR B 521 8.51 -37.04 -4.14
C TYR B 521 9.36 -36.32 -5.19
N ASN B 522 8.89 -35.17 -5.67
CA ASN B 522 9.68 -34.42 -6.64
C ASN B 522 11.01 -33.99 -6.05
N GLU B 523 11.04 -33.67 -4.76
CA GLU B 523 12.32 -33.35 -4.14
C GLU B 523 13.13 -34.61 -3.84
N LEU B 524 12.47 -35.70 -3.46
CA LEU B 524 13.15 -36.90 -3.02
C LEU B 524 13.79 -37.70 -4.17
N THR B 525 13.27 -37.60 -5.39
CA THR B 525 13.87 -38.34 -6.50
C THR B 525 15.23 -37.83 -6.91
N LYS B 526 15.62 -36.64 -6.49
CA LYS B 526 16.93 -36.13 -6.87
C LYS B 526 17.94 -36.22 -5.74
N VAL B 527 17.53 -36.68 -4.57
CA VAL B 527 18.50 -37.06 -3.55
C VAL B 527 19.40 -38.15 -4.12
N LYS B 528 20.70 -38.04 -3.84
CA LYS B 528 21.66 -39.10 -4.12
C LYS B 528 22.44 -39.42 -2.85
N TYR B 529 22.89 -40.65 -2.74
CA TYR B 529 23.68 -41.05 -1.59
C TYR B 529 24.87 -41.87 -2.04
N VAL B 530 25.94 -41.83 -1.27
CA VAL B 530 27.10 -42.65 -1.54
C VAL B 530 27.73 -43.08 -0.21
N THR B 531 28.22 -44.32 -0.19
CA THR B 531 28.95 -44.85 0.94
C THR B 531 30.37 -45.27 0.53
N GLU B 532 30.96 -46.18 1.28
CA GLU B 532 32.35 -46.57 1.01
C GLU B 532 32.45 -47.51 -0.20
N GLY B 533 31.72 -48.61 -0.18
CA GLY B 533 31.84 -49.61 -1.21
C GLY B 533 31.14 -49.28 -2.52
N MET B 534 30.65 -48.06 -2.63
CA MET B 534 29.96 -47.62 -3.84
C MET B 534 30.93 -46.89 -4.75
N ARG B 535 30.81 -47.15 -6.05
CA ARG B 535 31.67 -46.51 -7.04
C ARG B 535 31.27 -45.06 -7.27
N LYS B 536 29.98 -44.79 -7.37
CA LYS B 536 29.45 -43.45 -7.59
C LYS B 536 28.18 -43.30 -6.75
N PRO B 537 27.74 -42.06 -6.51
CA PRO B 537 26.43 -41.87 -5.86
C PRO B 537 25.32 -42.56 -6.65
N ALA B 538 24.29 -42.98 -5.93
CA ALA B 538 23.13 -43.61 -6.53
C ALA B 538 21.87 -42.86 -6.14
N PHE B 539 20.92 -42.78 -7.06
CA PHE B 539 19.58 -42.33 -6.75
C PHE B 539 18.93 -43.27 -5.74
N LEU B 540 17.89 -42.77 -5.08
CA LEU B 540 17.03 -43.62 -4.28
C LEU B 540 16.06 -44.37 -5.18
N SER B 541 15.88 -45.66 -4.91
CA SER B 541 14.94 -46.47 -5.65
C SER B 541 13.52 -46.21 -5.17
N GLY B 542 12.54 -46.77 -5.91
CA GLY B 542 11.16 -46.64 -5.49
C GLY B 542 10.90 -47.20 -4.10
N GLU B 543 11.45 -48.39 -3.80
CA GLU B 543 11.25 -48.98 -2.49
C GLU B 543 11.90 -48.14 -1.40
N GLN B 544 13.09 -47.61 -1.66
CA GLN B 544 13.75 -46.74 -0.68
C GLN B 544 12.96 -45.46 -0.47
N LYS B 545 12.50 -44.83 -1.54
CA LYS B 545 11.72 -43.60 -1.39
C LYS B 545 10.43 -43.87 -0.61
N LYS B 546 9.75 -44.98 -0.91
CA LYS B 546 8.54 -45.34 -0.18
C LYS B 546 8.84 -45.58 1.30
N ALA B 547 9.96 -46.24 1.61
CA ALA B 547 10.31 -46.48 3.01
C ALA B 547 10.67 -45.18 3.71
N ILE B 548 11.33 -44.26 3.02
CA ILE B 548 11.66 -42.98 3.62
C ILE B 548 10.39 -42.16 3.87
N VAL B 549 9.41 -42.26 2.98
CA VAL B 549 8.17 -41.52 3.18
C VAL B 549 7.37 -42.13 4.32
N ASP B 550 7.31 -43.46 4.40
CA ASP B 550 6.51 -44.10 5.44
C ASP B 550 7.17 -44.00 6.81
N LEU B 551 8.50 -43.97 6.85
CA LEU B 551 9.23 -43.99 8.12
C LEU B 551 9.53 -42.61 8.67
N LEU B 552 9.79 -41.63 7.81
CA LEU B 552 10.20 -40.31 8.25
C LEU B 552 9.17 -39.21 7.98
N PHE B 553 8.72 -39.08 6.73
CA PHE B 553 7.79 -37.99 6.41
C PHE B 553 6.44 -38.20 7.06
N LYS B 554 6.01 -39.45 7.23
CA LYS B 554 4.74 -39.74 7.88
C LYS B 554 4.86 -39.93 9.38
N THR B 555 6.01 -39.60 9.97
CA THR B 555 6.15 -39.58 11.43
C THR B 555 6.65 -38.25 11.97
N ASN B 556 7.21 -37.38 11.14
CA ASN B 556 7.66 -36.06 11.56
C ASN B 556 7.14 -35.00 10.60
N ARG B 557 6.80 -33.84 11.14
CA ARG B 557 6.38 -32.73 10.28
C ARG B 557 7.53 -32.30 9.37
N LYS B 558 8.75 -32.26 9.90
CA LYS B 558 9.93 -31.89 9.13
C LYS B 558 10.95 -33.02 9.22
N VAL B 559 11.68 -33.24 8.11
CA VAL B 559 12.66 -34.31 8.01
C VAL B 559 14.02 -33.67 7.73
N THR B 560 14.96 -33.85 8.65
CA THR B 560 16.31 -33.33 8.49
C THR B 560 17.21 -34.37 7.84
N VAL B 561 18.31 -33.89 7.25
CA VAL B 561 19.32 -34.78 6.68
C VAL B 561 19.86 -35.72 7.74
N LYS B 562 20.03 -35.21 8.97
CA LYS B 562 20.49 -36.02 10.08
C LYS B 562 19.54 -37.18 10.36
N GLN B 563 18.23 -36.91 10.32
CA GLN B 563 17.24 -37.97 10.49
C GLN B 563 17.33 -38.96 9.35
N LEU B 564 17.51 -38.48 8.11
CA LEU B 564 17.67 -39.38 6.98
C LEU B 564 18.85 -40.33 7.21
N LYS B 565 19.98 -39.79 7.68
CA LYS B 565 21.17 -40.61 7.87
C LYS B 565 21.00 -41.61 9.00
N GLU B 566 20.38 -41.19 10.10
CA GLU B 566 20.36 -42.04 11.29
C GLU B 566 19.14 -42.96 11.33
N ASP B 567 17.94 -42.41 11.15
CA ASP B 567 16.71 -43.18 11.26
C ASP B 567 16.36 -43.94 9.99
N TYR B 568 17.05 -43.72 8.87
CA TYR B 568 16.86 -44.57 7.70
C TYR B 568 18.13 -45.29 7.28
N PHE B 569 19.20 -44.57 6.94
CA PHE B 569 20.36 -45.23 6.36
C PHE B 569 21.08 -46.11 7.39
N LYS B 570 21.14 -45.67 8.63
CA LYS B 570 21.69 -46.51 9.69
C LYS B 570 20.70 -47.60 10.09
N LYS B 571 19.45 -47.21 10.36
CA LYS B 571 18.47 -48.15 10.88
C LYS B 571 18.08 -49.21 9.87
N ILE B 572 17.96 -48.84 8.59
CA ILE B 572 17.49 -49.78 7.57
C ILE B 572 18.67 -50.36 6.78
N GLU B 573 19.50 -49.50 6.20
CA GLU B 573 20.57 -49.93 5.31
C GLU B 573 21.84 -50.33 6.03
N CYS B 574 21.92 -50.12 7.34
CA CYS B 574 23.09 -50.47 8.15
C CYS B 574 24.35 -49.71 7.72
N PHE B 575 24.18 -48.49 7.24
CA PHE B 575 25.31 -47.63 6.94
C PHE B 575 25.69 -46.84 8.19
N ASP B 576 26.98 -46.84 8.52
CA ASP B 576 27.47 -46.02 9.62
C ASP B 576 27.90 -44.65 9.15
N SER B 577 28.31 -44.53 7.88
CA SER B 577 28.63 -43.26 7.28
C SER B 577 28.01 -43.21 5.89
N VAL B 578 27.44 -42.07 5.53
CA VAL B 578 26.83 -41.91 4.22
C VAL B 578 26.84 -40.43 3.85
N GLU B 579 27.21 -40.13 2.61
CA GLU B 579 27.16 -38.77 2.10
C GLU B 579 25.89 -38.59 1.28
N ILE B 580 25.15 -37.54 1.59
CA ILE B 580 23.88 -37.23 0.94
C ILE B 580 24.07 -35.98 0.09
N SER B 581 23.45 -35.97 -1.09
CA SER B 581 23.36 -34.78 -1.93
C SER B 581 21.93 -34.63 -2.40
N GLY B 582 21.61 -33.42 -2.87
CA GLY B 582 20.27 -33.08 -3.31
C GLY B 582 19.41 -32.41 -2.27
N VAL B 583 19.90 -32.31 -1.03
CA VAL B 583 19.18 -31.70 0.08
C VAL B 583 20.21 -31.26 1.11
N GLU B 584 19.96 -30.12 1.73
CA GLU B 584 20.87 -29.56 2.73
C GLU B 584 20.10 -29.24 4.00
N ASP B 585 20.66 -29.63 5.15
CA ASP B 585 20.10 -29.35 6.47
C ASP B 585 18.79 -30.08 6.70
N ARG B 586 17.75 -29.77 5.93
CA ARG B 586 16.48 -30.45 6.06
C ARG B 586 15.73 -30.32 4.74
N PHE B 587 14.78 -31.24 4.52
CA PHE B 587 13.96 -31.18 3.33
C PHE B 587 13.08 -29.93 3.33
N ASN B 588 12.88 -29.37 2.14
CA ASN B 588 12.01 -28.21 2.01
C ASN B 588 10.54 -28.61 2.00
N ALA B 589 10.20 -29.66 1.26
CA ALA B 589 8.83 -30.15 1.23
C ALA B 589 8.53 -30.96 2.50
N SER B 590 7.25 -31.11 2.78
CA SER B 590 6.82 -31.85 3.97
C SER B 590 5.34 -32.17 3.84
N LEU B 591 4.89 -33.10 4.68
CA LEU B 591 3.51 -33.56 4.63
C LEU B 591 2.73 -32.96 5.80
N GLY B 592 2.62 -31.62 5.79
CA GLY B 592 1.97 -30.93 6.89
C GLY B 592 0.51 -31.27 7.04
N THR B 593 -0.21 -31.38 5.92
CA THR B 593 -1.63 -31.69 5.99
C THR B 593 -1.85 -33.09 6.54
N TYR B 594 -0.99 -34.03 6.17
CA TYR B 594 -1.08 -35.39 6.70
C TYR B 594 -1.06 -35.36 8.23
N HIS B 595 -0.16 -34.57 8.81
CA HIS B 595 -0.04 -34.55 10.27
C HIS B 595 -1.19 -33.78 10.92
N ASP B 596 -1.64 -32.67 10.30
CA ASP B 596 -2.85 -32.01 10.79
C ASP B 596 -4.02 -32.99 10.86
N LEU B 597 -4.27 -33.70 9.76
CA LEU B 597 -5.41 -34.60 9.72
C LEU B 597 -5.21 -35.81 10.62
N LEU B 598 -3.96 -36.26 10.81
CA LEU B 598 -3.72 -37.36 11.73
C LEU B 598 -4.02 -36.93 13.17
N LYS B 599 -3.67 -35.69 13.52
CA LYS B 599 -4.05 -35.19 14.83
C LYS B 599 -5.56 -35.10 14.98
N ILE B 600 -6.26 -34.74 13.91
CA ILE B 600 -7.71 -34.56 14.03
C ILE B 600 -8.43 -35.90 14.07
N ILE B 601 -8.23 -36.74 13.06
CA ILE B 601 -9.04 -37.95 12.91
C ILE B 601 -8.46 -39.14 13.68
N LYS B 602 -7.15 -39.14 13.94
CA LYS B 602 -6.49 -40.20 14.70
C LYS B 602 -6.73 -41.58 14.08
N ASP B 603 -6.41 -41.71 12.79
CA ASP B 603 -6.63 -42.96 12.06
C ASP B 603 -5.63 -43.01 10.90
N LYS B 604 -4.38 -43.35 11.23
CA LYS B 604 -3.32 -43.40 10.22
C LYS B 604 -3.69 -44.34 9.08
N ASP B 605 -4.36 -45.45 9.38
CA ASP B 605 -4.75 -46.38 8.32
C ASP B 605 -5.77 -45.74 7.38
N PHE B 606 -6.60 -44.84 7.87
CA PHE B 606 -7.52 -44.13 6.99
C PHE B 606 -6.75 -43.23 6.03
N LEU B 607 -5.79 -42.45 6.56
CA LEU B 607 -5.02 -41.56 5.72
C LEU B 607 -4.15 -42.31 4.71
N ASP B 608 -3.70 -43.52 5.07
CA ASP B 608 -2.82 -44.26 4.17
C ASP B 608 -3.56 -45.10 3.14
N ASN B 609 -4.87 -45.28 3.29
CA ASN B 609 -5.65 -46.08 2.35
C ASN B 609 -5.94 -45.25 1.11
N GLU B 610 -5.39 -45.66 -0.04
CA GLU B 610 -5.57 -44.89 -1.27
C GLU B 610 -7.04 -44.73 -1.63
N GLU B 611 -7.88 -45.68 -1.19
CA GLU B 611 -9.31 -45.65 -1.51
C GLU B 611 -10.01 -44.42 -0.96
N ASN B 612 -9.38 -43.68 -0.06
CA ASN B 612 -9.98 -42.48 0.53
C ASN B 612 -9.43 -41.19 -0.06
N GLU B 613 -8.50 -41.30 -1.02
CA GLU B 613 -7.86 -40.15 -1.64
C GLU B 613 -8.90 -39.10 -2.06
N ASP B 614 -9.81 -39.47 -2.97
CA ASP B 614 -10.89 -38.59 -3.39
C ASP B 614 -11.50 -37.86 -2.18
N ILE B 615 -11.98 -38.63 -1.20
CA ILE B 615 -12.64 -38.03 -0.04
C ILE B 615 -11.74 -36.98 0.59
N LEU B 616 -10.49 -37.35 0.88
CA LEU B 616 -9.60 -36.42 1.57
C LEU B 616 -9.37 -35.18 0.71
N GLU B 617 -9.19 -35.35 -0.59
CA GLU B 617 -9.03 -34.19 -1.46
C GLU B 617 -10.22 -33.25 -1.30
N ASP B 618 -11.44 -33.81 -1.39
CA ASP B 618 -12.61 -32.95 -1.29
C ASP B 618 -12.62 -32.24 0.05
N ILE B 619 -12.28 -32.95 1.13
CA ILE B 619 -12.29 -32.33 2.45
C ILE B 619 -11.39 -31.09 2.45
N VAL B 620 -10.15 -31.26 1.96
CA VAL B 620 -9.23 -30.13 1.98
C VAL B 620 -9.75 -29.02 1.08
N LEU B 621 -10.32 -29.41 -0.07
CA LEU B 621 -10.92 -28.42 -0.95
C LEU B 621 -11.91 -27.57 -0.16
N THR B 622 -12.83 -28.22 0.54
CA THR B 622 -13.81 -27.48 1.33
C THR B 622 -13.11 -26.56 2.32
N LEU B 623 -12.17 -27.12 3.10
CA LEU B 623 -11.53 -26.32 4.14
C LEU B 623 -10.80 -25.14 3.54
N THR B 624 -10.35 -25.26 2.29
CA THR B 624 -9.65 -24.17 1.64
C THR B 624 -10.63 -23.18 1.02
N LEU B 625 -11.70 -23.68 0.40
CA LEU B 625 -12.56 -22.83 -0.40
C LEU B 625 -13.37 -21.88 0.46
N PHE B 626 -13.90 -22.37 1.59
CA PHE B 626 -14.80 -21.61 2.44
C PHE B 626 -14.10 -21.12 3.70
N GLU B 627 -14.55 -19.97 4.20
CA GLU B 627 -14.14 -19.48 5.51
C GLU B 627 -15.20 -19.70 6.57
N ASP B 628 -16.48 -19.69 6.20
CA ASP B 628 -17.56 -19.82 7.16
C ASP B 628 -17.67 -21.27 7.65
N ARG B 629 -17.64 -21.44 8.97
CA ARG B 629 -17.59 -22.79 9.53
C ARG B 629 -18.91 -23.53 9.38
N GLU B 630 -20.04 -22.81 9.37
CA GLU B 630 -21.32 -23.45 9.11
C GLU B 630 -21.39 -24.01 7.70
N MET B 631 -20.94 -23.23 6.72
CA MET B 631 -20.91 -23.70 5.34
C MET B 631 -19.96 -24.89 5.20
N ILE B 632 -18.82 -24.83 5.87
CA ILE B 632 -17.88 -25.96 5.87
C ILE B 632 -18.55 -27.21 6.40
N GLU B 633 -19.29 -27.08 7.50
CA GLU B 633 -19.97 -28.23 8.08
C GLU B 633 -21.03 -28.79 7.13
N GLU B 634 -21.79 -27.90 6.49
CA GLU B 634 -22.76 -28.35 5.49
C GLU B 634 -22.08 -29.15 4.38
N ARG B 635 -20.94 -28.67 3.88
CA ARG B 635 -20.27 -29.37 2.79
C ARG B 635 -19.67 -30.70 3.26
N LEU B 636 -19.22 -30.77 4.50
CA LEU B 636 -18.61 -31.99 5.02
C LEU B 636 -19.65 -33.02 5.48
N LYS B 637 -20.92 -32.64 5.54
CA LYS B 637 -21.97 -33.54 6.01
C LYS B 637 -21.95 -34.91 5.34
N THR B 638 -21.68 -34.96 4.02
CA THR B 638 -21.69 -36.25 3.32
C THR B 638 -20.70 -37.25 3.90
N TYR B 639 -19.71 -36.79 4.65
CA TYR B 639 -18.67 -37.64 5.21
C TYR B 639 -18.87 -37.90 6.70
N ALA B 640 -19.99 -37.47 7.28
CA ALA B 640 -20.18 -37.53 8.72
C ALA B 640 -20.24 -38.97 9.22
N HIS B 641 -20.71 -39.90 8.39
CA HIS B 641 -20.77 -41.30 8.78
C HIS B 641 -19.40 -41.94 8.91
N LEU B 642 -18.33 -41.26 8.48
CA LEU B 642 -16.99 -41.82 8.51
C LEU B 642 -16.21 -41.47 9.78
N PHE B 643 -16.70 -40.53 10.58
CA PHE B 643 -15.95 -40.02 11.72
C PHE B 643 -16.86 -39.87 12.92
N ASP B 644 -16.26 -39.78 14.10
CA ASP B 644 -17.01 -39.41 15.29
C ASP B 644 -17.35 -37.92 15.24
N ASP B 645 -18.39 -37.54 15.98
CA ASP B 645 -18.86 -36.16 15.93
C ASP B 645 -17.84 -35.18 16.50
N LYS B 646 -17.09 -35.61 17.52
CA LYS B 646 -15.98 -34.80 18.02
C LYS B 646 -14.95 -34.58 16.92
N VAL B 647 -14.63 -35.63 16.16
CA VAL B 647 -13.73 -35.49 15.03
C VAL B 647 -14.30 -34.54 13.99
N MET B 648 -15.61 -34.57 13.76
CA MET B 648 -16.21 -33.65 12.79
C MET B 648 -16.12 -32.20 13.25
N LYS B 649 -16.33 -31.93 14.54
CA LYS B 649 -16.17 -30.58 15.05
C LYS B 649 -14.73 -30.10 14.90
N GLN B 650 -13.77 -30.97 15.24
CA GLN B 650 -12.36 -30.62 15.05
C GLN B 650 -12.05 -30.34 13.59
N LEU B 651 -12.57 -31.20 12.70
CA LEU B 651 -12.37 -31.01 11.26
C LEU B 651 -12.88 -29.65 10.81
N LYS B 652 -14.12 -29.31 11.17
CA LYS B 652 -14.68 -28.06 10.69
C LYS B 652 -14.02 -26.83 11.34
N ARG B 653 -13.36 -27.00 12.48
CA ARG B 653 -12.56 -25.90 13.01
C ARG B 653 -11.22 -25.73 12.30
N ARG B 654 -10.78 -26.73 11.54
CA ARG B 654 -9.53 -26.63 10.81
C ARG B 654 -9.75 -25.88 9.51
N ARG B 655 -8.85 -24.93 9.20
CA ARG B 655 -8.98 -24.18 7.97
C ARG B 655 -7.62 -23.93 7.35
N TYR B 656 -7.67 -23.75 6.03
CA TYR B 656 -6.50 -23.55 5.19
C TYR B 656 -6.78 -22.42 4.21
N THR B 657 -5.71 -21.87 3.66
CA THR B 657 -5.81 -20.89 2.57
C THR B 657 -4.66 -21.12 1.61
N GLY B 658 -4.81 -20.58 0.41
CA GLY B 658 -3.72 -20.68 -0.54
C GLY B 658 -3.95 -21.76 -1.55
N TRP B 659 -3.38 -21.55 -2.75
CA TRP B 659 -3.57 -22.46 -3.87
C TRP B 659 -2.22 -22.78 -4.49
N GLY B 660 -2.09 -23.99 -5.02
CA GLY B 660 -0.84 -24.44 -5.59
C GLY B 660 -0.55 -23.82 -6.94
N ARG B 661 0.29 -24.46 -7.74
CA ARG B 661 0.60 -24.00 -9.08
C ARG B 661 0.24 -25.02 -10.15
N LEU B 662 -0.28 -26.19 -9.77
CA LEU B 662 -0.53 -27.26 -10.71
C LEU B 662 -1.86 -27.92 -10.37
N SER B 663 -2.45 -28.56 -11.37
CA SER B 663 -3.75 -29.20 -11.22
C SER B 663 -3.60 -30.67 -10.80
N ARG B 664 -4.72 -31.24 -10.37
CA ARG B 664 -4.74 -32.66 -10.03
C ARG B 664 -4.56 -33.52 -11.27
N LYS B 665 -5.17 -33.10 -12.39
CA LYS B 665 -5.06 -33.88 -13.62
C LYS B 665 -3.63 -33.92 -14.13
N LEU B 666 -2.86 -32.86 -13.89
CA LEU B 666 -1.46 -32.88 -14.31
C LEU B 666 -0.63 -33.77 -13.38
N ILE B 667 -0.85 -33.67 -12.07
CA ILE B 667 -0.02 -34.39 -11.11
C ILE B 667 -0.30 -35.89 -11.16
N ASN B 668 -1.57 -36.26 -11.32
CA ASN B 668 -1.97 -37.64 -11.10
C ASN B 668 -3.19 -38.02 -11.92
N GLY B 669 -3.41 -37.36 -13.06
CA GLY B 669 -4.52 -37.70 -13.92
C GLY B 669 -4.05 -38.23 -15.26
N ILE B 670 -3.42 -37.37 -16.08
CA ILE B 670 -2.93 -37.81 -17.38
C ILE B 670 -1.87 -38.89 -17.19
N ARG B 671 -1.81 -39.83 -18.14
CA ARG B 671 -0.91 -40.96 -18.07
C ARG B 671 -0.09 -41.07 -19.34
N ASP B 672 1.19 -41.39 -19.19
CA ASP B 672 2.01 -41.76 -20.33
C ASP B 672 1.41 -42.99 -21.00
N LYS B 673 1.28 -42.93 -22.33
CA LYS B 673 0.54 -43.97 -23.05
C LYS B 673 1.19 -45.33 -22.89
N GLN B 674 2.51 -45.41 -23.10
CA GLN B 674 3.18 -46.71 -23.08
C GLN B 674 3.23 -47.28 -21.67
N SER B 675 3.64 -46.47 -20.69
CA SER B 675 3.84 -46.95 -19.34
C SER B 675 2.56 -47.01 -18.51
N GLY B 676 1.54 -46.24 -18.88
CA GLY B 676 0.34 -46.18 -18.07
C GLY B 676 0.48 -45.46 -16.75
N LYS B 677 1.59 -44.77 -16.53
CA LYS B 677 1.91 -44.14 -15.26
C LYS B 677 1.62 -42.65 -15.32
N THR B 678 1.20 -42.10 -14.19
CA THR B 678 1.02 -40.67 -14.04
C THR B 678 2.35 -40.02 -13.66
N ILE B 679 2.34 -38.67 -13.62
CA ILE B 679 3.52 -37.93 -13.18
C ILE B 679 3.93 -38.38 -11.78
N LEU B 680 2.95 -38.51 -10.88
CA LEU B 680 3.25 -38.93 -9.52
C LEU B 680 3.75 -40.37 -9.46
N ASP B 681 3.22 -41.24 -10.33
CA ASP B 681 3.74 -42.61 -10.42
C ASP B 681 5.23 -42.60 -10.76
N PHE B 682 5.61 -41.79 -11.76
CA PHE B 682 7.02 -41.69 -12.14
C PHE B 682 7.84 -41.12 -10.99
N LEU B 683 7.31 -40.11 -10.30
CA LEU B 683 8.05 -39.57 -9.15
C LEU B 683 8.24 -40.62 -8.06
N LYS B 684 7.27 -41.50 -7.86
CA LYS B 684 7.43 -42.54 -6.85
C LYS B 684 8.44 -43.59 -7.28
N SER B 685 8.53 -43.89 -8.58
CA SER B 685 9.44 -44.92 -9.07
C SER B 685 9.62 -44.75 -10.57
N ASP B 686 10.86 -44.64 -11.01
CA ASP B 686 11.23 -44.44 -12.41
C ASP B 686 12.55 -45.15 -12.67
N GLY B 687 12.56 -46.47 -12.47
CA GLY B 687 13.75 -47.27 -12.69
C GLY B 687 14.99 -46.74 -12.01
N PHE B 688 16.00 -46.37 -12.79
CA PHE B 688 17.22 -45.77 -12.25
C PHE B 688 17.46 -44.38 -12.82
N ALA B 689 16.49 -43.80 -13.52
CA ALA B 689 16.62 -42.46 -14.07
C ALA B 689 16.10 -41.38 -13.13
N ASN B 690 15.10 -41.71 -12.30
CA ASN B 690 14.54 -40.78 -11.31
C ASN B 690 14.27 -39.40 -11.90
N ARG B 691 13.47 -39.38 -12.96
CA ARG B 691 13.12 -38.12 -13.62
C ARG B 691 12.19 -37.30 -12.74
N ASN B 692 12.53 -36.02 -12.54
CA ASN B 692 11.66 -35.13 -11.79
C ASN B 692 10.63 -34.51 -12.74
N PHE B 693 9.88 -33.53 -12.23
CA PHE B 693 8.71 -33.01 -12.95
C PHE B 693 9.10 -32.38 -14.29
N MET B 694 10.07 -31.46 -14.27
CA MET B 694 10.48 -30.80 -15.51
C MET B 694 10.95 -31.80 -16.56
N GLN B 695 11.84 -32.72 -16.16
CA GLN B 695 12.27 -33.79 -17.06
C GLN B 695 11.07 -34.56 -17.61
N LEU B 696 10.13 -34.91 -16.73
CA LEU B 696 8.99 -35.72 -17.16
C LEU B 696 8.18 -35.01 -18.24
N ILE B 697 7.86 -33.73 -18.03
CA ILE B 697 7.02 -33.05 -19.00
C ILE B 697 7.81 -32.58 -20.22
N HIS B 698 9.14 -32.66 -20.20
CA HIS B 698 9.94 -32.28 -21.37
C HIS B 698 10.57 -33.48 -22.10
N ASP B 699 10.26 -34.71 -21.71
CA ASP B 699 10.91 -35.89 -22.28
C ASP B 699 10.17 -36.36 -23.53
N ASP B 700 10.87 -36.37 -24.66
CA ASP B 700 10.28 -36.75 -25.94
C ASP B 700 9.82 -38.21 -25.97
N SER B 701 10.30 -39.05 -25.05
CA SER B 701 9.92 -40.45 -25.03
C SER B 701 8.70 -40.73 -24.15
N LEU B 702 7.96 -39.70 -23.76
CA LEU B 702 6.75 -39.86 -22.96
C LEU B 702 5.65 -38.99 -23.56
N THR B 703 4.40 -39.37 -23.28
CA THR B 703 3.23 -38.69 -23.85
C THR B 703 2.94 -37.36 -23.19
N PHE B 704 3.61 -37.04 -22.07
CA PHE B 704 3.25 -35.87 -21.28
C PHE B 704 3.42 -34.59 -22.08
N LYS B 705 4.57 -34.42 -22.73
CA LYS B 705 4.82 -33.22 -23.53
C LYS B 705 3.77 -33.05 -24.61
N GLU B 706 3.43 -34.14 -25.29
CA GLU B 706 2.44 -34.09 -26.37
C GLU B 706 1.08 -33.66 -25.85
N ASP B 707 0.65 -34.24 -24.72
CA ASP B 707 -0.66 -33.88 -24.18
C ASP B 707 -0.68 -32.45 -23.66
N ILE B 708 0.42 -31.97 -23.08
CA ILE B 708 0.49 -30.57 -22.67
C ILE B 708 0.39 -29.65 -23.88
N GLN B 709 1.07 -30.01 -24.97
CA GLN B 709 0.98 -29.20 -26.18
C GLN B 709 -0.44 -29.17 -26.73
N LYS B 710 -1.09 -30.33 -26.80
CA LYS B 710 -2.47 -30.38 -27.26
C LYS B 710 -3.41 -29.59 -26.35
N ALA B 711 -3.09 -29.49 -25.06
CA ALA B 711 -4.00 -28.84 -24.12
C ALA B 711 -4.02 -27.32 -24.27
N GLN B 712 -3.04 -26.74 -24.96
CA GLN B 712 -2.99 -25.28 -25.10
C GLN B 712 -4.20 -24.78 -25.90
N VAL B 713 -4.85 -23.74 -25.40
CA VAL B 713 -6.08 -23.25 -25.99
C VAL B 713 -5.87 -21.83 -26.49
N SER B 714 -6.57 -21.50 -27.57
CA SER B 714 -6.52 -20.16 -28.13
C SER B 714 -7.49 -19.24 -27.40
N GLY B 715 -7.15 -17.95 -27.36
CA GLY B 715 -8.01 -16.95 -26.76
C GLY B 715 -7.95 -15.67 -27.55
N GLN B 716 -8.90 -14.78 -27.24
CA GLN B 716 -8.93 -13.47 -27.87
C GLN B 716 -7.75 -12.64 -27.39
N GLY B 717 -6.92 -12.20 -28.32
CA GLY B 717 -5.74 -11.42 -27.95
C GLY B 717 -6.12 -10.05 -27.41
N ASP B 718 -5.46 -9.68 -26.32
CA ASP B 718 -5.66 -8.35 -25.75
C ASP B 718 -5.24 -7.28 -26.74
N SER B 719 -5.88 -6.13 -26.64
CA SER B 719 -5.38 -4.96 -27.34
C SER B 719 -4.12 -4.45 -26.62
N LEU B 720 -3.48 -3.45 -27.23
CA LEU B 720 -2.30 -2.84 -26.62
C LEU B 720 -2.62 -2.31 -25.23
N HIS B 721 -3.73 -1.59 -25.10
CA HIS B 721 -4.12 -1.02 -23.81
C HIS B 721 -4.54 -2.11 -22.83
N GLU B 722 -5.28 -3.12 -23.31
CA GLU B 722 -5.64 -4.24 -22.46
C GLU B 722 -4.39 -4.97 -21.99
N HIS B 723 -3.46 -5.25 -22.92
CA HIS B 723 -2.24 -5.96 -22.57
C HIS B 723 -1.41 -5.17 -21.57
N ILE B 724 -1.36 -3.84 -21.72
CA ILE B 724 -0.58 -3.03 -20.80
C ILE B 724 -1.25 -2.97 -19.43
N ALA B 725 -2.57 -2.87 -19.39
CA ALA B 725 -3.28 -2.82 -18.12
C ALA B 725 -3.13 -4.10 -17.33
N ASN B 726 -3.04 -5.25 -18.00
CA ASN B 726 -2.95 -6.53 -17.32
C ASN B 726 -1.54 -6.86 -16.84
N LEU B 727 -0.54 -6.01 -17.12
CA LEU B 727 0.80 -6.27 -16.61
C LEU B 727 0.85 -6.04 -15.11
N ALA B 728 1.79 -6.73 -14.45
CA ALA B 728 2.04 -6.50 -13.03
C ALA B 728 2.95 -5.28 -12.87
N GLY B 729 2.47 -4.28 -12.15
CA GLY B 729 3.21 -3.06 -11.96
C GLY B 729 2.30 -1.97 -11.44
N SER B 730 2.93 -0.85 -11.08
CA SER B 730 2.16 0.31 -10.65
C SER B 730 1.44 0.92 -11.85
N PRO B 731 0.21 1.40 -11.67
CA PRO B 731 -0.47 2.10 -12.77
C PRO B 731 0.32 3.29 -13.32
N ALA B 732 1.15 3.93 -12.50
CA ALA B 732 1.97 5.03 -12.97
C ALA B 732 2.94 4.57 -14.08
N ILE B 733 3.68 3.50 -13.81
CA ILE B 733 4.62 3.02 -14.81
C ILE B 733 3.87 2.53 -16.04
N LYS B 734 2.67 2.00 -15.87
CA LYS B 734 1.92 1.54 -17.04
C LYS B 734 1.48 2.70 -17.92
N LYS B 735 1.09 3.83 -17.30
CA LYS B 735 0.80 5.03 -18.09
C LYS B 735 2.02 5.45 -18.90
N GLY B 736 3.19 5.46 -18.26
CA GLY B 736 4.42 5.74 -19.00
C GLY B 736 4.66 4.78 -20.16
N ILE B 737 4.36 3.49 -19.94
CA ILE B 737 4.62 2.47 -20.96
C ILE B 737 3.77 2.73 -22.20
N LEU B 738 2.48 2.99 -22.00
CA LEU B 738 1.62 3.26 -23.15
C LEU B 738 2.05 4.53 -23.88
N GLN B 739 2.40 5.59 -23.13
CA GLN B 739 2.84 6.81 -23.79
C GLN B 739 4.10 6.57 -24.60
N THR B 740 4.99 5.70 -24.10
CA THR B 740 6.20 5.34 -24.85
C THR B 740 5.85 4.70 -26.19
N VAL B 741 4.89 3.77 -26.18
CA VAL B 741 4.51 3.14 -27.44
C VAL B 741 3.97 4.17 -28.42
N LYS B 742 3.12 5.09 -27.94
CA LYS B 742 2.56 6.09 -28.85
C LYS B 742 3.65 7.01 -29.41
N VAL B 743 4.63 7.36 -28.57
CA VAL B 743 5.74 8.21 -29.02
C VAL B 743 6.51 7.50 -30.12
N VAL B 744 6.81 6.21 -29.93
CA VAL B 744 7.54 5.48 -30.96
C VAL B 744 6.77 5.47 -32.27
N ASP B 745 5.46 5.21 -32.20
CA ASP B 745 4.66 5.21 -33.44
C ASP B 745 4.77 6.55 -34.15
N GLU B 746 4.69 7.65 -33.41
CA GLU B 746 4.78 8.95 -34.08
C GLU B 746 6.17 9.19 -34.65
N LEU B 747 7.22 8.76 -33.95
CA LEU B 747 8.57 8.98 -34.47
C LEU B 747 8.79 8.18 -35.75
N VAL B 748 8.27 6.95 -35.81
CA VAL B 748 8.41 6.17 -37.05
C VAL B 748 7.63 6.84 -38.17
N LYS B 749 6.44 7.36 -37.86
CA LYS B 749 5.72 8.13 -38.88
C LYS B 749 6.50 9.36 -39.32
N VAL B 750 7.28 9.95 -38.42
CA VAL B 750 8.05 11.15 -38.75
C VAL B 750 9.19 10.82 -39.71
N MET B 751 9.80 9.64 -39.54
CA MET B 751 10.90 9.20 -40.39
C MET B 751 10.41 8.51 -41.67
N GLY B 752 9.20 8.82 -42.11
CA GLY B 752 8.71 8.26 -43.36
C GLY B 752 8.37 6.79 -43.33
N ARG B 753 7.94 6.28 -42.17
CA ARG B 753 7.56 4.89 -41.96
C ARG B 753 8.73 3.92 -42.07
N HIS B 754 9.96 4.41 -42.11
CA HIS B 754 11.14 3.55 -42.01
C HIS B 754 11.39 3.19 -40.54
N LYS B 755 11.46 1.91 -40.25
CA LYS B 755 11.71 1.46 -38.90
C LYS B 755 13.15 1.78 -38.50
N PRO B 756 13.40 2.01 -37.22
CA PRO B 756 14.77 2.29 -36.77
C PRO B 756 15.61 1.02 -36.74
N GLU B 757 16.92 1.22 -36.63
CA GLU B 757 17.85 0.10 -36.48
C GLU B 757 17.82 -0.42 -35.04
N ASN B 758 17.89 0.48 -34.06
CA ASN B 758 17.81 0.11 -32.66
C ASN B 758 16.82 1.01 -31.95
N ILE B 759 16.19 0.46 -30.92
CA ILE B 759 15.46 1.22 -29.92
C ILE B 759 16.08 0.89 -28.57
N VAL B 760 16.60 1.90 -27.89
CA VAL B 760 17.26 1.73 -26.60
C VAL B 760 16.32 2.30 -25.53
N ILE B 761 15.93 1.46 -24.57
CA ILE B 761 15.00 1.85 -23.52
C ILE B 761 15.69 1.74 -22.17
N GLU B 762 15.37 2.68 -21.29
CA GLU B 762 15.78 2.67 -19.90
C GLU B 762 14.57 3.03 -19.06
N MET B 763 14.42 2.34 -17.93
CA MET B 763 13.28 2.55 -17.04
C MET B 763 13.76 3.05 -15.69
N ALA B 764 13.03 4.01 -15.13
CA ALA B 764 13.39 4.60 -13.84
C ALA B 764 13.33 3.54 -12.74
N ARG B 765 14.08 3.80 -11.66
CA ARG B 765 14.20 2.84 -10.57
C ARG B 765 12.85 2.60 -9.91
N GLU B 766 12.18 3.66 -9.47
CA GLU B 766 10.87 3.53 -8.85
C GLU B 766 9.76 3.93 -9.82
N LYS B 775 0.89 7.62 6.78
CA LYS B 775 1.01 6.99 5.47
C LYS B 775 2.19 6.02 5.45
N ASN B 776 3.39 6.56 5.19
CA ASN B 776 4.61 5.76 5.25
C ASN B 776 5.12 5.65 6.69
N SER B 777 5.18 6.79 7.39
CA SER B 777 5.51 6.78 8.80
C SER B 777 4.50 5.97 9.61
N ARG B 778 3.26 5.87 9.13
CA ARG B 778 2.28 5.01 9.79
C ARG B 778 2.72 3.55 9.75
N GLU B 779 3.17 3.08 8.59
CA GLU B 779 3.65 1.70 8.50
C GLU B 779 4.94 1.50 9.28
N ARG B 780 5.82 2.52 9.33
CA ARG B 780 7.02 2.40 10.16
C ARG B 780 6.66 2.25 11.63
N MET B 781 5.75 3.09 12.13
CA MET B 781 5.29 2.97 13.51
C MET B 781 4.64 1.61 13.76
N LYS B 782 3.85 1.14 12.80
CA LYS B 782 3.22 -0.18 12.93
C LYS B 782 4.28 -1.27 13.09
N ARG B 783 5.30 -1.23 12.23
CA ARG B 783 6.36 -2.22 12.30
C ARG B 783 7.08 -2.18 13.63
N ILE B 784 7.43 -0.98 14.10
CA ILE B 784 8.19 -0.86 15.35
C ILE B 784 7.33 -1.28 16.55
N GLU B 785 6.05 -0.91 16.55
CA GLU B 785 5.15 -1.31 17.63
C GLU B 785 5.03 -2.83 17.69
N GLU B 786 4.74 -3.48 16.56
CA GLU B 786 4.60 -4.93 16.54
C GLU B 786 5.91 -5.62 16.92
N GLY B 787 7.04 -5.07 16.48
CA GLY B 787 8.32 -5.69 16.80
C GLY B 787 8.66 -5.59 18.27
N ILE B 788 8.49 -4.40 18.85
CA ILE B 788 8.78 -4.24 20.28
C ILE B 788 7.81 -5.07 21.12
N LYS B 789 6.56 -5.19 20.67
CA LYS B 789 5.60 -6.04 21.38
C LYS B 789 6.05 -7.49 21.35
N GLU B 790 6.42 -7.99 20.17
CA GLU B 790 6.90 -9.37 20.06
C GLU B 790 8.15 -9.59 20.90
N LEU B 791 9.05 -8.61 20.90
CA LEU B 791 10.27 -8.69 21.70
C LEU B 791 10.00 -8.55 23.19
N GLY B 792 8.90 -7.91 23.57
CA GLY B 792 8.63 -7.64 24.97
C GLY B 792 9.44 -6.51 25.55
N SER B 793 9.94 -5.60 24.71
CA SER B 793 10.84 -4.55 25.16
C SER B 793 10.06 -3.35 25.70
N GLN B 794 10.74 -2.56 26.53
CA GLN B 794 10.17 -1.37 27.12
C GLN B 794 10.71 -0.09 26.49
N ILE B 795 11.30 -0.19 25.30
CA ILE B 795 11.98 0.95 24.69
C ILE B 795 10.97 2.04 24.33
N LEU B 796 9.73 1.65 23.97
CA LEU B 796 8.73 2.66 23.66
C LEU B 796 8.20 3.33 24.91
N LYS B 797 8.29 2.66 26.06
CA LYS B 797 7.94 3.29 27.33
C LYS B 797 8.94 4.37 27.70
N GLU B 798 10.23 4.05 27.61
CA GLU B 798 11.27 4.98 28.02
C GLU B 798 11.55 6.06 26.98
N HIS B 799 11.28 5.79 25.70
CA HIS B 799 11.52 6.74 24.63
C HIS B 799 10.35 6.73 23.67
N PRO B 800 9.26 7.44 23.99
CA PRO B 800 8.12 7.50 23.08
C PRO B 800 8.46 8.28 21.81
N VAL B 801 7.81 7.91 20.72
CA VAL B 801 8.12 8.50 19.42
C VAL B 801 6.85 8.56 18.58
N GLU B 802 6.67 9.66 17.88
CA GLU B 802 5.58 9.82 16.93
C GLU B 802 6.04 9.35 15.54
N ASN B 803 5.06 8.99 14.71
CA ASN B 803 5.35 8.38 13.42
C ASN B 803 6.25 9.26 12.57
N THR B 804 5.99 10.58 12.56
CA THR B 804 6.74 11.49 11.70
C THR B 804 8.24 11.39 11.96
N GLN B 805 8.63 11.37 13.23
CA GLN B 805 10.05 11.30 13.58
C GLN B 805 10.72 10.08 12.97
N LEU B 806 9.97 9.00 12.76
CA LEU B 806 10.54 7.78 12.21
C LEU B 806 11.00 7.92 10.77
N GLN B 807 10.74 9.06 10.13
CA GLN B 807 11.31 9.26 8.81
C GLN B 807 12.81 9.56 8.85
N ASN B 808 13.34 9.90 10.02
CA ASN B 808 14.79 9.98 10.19
C ASN B 808 15.39 8.59 10.16
N GLU B 809 16.45 8.42 9.35
CA GLU B 809 16.99 7.08 9.13
C GLU B 809 17.59 6.49 10.40
N LYS B 810 18.38 7.28 11.13
CA LYS B 810 19.09 6.74 12.29
C LYS B 810 18.14 6.40 13.44
N LEU B 811 17.12 7.24 13.68
CA LEU B 811 16.17 6.93 14.75
C LEU B 811 15.34 5.70 14.41
N TYR B 812 14.91 5.58 13.15
CA TYR B 812 14.21 4.39 12.72
C TYR B 812 15.05 3.14 12.94
N LEU B 813 16.33 3.18 12.52
CA LEU B 813 17.21 2.05 12.76
C LEU B 813 17.39 1.78 14.25
N TYR B 814 17.44 2.85 15.04
CA TYR B 814 17.61 2.70 16.49
C TYR B 814 16.45 1.93 17.09
N TYR B 815 15.23 2.21 16.65
CA TYR B 815 14.10 1.45 17.18
C TYR B 815 14.06 0.04 16.59
N LEU B 816 14.40 -0.11 15.31
CA LEU B 816 14.40 -1.45 14.71
C LEU B 816 15.38 -2.39 15.39
N GLN B 817 16.45 -1.84 15.98
CA GLN B 817 17.46 -2.63 16.64
C GLN B 817 17.25 -2.69 18.15
N ASN B 818 16.08 -2.27 18.64
CA ASN B 818 15.74 -2.28 20.07
C ASN B 818 16.75 -1.46 20.88
N GLY B 819 17.29 -0.40 20.28
CA GLY B 819 18.19 0.48 21.00
C GLY B 819 19.58 -0.06 21.23
N ARG B 820 20.01 -1.05 20.45
CA ARG B 820 21.31 -1.69 20.65
C ARG B 820 22.16 -1.55 19.39
N ASP B 821 23.48 -1.65 19.60
CA ASP B 821 24.42 -1.72 18.47
C ASP B 821 24.20 -3.03 17.72
N MET B 822 24.21 -2.95 16.39
CA MET B 822 23.96 -4.13 15.59
C MET B 822 25.19 -5.03 15.50
N TYR B 823 26.38 -4.45 15.62
CA TYR B 823 27.63 -5.18 15.55
C TYR B 823 28.26 -5.44 16.91
N VAL B 824 27.80 -4.77 17.97
CA VAL B 824 28.33 -4.91 19.31
C VAL B 824 27.17 -5.11 20.28
N ASP B 825 27.34 -6.00 21.25
CA ASP B 825 26.30 -6.30 22.22
C ASP B 825 26.28 -5.24 23.32
N GLN B 826 25.85 -4.04 22.93
CA GLN B 826 25.79 -2.91 23.84
C GLN B 826 24.59 -2.05 23.46
N GLU B 827 24.08 -1.31 24.44
CA GLU B 827 23.02 -0.35 24.16
C GLU B 827 23.60 0.87 23.46
N LEU B 828 22.79 1.48 22.62
CA LEU B 828 23.09 2.78 22.03
C LEU B 828 22.37 3.86 22.82
N ASP B 829 22.86 5.09 22.70
CA ASP B 829 22.25 6.25 23.35
C ASP B 829 21.53 7.08 22.29
N ILE B 830 20.24 7.33 22.53
CA ILE B 830 19.43 8.12 21.58
C ILE B 830 20.09 9.46 21.30
N ASN B 831 20.36 10.22 22.36
CA ASN B 831 20.86 11.59 22.23
C ASN B 831 22.21 11.66 21.54
N ARG B 832 22.74 10.51 21.11
CA ARG B 832 24.05 10.42 20.49
C ARG B 832 23.98 9.94 19.05
N LEU B 833 22.80 9.91 18.44
CA LEU B 833 22.66 9.33 17.10
C LEU B 833 23.58 10.02 16.10
N SER B 834 23.79 11.33 16.24
CA SER B 834 24.63 12.06 15.29
C SER B 834 26.06 11.53 15.27
N ASP B 835 26.53 10.98 16.39
CA ASP B 835 27.90 10.48 16.47
C ASP B 835 28.04 9.04 15.97
N TYR B 836 26.94 8.37 15.64
CA TYR B 836 26.98 6.97 15.24
C TYR B 836 27.06 6.86 13.71
N ASP B 837 27.17 5.63 13.23
CA ASP B 837 27.34 5.35 11.81
C ASP B 837 26.21 4.46 11.31
N VAL B 838 25.81 4.70 10.06
CA VAL B 838 24.94 3.80 9.31
C VAL B 838 25.83 3.03 8.34
N ASP B 839 25.84 1.71 8.45
CA ASP B 839 26.74 0.87 7.68
C ASP B 839 25.98 -0.07 6.76
N ALA B 840 26.53 -0.28 5.57
CA ALA B 840 25.96 -1.19 4.59
C ALA B 840 26.41 -2.61 4.90
N ILE B 841 25.45 -3.53 5.02
CA ILE B 841 25.75 -4.92 5.33
C ILE B 841 26.57 -5.55 4.21
N VAL B 842 26.03 -5.54 3.00
CA VAL B 842 26.81 -5.76 1.79
C VAL B 842 27.33 -4.38 1.34
N PRO B 843 28.64 -4.19 1.26
CA PRO B 843 29.17 -2.85 0.98
C PRO B 843 28.63 -2.29 -0.33
N GLN B 844 28.35 -0.98 -0.32
CA GLN B 844 27.73 -0.34 -1.47
C GLN B 844 28.61 -0.34 -2.70
N SER B 845 29.90 -0.64 -2.56
CA SER B 845 30.78 -0.77 -3.71
C SER B 845 30.47 -2.00 -4.55
N PHE B 846 29.77 -2.98 -3.98
CA PHE B 846 29.28 -4.14 -4.72
C PHE B 846 27.78 -4.09 -4.99
N LEU B 847 26.98 -3.71 -4.01
CA LEU B 847 25.53 -3.66 -4.14
C LEU B 847 25.05 -2.25 -3.82
N LYS B 848 24.50 -1.55 -4.81
CA LYS B 848 23.96 -0.21 -4.61
C LYS B 848 22.56 -0.31 -3.98
N ASP B 849 22.56 -0.63 -2.68
CA ASP B 849 21.33 -0.80 -1.91
C ASP B 849 21.43 0.12 -0.70
N ASP B 850 20.55 1.11 -0.64
CA ASP B 850 20.49 2.05 0.48
C ASP B 850 19.21 1.90 1.30
N SER B 851 18.42 0.87 1.04
CA SER B 851 17.23 0.63 1.84
C SER B 851 17.62 0.18 3.25
N ILE B 852 16.63 0.21 4.15
CA ILE B 852 16.81 -0.33 5.48
C ILE B 852 17.21 -1.80 5.43
N ASP B 853 16.86 -2.49 4.34
CA ASP B 853 17.16 -3.92 4.19
C ASP B 853 18.66 -4.19 4.12
N ASN B 854 19.49 -3.18 3.82
CA ASN B 854 20.94 -3.37 3.72
C ASN B 854 21.70 -2.42 4.63
N LYS B 855 21.05 -1.81 5.61
CA LYS B 855 21.69 -0.85 6.48
C LYS B 855 21.49 -1.22 7.94
N VAL B 856 22.49 -0.90 8.76
CA VAL B 856 22.39 -1.07 10.21
C VAL B 856 22.96 0.19 10.88
N LEU B 857 22.56 0.40 12.12
CA LEU B 857 23.09 1.48 12.95
C LEU B 857 24.09 0.89 13.93
N THR B 858 25.30 1.42 13.94
CA THR B 858 26.37 0.93 14.81
C THR B 858 27.13 2.11 15.36
N ARG B 859 27.78 1.93 16.50
CA ARG B 859 28.55 3.00 17.10
C ARG B 859 29.67 3.45 16.17
N SER B 860 30.41 2.48 15.61
CA SER B 860 31.54 2.74 14.74
C SER B 860 31.58 1.65 13.68
N ASP B 861 31.54 2.05 12.40
CA ASP B 861 31.50 1.08 11.31
C ASP B 861 32.75 0.20 11.27
N LYS B 862 33.86 0.67 11.84
CA LYS B 862 35.06 -0.16 11.91
C LYS B 862 34.80 -1.48 12.61
N ASN B 863 33.80 -1.54 13.48
CA ASN B 863 33.50 -2.77 14.21
C ASN B 863 32.76 -3.80 13.36
N ARG B 864 32.50 -3.51 12.09
CA ARG B 864 31.98 -4.54 11.19
C ARG B 864 33.05 -5.58 10.87
N GLY B 865 34.32 -5.22 10.99
CA GLY B 865 35.42 -6.03 10.50
C GLY B 865 36.10 -5.34 9.33
N LYS B 866 36.54 -6.12 8.35
CA LYS B 866 37.10 -5.54 7.15
C LYS B 866 36.00 -4.94 6.29
N SER B 867 36.31 -3.85 5.59
CA SER B 867 35.33 -3.13 4.82
C SER B 867 35.08 -3.74 3.45
N ASP B 868 35.90 -4.68 3.02
CA ASP B 868 35.84 -5.24 1.67
C ASP B 868 34.97 -6.49 1.57
N ASN B 869 34.09 -6.71 2.54
CA ASN B 869 33.32 -7.96 2.58
C ASN B 869 32.09 -7.76 3.46
N VAL B 870 31.41 -8.87 3.73
CA VAL B 870 30.26 -8.93 4.63
C VAL B 870 30.82 -8.96 6.05
N PRO B 871 30.07 -8.49 7.09
CA PRO B 871 30.58 -8.52 8.47
C PRO B 871 31.28 -9.81 8.86
N SER B 872 32.35 -9.69 9.65
CA SER B 872 33.27 -10.79 9.89
C SER B 872 32.60 -11.92 10.69
N GLU B 873 33.22 -13.11 10.61
CA GLU B 873 32.71 -14.27 11.35
C GLU B 873 32.69 -14.02 12.85
N GLU B 874 33.63 -13.23 13.36
CA GLU B 874 33.65 -12.90 14.78
C GLU B 874 32.38 -12.15 15.18
N VAL B 875 32.01 -11.13 14.39
CA VAL B 875 30.77 -10.40 14.63
C VAL B 875 29.57 -11.33 14.57
N VAL B 876 29.56 -12.24 13.60
CA VAL B 876 28.44 -13.17 13.47
C VAL B 876 28.32 -14.04 14.71
N LYS B 877 29.43 -14.60 15.16
CA LYS B 877 29.42 -15.40 16.38
C LYS B 877 28.89 -14.60 17.56
N LYS B 878 29.32 -13.35 17.71
CA LYS B 878 28.84 -12.53 18.81
C LYS B 878 27.34 -12.30 18.71
N MET B 879 26.83 -11.95 17.53
CA MET B 879 25.55 -11.27 17.41
C MET B 879 24.42 -12.10 16.81
N LYS B 880 24.67 -13.35 16.38
CA LYS B 880 23.69 -14.07 15.58
C LYS B 880 22.39 -14.32 16.35
N ASN B 881 22.48 -14.57 17.66
CA ASN B 881 21.27 -14.85 18.43
C ASN B 881 20.40 -13.61 18.60
N TYR B 882 21.02 -12.46 18.86
CA TYR B 882 20.28 -11.20 18.90
C TYR B 882 19.67 -10.88 17.54
N TRP B 883 20.42 -11.16 16.46
CA TRP B 883 19.86 -10.96 15.13
C TRP B 883 18.65 -11.85 14.89
N ARG B 884 18.70 -13.09 15.38
CA ARG B 884 17.58 -14.00 15.22
C ARG B 884 16.36 -13.54 16.01
N GLN B 885 16.60 -13.00 17.21
CA GLN B 885 15.49 -12.41 17.97
C GLN B 885 14.86 -11.26 17.18
N LEU B 886 15.69 -10.40 16.59
CA LEU B 886 15.16 -9.32 15.76
C LEU B 886 14.40 -9.87 14.56
N LEU B 887 14.87 -10.98 13.99
CA LEU B 887 14.23 -11.55 12.81
C LEU B 887 12.85 -12.11 13.15
N ASN B 888 12.74 -12.83 14.26
CA ASN B 888 11.45 -13.37 14.67
C ASN B 888 10.47 -12.27 15.06
N ALA B 889 10.97 -11.11 15.47
CA ALA B 889 10.14 -9.96 15.77
C ALA B 889 9.83 -9.12 14.54
N LYS B 890 10.25 -9.57 13.36
CA LYS B 890 10.06 -8.86 12.09
C LYS B 890 10.74 -7.50 12.06
N LEU B 891 11.72 -7.29 12.94
CA LEU B 891 12.47 -6.03 12.95
C LEU B 891 13.61 -6.04 11.95
N ILE B 892 13.97 -7.21 11.42
CA ILE B 892 14.83 -7.34 10.24
C ILE B 892 14.25 -8.45 9.38
N THR B 893 14.52 -8.39 8.08
CA THR B 893 13.96 -9.37 7.18
C THR B 893 14.90 -10.58 7.03
N GLN B 894 14.39 -11.61 6.36
CA GLN B 894 15.20 -12.80 6.10
C GLN B 894 16.41 -12.44 5.23
N ARG B 895 16.23 -11.53 4.28
CA ARG B 895 17.35 -11.11 3.45
C ARG B 895 18.42 -10.42 4.28
N LYS B 896 17.98 -9.53 5.17
CA LYS B 896 18.91 -8.82 6.06
C LYS B 896 19.65 -9.78 6.96
N PHE B 897 18.94 -10.76 7.53
CA PHE B 897 19.57 -11.74 8.40
C PHE B 897 20.58 -12.58 7.63
N ASP B 898 20.20 -13.03 6.43
CA ASP B 898 21.09 -13.87 5.63
C ASP B 898 22.36 -13.11 5.26
N ASN B 899 22.23 -11.83 4.89
CA ASN B 899 23.42 -11.07 4.53
C ASN B 899 24.29 -10.78 5.74
N LEU B 900 23.67 -10.46 6.88
CA LEU B 900 24.46 -10.24 8.10
C LEU B 900 25.25 -11.49 8.49
N THR B 901 24.68 -12.68 8.27
CA THR B 901 25.29 -13.92 8.71
C THR B 901 26.04 -14.66 7.61
N LYS B 902 26.27 -14.02 6.46
CA LYS B 902 26.85 -14.75 5.33
C LYS B 902 28.28 -15.19 5.57
N ALA B 903 28.99 -14.57 6.52
CA ALA B 903 30.40 -14.89 6.73
C ALA B 903 30.58 -16.35 7.16
N GLU B 904 29.71 -16.84 8.04
CA GLU B 904 29.80 -18.23 8.46
C GLU B 904 29.51 -19.19 7.32
N ARG B 905 28.94 -18.70 6.21
CA ARG B 905 28.72 -19.50 5.02
C ARG B 905 29.78 -19.26 3.95
N GLY B 906 30.90 -18.63 4.32
CA GLY B 906 31.95 -18.31 3.39
C GLY B 906 32.02 -16.85 3.00
N GLY B 907 31.06 -16.03 3.42
CA GLY B 907 31.09 -14.63 3.07
C GLY B 907 30.83 -14.40 1.59
N LEU B 908 31.37 -13.30 1.07
CA LEU B 908 31.23 -12.96 -0.34
C LEU B 908 32.33 -13.64 -1.13
N SER B 909 31.93 -14.44 -2.12
CA SER B 909 32.86 -15.05 -3.05
C SER B 909 33.06 -14.14 -4.26
N GLU B 910 34.04 -14.50 -5.09
CA GLU B 910 34.28 -13.74 -6.30
C GLU B 910 33.11 -13.87 -7.28
N LEU B 911 32.44 -15.02 -7.28
CA LEU B 911 31.23 -15.20 -8.06
C LEU B 911 30.17 -14.19 -7.64
N ASP B 912 29.99 -14.01 -6.33
CA ASP B 912 28.99 -13.07 -5.82
C ASP B 912 29.30 -11.64 -6.26
N LYS B 913 30.56 -11.24 -6.21
CA LYS B 913 30.94 -9.88 -6.58
C LYS B 913 30.77 -9.64 -8.08
N ALA B 914 31.22 -10.59 -8.89
CA ALA B 914 31.02 -10.48 -10.34
C ALA B 914 29.53 -10.38 -10.67
N GLY B 915 28.71 -11.19 -10.00
CA GLY B 915 27.27 -11.11 -10.20
C GLY B 915 26.69 -9.77 -9.78
N PHE B 916 27.21 -9.19 -8.70
CA PHE B 916 26.74 -7.89 -8.26
C PHE B 916 27.03 -6.81 -9.31
N ILE B 917 28.24 -6.82 -9.87
CA ILE B 917 28.57 -5.83 -10.90
C ILE B 917 27.69 -6.03 -12.14
N LYS B 918 27.56 -7.27 -12.60
CA LYS B 918 26.70 -7.55 -13.75
C LYS B 918 25.27 -7.09 -13.49
N ARG B 919 24.74 -7.38 -12.30
CA ARG B 919 23.43 -6.88 -11.91
C ARG B 919 23.35 -5.36 -12.00
N GLN B 920 24.43 -4.69 -11.60
CA GLN B 920 24.46 -3.23 -11.71
C GLN B 920 24.35 -2.78 -13.16
N LEU B 921 24.87 -3.56 -14.11
CA LEU B 921 24.86 -3.11 -15.49
C LEU B 921 23.73 -3.69 -16.34
N VAL B 922 23.27 -4.92 -16.07
CA VAL B 922 22.33 -5.61 -16.94
C VAL B 922 20.96 -5.63 -16.28
N GLU B 923 19.96 -5.10 -17.00
CA GLU B 923 18.61 -5.00 -16.47
C GLU B 923 17.90 -6.36 -16.50
N THR B 924 17.26 -6.71 -15.38
CA THR B 924 16.56 -7.99 -15.26
C THR B 924 15.15 -7.85 -14.68
N ARG B 925 14.60 -6.65 -14.62
CA ARG B 925 13.25 -6.49 -14.12
C ARG B 925 12.25 -7.01 -15.15
N GLN B 926 11.21 -7.70 -14.66
CA GLN B 926 10.21 -8.28 -15.54
C GLN B 926 9.47 -7.22 -16.34
N ILE B 927 9.20 -6.06 -15.72
CA ILE B 927 8.38 -5.06 -16.39
C ILE B 927 9.13 -4.43 -17.56
N THR B 928 10.44 -4.22 -17.41
CA THR B 928 11.23 -3.71 -18.53
C THR B 928 11.31 -4.73 -19.65
N LYS B 929 11.38 -6.02 -19.29
CA LYS B 929 11.32 -7.07 -20.29
C LYS B 929 9.99 -7.06 -21.04
N HIS B 930 8.90 -6.78 -20.33
CA HIS B 930 7.60 -6.73 -20.99
C HIS B 930 7.51 -5.54 -21.94
N VAL B 931 8.06 -4.40 -21.53
CA VAL B 931 8.12 -3.24 -22.43
C VAL B 931 8.92 -3.59 -23.69
N ALA B 932 10.08 -4.24 -23.50
CA ALA B 932 10.90 -4.66 -24.63
C ALA B 932 10.14 -5.60 -25.54
N GLN B 933 9.41 -6.57 -24.97
CA GLN B 933 8.65 -7.50 -25.79
C GLN B 933 7.58 -6.78 -26.59
N ILE B 934 6.87 -5.84 -25.96
CA ILE B 934 5.85 -5.09 -26.68
C ILE B 934 6.45 -4.40 -27.90
N LEU B 935 7.52 -3.63 -27.68
CA LEU B 935 8.13 -2.92 -28.80
C LEU B 935 8.68 -3.88 -29.85
N ASP B 936 9.27 -5.00 -29.41
CA ASP B 936 9.86 -5.93 -30.36
C ASP B 936 8.79 -6.57 -31.23
N SER B 937 7.69 -7.01 -30.61
CA SER B 937 6.62 -7.62 -31.39
C SER B 937 5.95 -6.60 -32.30
N ARG B 938 5.94 -5.32 -31.93
CA ARG B 938 5.35 -4.35 -32.84
C ARG B 938 6.27 -4.04 -34.02
N MET B 939 7.59 -4.02 -33.80
CA MET B 939 8.49 -3.64 -34.88
C MET B 939 8.83 -4.83 -35.80
N ASN B 940 9.04 -6.01 -35.23
CA ASN B 940 9.53 -7.18 -35.98
C ASN B 940 8.37 -8.15 -36.19
N THR B 941 7.90 -8.26 -37.44
CA THR B 941 6.69 -9.00 -37.74
C THR B 941 6.84 -10.05 -38.83
N LYS B 942 8.02 -10.21 -39.42
CA LYS B 942 8.19 -11.11 -40.55
C LYS B 942 9.10 -12.28 -40.17
N TYR B 943 8.90 -13.40 -40.86
CA TYR B 943 9.61 -14.64 -40.60
C TYR B 943 10.41 -15.05 -41.82
N ASP B 944 11.54 -15.72 -41.58
CA ASP B 944 12.44 -16.09 -42.66
C ASP B 944 12.06 -17.45 -43.23
N GLU B 945 12.97 -18.05 -44.02
CA GLU B 945 12.70 -19.33 -44.65
C GLU B 945 12.58 -20.46 -43.63
N ASN B 946 13.19 -20.32 -42.46
CA ASN B 946 13.05 -21.28 -41.37
C ASN B 946 11.92 -20.92 -40.41
N ASP B 947 11.12 -19.92 -40.76
CA ASP B 947 9.97 -19.47 -39.96
C ASP B 947 10.38 -18.93 -38.60
N LYS B 948 11.62 -18.46 -38.49
CA LYS B 948 12.06 -17.71 -37.32
C LYS B 948 11.83 -16.22 -37.55
N LEU B 949 11.55 -15.51 -36.48
CA LEU B 949 11.29 -14.07 -36.57
C LEU B 949 12.50 -13.35 -37.14
N ILE B 950 12.23 -12.35 -37.97
CA ILE B 950 13.28 -11.51 -38.55
C ILE B 950 13.38 -10.26 -37.68
N ARG B 951 14.46 -10.16 -36.90
CA ARG B 951 14.65 -9.09 -35.93
C ARG B 951 15.38 -7.93 -36.59
N GLU B 952 14.65 -7.24 -37.47
CA GLU B 952 15.22 -6.09 -38.17
C GLU B 952 15.42 -4.90 -37.25
N VAL B 953 14.62 -4.81 -36.19
CA VAL B 953 14.76 -3.77 -35.17
C VAL B 953 15.21 -4.44 -33.88
N LYS B 954 16.36 -4.03 -33.37
CA LYS B 954 16.88 -4.55 -32.11
C LYS B 954 16.44 -3.65 -30.97
N VAL B 955 15.84 -4.25 -29.96
CA VAL B 955 15.42 -3.53 -28.76
C VAL B 955 16.44 -3.82 -27.67
N ILE B 956 17.11 -2.77 -27.21
CA ILE B 956 18.16 -2.83 -26.21
C ILE B 956 17.64 -2.21 -24.92
N THR B 957 17.83 -2.90 -23.79
CA THR B 957 17.50 -2.36 -22.48
C THR B 957 18.78 -2.03 -21.73
N LEU B 958 18.82 -0.84 -21.13
CA LEU B 958 19.93 -0.42 -20.30
C LEU B 958 19.45 -0.06 -18.90
N LYS B 959 20.36 -0.17 -17.94
CA LYS B 959 20.11 0.37 -16.60
C LYS B 959 20.62 1.79 -16.53
N SER B 960 20.02 2.58 -15.64
CA SER B 960 20.37 3.99 -15.53
C SER B 960 21.84 4.20 -15.20
N LYS B 961 22.47 3.24 -14.52
CA LYS B 961 23.83 3.43 -14.06
C LYS B 961 24.80 3.61 -15.22
N LEU B 962 24.55 2.98 -16.36
CA LEU B 962 25.45 3.12 -17.51
C LEU B 962 25.57 4.57 -17.95
N VAL B 963 24.43 5.20 -18.24
CA VAL B 963 24.46 6.59 -18.69
C VAL B 963 24.84 7.52 -17.56
N SER B 964 24.47 7.19 -16.32
CA SER B 964 24.90 8.01 -15.18
C SER B 964 26.42 8.04 -15.08
N ASP B 965 27.06 6.89 -15.19
CA ASP B 965 28.52 6.82 -15.14
C ASP B 965 29.14 7.50 -16.35
N PHE B 966 28.52 7.35 -17.53
CA PHE B 966 28.99 8.05 -18.71
C PHE B 966 28.99 9.56 -18.49
N ARG B 967 27.87 10.09 -18.00
CA ARG B 967 27.77 11.51 -17.68
C ARG B 967 28.87 11.93 -16.71
N LYS B 968 29.05 11.18 -15.63
CA LYS B 968 30.02 11.62 -14.62
C LYS B 968 31.46 11.46 -15.11
N ASP B 969 31.73 10.47 -15.97
CA ASP B 969 33.10 10.26 -16.44
C ASP B 969 33.50 11.30 -17.48
N PHE B 970 32.57 11.71 -18.34
CA PHE B 970 32.90 12.63 -19.41
C PHE B 970 32.32 14.02 -19.20
N GLN B 971 31.84 14.30 -18.00
CA GLN B 971 31.41 15.65 -17.61
C GLN B 971 30.27 16.15 -18.49
N PHE B 972 29.27 15.28 -18.68
CA PHE B 972 27.99 15.68 -19.26
C PHE B 972 26.94 15.73 -18.16
N TYR B 973 27.18 16.61 -17.18
CA TYR B 973 26.46 16.57 -15.93
C TYR B 973 25.00 16.95 -16.10
N LYS B 974 24.15 16.43 -15.21
CA LYS B 974 22.74 16.77 -15.19
C LYS B 974 22.40 17.49 -13.89
N VAL B 975 21.50 18.47 -14.00
CA VAL B 975 20.89 19.13 -12.86
C VAL B 975 19.39 19.12 -13.13
N ARG B 976 18.67 18.29 -12.38
CA ARG B 976 17.24 18.12 -12.62
C ARG B 976 16.48 19.43 -12.47
N GLU B 977 16.91 20.30 -11.57
CA GLU B 977 16.12 21.47 -11.22
C GLU B 977 16.14 22.56 -12.28
N ILE B 978 17.12 22.54 -13.19
CA ILE B 978 17.28 23.67 -14.11
C ILE B 978 16.13 23.74 -15.10
N ASN B 979 15.76 22.61 -15.69
CA ASN B 979 14.62 22.54 -16.60
C ASN B 979 14.29 21.07 -16.81
N ASN B 980 13.39 20.79 -17.76
CA ASN B 980 12.98 19.42 -18.04
C ASN B 980 13.81 18.76 -19.14
N TYR B 981 14.87 19.41 -19.61
CA TYR B 981 15.62 18.87 -20.74
C TYR B 981 16.32 17.57 -20.40
N HIS B 982 16.63 17.35 -19.11
CA HIS B 982 17.45 16.19 -18.75
C HIS B 982 16.76 14.87 -19.09
N HIS B 983 15.42 14.84 -19.09
CA HIS B 983 14.72 13.64 -19.58
C HIS B 983 15.12 13.33 -21.02
N ALA B 984 15.05 14.34 -21.89
CA ALA B 984 15.38 14.17 -23.30
C ALA B 984 16.86 13.84 -23.48
N HIS B 985 17.72 14.50 -22.70
CA HIS B 985 19.15 14.22 -22.78
C HIS B 985 19.46 12.79 -22.32
N ASP B 986 18.73 12.31 -21.33
CA ASP B 986 18.88 10.92 -20.90
C ASP B 986 18.54 9.98 -22.04
N ALA B 987 17.41 10.22 -22.72
CA ALA B 987 17.04 9.36 -23.85
C ALA B 987 18.11 9.39 -24.94
N TYR B 988 18.62 10.58 -25.25
CA TYR B 988 19.66 10.70 -26.27
C TYR B 988 20.91 9.91 -25.90
N LEU B 989 21.42 10.12 -24.68
CA LEU B 989 22.62 9.41 -24.24
C LEU B 989 22.37 7.91 -24.17
N ASN B 990 21.13 7.50 -23.88
CA ASN B 990 20.79 6.08 -23.91
C ASN B 990 20.98 5.51 -25.30
N ALA B 991 20.43 6.19 -26.32
CA ALA B 991 20.62 5.73 -27.69
C ALA B 991 22.10 5.65 -28.04
N VAL B 992 22.86 6.69 -27.68
CA VAL B 992 24.28 6.74 -28.03
C VAL B 992 25.03 5.56 -27.40
N VAL B 993 24.91 5.43 -26.08
CA VAL B 993 25.68 4.41 -25.35
C VAL B 993 25.25 3.01 -25.78
N GLY B 994 23.95 2.78 -25.95
CA GLY B 994 23.49 1.45 -26.32
C GLY B 994 23.96 1.02 -27.69
N THR B 995 23.80 1.90 -28.68
CA THR B 995 24.24 1.55 -30.03
C THR B 995 25.74 1.35 -30.09
N ALA B 996 26.51 2.23 -29.43
CA ALA B 996 27.95 2.07 -29.43
C ALA B 996 28.37 0.78 -28.72
N LEU B 997 27.71 0.46 -27.60
CA LEU B 997 28.07 -0.71 -26.81
C LEU B 997 27.85 -1.99 -27.60
N ILE B 998 26.70 -2.10 -28.27
CA ILE B 998 26.48 -3.32 -29.04
C ILE B 998 27.22 -3.32 -30.37
N LYS B 999 27.64 -2.15 -30.88
CA LYS B 999 28.57 -2.15 -32.01
C LYS B 999 29.94 -2.66 -31.60
N LYS B 1000 30.36 -2.37 -30.36
CA LYS B 1000 31.70 -2.74 -29.92
C LYS B 1000 31.77 -4.22 -29.55
N TYR B 1001 30.79 -4.73 -28.82
CA TYR B 1001 30.78 -6.11 -28.34
C TYR B 1001 29.47 -6.78 -28.77
N PRO B 1002 29.38 -7.20 -30.04
CA PRO B 1002 28.13 -7.86 -30.49
C PRO B 1002 27.76 -9.09 -29.67
N LYS B 1003 28.74 -9.78 -29.10
CA LYS B 1003 28.46 -10.92 -28.23
C LYS B 1003 27.50 -10.54 -27.10
N LEU B 1004 27.55 -9.29 -26.65
CA LEU B 1004 26.69 -8.83 -25.56
C LEU B 1004 25.22 -8.80 -25.93
N GLU B 1005 24.84 -9.10 -27.18
CA GLU B 1005 23.44 -8.96 -27.56
C GLU B 1005 22.53 -9.79 -26.67
N SER B 1006 22.94 -11.01 -26.33
CA SER B 1006 22.14 -11.85 -25.44
C SER B 1006 21.81 -11.14 -24.13
N GLU B 1007 22.76 -10.38 -23.60
CA GLU B 1007 22.52 -9.63 -22.37
C GLU B 1007 21.54 -8.48 -22.57
N PHE B 1008 21.61 -7.80 -23.72
CA PHE B 1008 20.99 -6.49 -23.87
C PHE B 1008 19.87 -6.43 -24.90
N VAL B 1009 19.86 -7.30 -25.89
CA VAL B 1009 18.88 -7.25 -26.98
C VAL B 1009 17.77 -8.25 -26.67
N TYR B 1010 16.52 -7.82 -26.83
CA TYR B 1010 15.40 -8.71 -26.60
C TYR B 1010 15.37 -9.81 -27.64
N GLY B 1011 15.07 -11.03 -27.19
CA GLY B 1011 14.91 -12.18 -28.05
C GLY B 1011 16.11 -13.12 -27.99
N ASP B 1012 15.90 -14.29 -28.60
CA ASP B 1012 16.97 -15.27 -28.83
C ASP B 1012 16.41 -16.48 -29.59
N LYS B 1031 37.31 -18.17 -13.46
CA LYS B 1031 36.40 -17.54 -14.42
C LYS B 1031 35.61 -16.41 -13.75
N ALA B 1032 35.40 -16.52 -12.44
CA ALA B 1032 34.69 -15.48 -11.72
C ALA B 1032 35.47 -14.16 -11.73
N THR B 1033 36.77 -14.23 -11.48
CA THR B 1033 37.61 -13.04 -11.61
C THR B 1033 37.56 -12.49 -13.03
N ALA B 1034 37.48 -13.38 -14.03
CA ALA B 1034 37.44 -12.95 -15.42
C ALA B 1034 36.19 -12.12 -15.71
N LYS B 1035 35.02 -12.61 -15.31
CA LYS B 1035 33.79 -11.86 -15.57
C LYS B 1035 33.69 -10.62 -14.71
N TYR B 1036 34.20 -10.65 -13.48
CA TYR B 1036 34.28 -9.44 -12.67
C TYR B 1036 35.11 -8.37 -13.38
N PHE B 1037 36.32 -8.73 -13.80
CA PHE B 1037 37.17 -7.82 -14.57
C PHE B 1037 36.47 -7.33 -15.82
N PHE B 1038 35.78 -8.22 -16.53
CA PHE B 1038 35.16 -7.86 -17.80
C PHE B 1038 34.03 -6.86 -17.62
N TYR B 1039 33.05 -7.19 -16.79
CA TYR B 1039 31.91 -6.29 -16.61
C TYR B 1039 32.29 -5.03 -15.85
N SER B 1040 33.38 -5.05 -15.07
CA SER B 1040 33.83 -3.82 -14.44
C SER B 1040 34.58 -2.91 -15.41
N ASN B 1041 34.98 -3.42 -16.58
CA ASN B 1041 35.73 -2.65 -17.56
C ASN B 1041 35.01 -2.58 -18.90
N ILE B 1042 33.70 -2.85 -18.92
CA ILE B 1042 32.97 -2.92 -20.18
C ILE B 1042 32.89 -1.56 -20.86
N MET B 1043 32.93 -0.47 -20.10
CA MET B 1043 32.80 0.88 -20.62
C MET B 1043 34.13 1.60 -20.77
N ASN B 1044 35.25 0.87 -20.71
CA ASN B 1044 36.56 1.50 -20.82
C ASN B 1044 36.91 1.88 -22.25
N PHE B 1045 36.29 1.26 -23.25
CA PHE B 1045 36.60 1.62 -24.64
C PHE B 1045 36.27 3.06 -24.96
N PHE B 1046 35.34 3.68 -24.22
CA PHE B 1046 35.13 5.13 -24.38
C PHE B 1046 36.35 5.92 -23.93
N LYS B 1047 36.99 5.50 -22.83
CA LYS B 1047 38.07 6.25 -22.23
C LYS B 1047 39.30 6.29 -23.14
N THR B 1048 40.13 7.31 -22.93
CA THR B 1048 41.40 7.41 -23.63
C THR B 1048 42.54 6.79 -22.82
N GLU B 1049 42.58 7.02 -21.51
CA GLU B 1049 43.50 6.36 -20.60
C GLU B 1049 42.72 5.66 -19.50
N ILE B 1050 43.23 4.52 -19.05
CA ILE B 1050 42.57 3.69 -18.05
C ILE B 1050 43.47 3.58 -16.83
N THR B 1051 42.84 3.59 -15.65
CA THR B 1051 43.55 3.44 -14.38
C THR B 1051 44.66 4.48 -14.22
N LYS B 1059 46.55 2.97 -21.74
CA LYS B 1059 46.04 3.88 -22.78
C LYS B 1059 45.44 3.10 -23.95
N ARG B 1060 44.48 3.71 -24.62
CA ARG B 1060 43.75 3.12 -25.73
C ARG B 1060 43.85 4.02 -26.95
N PRO B 1061 43.57 3.51 -28.15
CA PRO B 1061 43.62 4.36 -29.34
C PRO B 1061 42.57 5.46 -29.29
N LEU B 1062 42.71 6.41 -30.21
CA LEU B 1062 41.71 7.46 -30.32
C LEU B 1062 40.46 7.01 -31.05
N ILE B 1063 40.58 6.00 -31.92
CA ILE B 1063 39.46 5.46 -32.67
C ILE B 1063 39.25 4.02 -32.24
N GLU B 1064 38.10 3.74 -31.64
CA GLU B 1064 37.71 2.39 -31.27
C GLU B 1064 36.85 1.79 -32.38
N THR B 1065 37.19 0.58 -32.78
CA THR B 1065 36.55 -0.16 -33.86
C THR B 1065 36.03 -1.49 -33.33
N ASN B 1066 35.35 -2.23 -34.20
CA ASN B 1066 34.95 -3.59 -33.90
C ASN B 1066 36.03 -4.55 -34.37
N GLY B 1067 36.39 -5.51 -33.52
CA GLY B 1067 37.50 -6.39 -33.83
C GLY B 1067 37.27 -7.26 -35.04
N GLU B 1068 36.03 -7.69 -35.27
CA GLU B 1068 35.71 -8.59 -36.36
C GLU B 1068 35.31 -7.83 -37.63
N THR B 1069 34.27 -7.00 -37.54
CA THR B 1069 33.80 -6.28 -38.72
C THR B 1069 34.77 -5.17 -39.13
N GLY B 1070 35.59 -4.68 -38.21
CA GLY B 1070 36.49 -3.59 -38.53
C GLY B 1070 35.82 -2.24 -38.69
N GLU B 1071 34.56 -2.12 -38.30
CA GLU B 1071 33.81 -0.88 -38.44
C GLU B 1071 34.04 0.01 -37.23
N ILE B 1072 34.13 1.32 -37.49
CA ILE B 1072 34.37 2.28 -36.42
C ILE B 1072 33.15 2.37 -35.52
N VAL B 1073 33.38 2.28 -34.22
CA VAL B 1073 32.30 2.46 -33.26
C VAL B 1073 32.41 3.79 -32.53
N TRP B 1074 33.61 4.29 -32.28
CA TRP B 1074 33.74 5.53 -31.52
C TRP B 1074 35.00 6.27 -31.95
N ASP B 1075 34.88 7.59 -32.07
CA ASP B 1075 35.99 8.47 -32.40
C ASP B 1075 36.12 9.45 -31.23
N LYS B 1076 37.11 9.22 -30.36
CA LYS B 1076 37.28 10.04 -29.18
C LYS B 1076 37.63 11.50 -29.49
N GLY B 1077 37.67 11.88 -30.76
CA GLY B 1077 37.69 13.28 -31.13
C GLY B 1077 36.30 13.82 -31.38
N ARG B 1078 35.70 13.43 -32.51
CA ARG B 1078 34.47 14.07 -32.97
C ARG B 1078 33.26 13.69 -32.12
N ASP B 1079 33.17 12.41 -31.72
CA ASP B 1079 31.90 11.91 -31.18
C ASP B 1079 31.55 12.57 -29.84
N PHE B 1080 32.55 12.83 -28.99
CA PHE B 1080 32.28 13.56 -27.76
C PHE B 1080 31.82 14.99 -28.05
N ALA B 1081 32.42 15.65 -29.05
CA ALA B 1081 31.94 16.96 -29.44
C ALA B 1081 30.53 16.90 -30.01
N THR B 1082 30.19 15.79 -30.68
CA THR B 1082 28.82 15.61 -31.16
C THR B 1082 27.85 15.54 -29.98
N VAL B 1083 28.18 14.75 -28.97
CA VAL B 1083 27.34 14.67 -27.78
C VAL B 1083 27.19 16.04 -27.13
N ARG B 1084 28.30 16.79 -27.05
CA ARG B 1084 28.26 18.10 -26.41
C ARG B 1084 27.36 19.06 -27.19
N LYS B 1085 27.44 19.02 -28.53
CA LYS B 1085 26.56 19.86 -29.33
C LYS B 1085 25.10 19.46 -29.16
N VAL B 1086 24.81 18.17 -29.04
CA VAL B 1086 23.44 17.74 -28.84
C VAL B 1086 22.90 18.27 -27.52
N LEU B 1087 23.66 18.05 -26.43
CA LEU B 1087 23.22 18.53 -25.13
C LEU B 1087 23.15 20.05 -25.05
N SER B 1088 23.86 20.77 -25.93
CA SER B 1088 23.82 22.23 -25.91
C SER B 1088 22.65 22.83 -26.69
N MET B 1089 21.89 22.02 -27.42
CA MET B 1089 20.84 22.57 -28.29
C MET B 1089 19.72 23.19 -27.45
N PRO B 1090 19.38 24.47 -27.68
CA PRO B 1090 18.32 25.11 -26.88
C PRO B 1090 16.91 24.70 -27.25
N GLN B 1091 16.67 24.25 -28.48
CA GLN B 1091 15.31 23.88 -28.92
C GLN B 1091 15.10 22.39 -28.68
N VAL B 1092 14.47 22.06 -27.55
CA VAL B 1092 14.07 20.70 -27.21
C VAL B 1092 12.56 20.67 -27.07
N ASN B 1093 11.93 19.59 -27.55
CA ASN B 1093 10.46 19.53 -27.62
C ASN B 1093 9.90 18.97 -26.32
N ILE B 1094 9.73 19.85 -25.35
CA ILE B 1094 9.08 19.51 -24.09
C ILE B 1094 7.58 19.72 -24.25
N VAL B 1095 6.80 18.65 -24.06
CA VAL B 1095 5.34 18.68 -24.27
C VAL B 1095 4.66 18.22 -22.99
N LYS B 1096 3.83 19.09 -22.42
CA LYS B 1096 3.00 18.74 -21.27
C LYS B 1096 1.66 18.20 -21.75
N LYS B 1097 1.38 16.94 -21.42
CA LYS B 1097 0.16 16.28 -21.88
C LYS B 1097 -1.07 17.00 -21.36
N THR B 1098 -1.92 17.47 -22.26
CA THR B 1098 -3.17 18.10 -21.86
C THR B 1098 -4.16 17.02 -21.46
N GLU B 1099 -4.84 17.24 -20.33
CA GLU B 1099 -5.71 16.19 -19.78
C GLU B 1099 -6.99 16.81 -19.22
N VAL B 1100 -8.12 16.21 -19.57
CA VAL B 1100 -9.36 16.47 -18.87
C VAL B 1100 -9.21 16.02 -17.42
N GLN B 1101 -9.80 16.78 -16.50
CA GLN B 1101 -9.70 16.47 -15.08
C GLN B 1101 -10.90 15.65 -14.65
N THR B 1102 -10.63 14.62 -13.85
CA THR B 1102 -11.64 13.67 -13.38
C THR B 1102 -11.51 13.51 -11.87
N GLY B 1103 -12.50 12.85 -11.27
CA GLY B 1103 -12.46 12.51 -9.87
C GLY B 1103 -13.63 13.12 -9.09
N GLY B 1104 -13.36 13.46 -7.83
CA GLY B 1104 -14.38 14.05 -7.01
C GLY B 1104 -14.82 15.40 -7.55
N PHE B 1105 -16.10 15.72 -7.32
CA PHE B 1105 -16.64 16.98 -7.82
C PHE B 1105 -15.88 18.17 -7.27
N SER B 1106 -15.53 18.13 -5.98
CA SER B 1106 -15.03 19.29 -5.27
C SER B 1106 -14.32 18.82 -4.02
N LYS B 1107 -13.85 19.77 -3.22
CA LYS B 1107 -13.46 19.45 -1.86
C LYS B 1107 -14.65 18.86 -1.12
N GLU B 1108 -14.36 17.94 -0.20
CA GLU B 1108 -15.41 17.20 0.49
C GLU B 1108 -15.96 17.93 1.71
N SER B 1109 -15.23 18.91 2.23
CA SER B 1109 -15.65 19.58 3.46
C SER B 1109 -17.05 20.17 3.29
N ILE B 1110 -17.89 19.98 4.31
CA ILE B 1110 -19.26 20.47 4.31
C ILE B 1110 -19.26 21.77 5.10
N LEU B 1111 -19.22 22.88 4.37
CA LEU B 1111 -19.03 24.18 4.99
C LEU B 1111 -20.32 24.72 5.58
N PRO B 1112 -20.22 25.57 6.60
CA PRO B 1112 -21.42 26.21 7.15
C PRO B 1112 -22.04 27.19 6.16
N LYS B 1113 -23.31 27.49 6.39
CA LYS B 1113 -24.04 28.37 5.48
C LYS B 1113 -23.34 29.72 5.40
N ARG B 1114 -23.46 30.35 4.24
CA ARG B 1114 -22.68 31.53 3.91
C ARG B 1114 -23.38 32.22 2.76
N ASN B 1115 -23.29 33.54 2.73
CA ASN B 1115 -23.83 34.33 1.63
C ASN B 1115 -22.74 34.42 0.57
N SER B 1116 -22.67 33.39 -0.27
CA SER B 1116 -21.66 33.34 -1.32
C SER B 1116 -22.15 32.43 -2.42
N ASP B 1117 -22.02 32.88 -3.67
CA ASP B 1117 -22.39 32.04 -4.81
C ASP B 1117 -21.44 30.87 -5.01
N LYS B 1118 -20.32 30.83 -4.29
CA LYS B 1118 -19.40 29.70 -4.43
C LYS B 1118 -19.98 28.42 -3.85
N LEU B 1119 -20.86 28.53 -2.85
CA LEU B 1119 -21.39 27.34 -2.22
C LEU B 1119 -22.26 26.54 -3.20
N ILE B 1120 -22.25 25.23 -3.01
CA ILE B 1120 -22.96 24.29 -3.90
C ILE B 1120 -23.85 23.41 -3.03
N ALA B 1121 -25.11 23.27 -3.44
CA ALA B 1121 -26.08 22.53 -2.64
C ALA B 1121 -25.75 21.04 -2.58
N ARG B 1122 -25.84 20.46 -1.39
CA ARG B 1122 -25.57 19.03 -1.22
C ARG B 1122 -26.77 18.16 -1.59
N LYS B 1123 -27.96 18.74 -1.64
CA LYS B 1123 -29.15 18.10 -2.16
C LYS B 1123 -29.94 19.14 -2.93
N LYS B 1124 -30.82 18.66 -3.82
CA LYS B 1124 -31.44 19.53 -4.82
C LYS B 1124 -32.08 20.77 -4.19
N ASP B 1125 -32.79 20.61 -3.07
CA ASP B 1125 -33.53 21.70 -2.47
C ASP B 1125 -32.88 22.26 -1.22
N TRP B 1126 -31.60 21.96 -0.99
CA TRP B 1126 -30.89 22.43 0.20
C TRP B 1126 -30.12 23.71 -0.18
N ASP B 1127 -30.87 24.82 -0.27
CA ASP B 1127 -30.34 26.14 -0.55
C ASP B 1127 -29.09 26.41 0.30
N PRO B 1128 -27.91 26.51 -0.32
CA PRO B 1128 -26.68 26.61 0.48
C PRO B 1128 -26.64 27.83 1.40
N LYS B 1129 -27.39 28.88 1.08
CA LYS B 1129 -27.46 30.04 1.96
C LYS B 1129 -28.16 29.72 3.28
N LYS B 1130 -29.01 28.68 3.29
CA LYS B 1130 -29.66 28.21 4.51
C LYS B 1130 -28.98 26.99 5.12
N TYR B 1131 -28.38 26.12 4.31
CA TYR B 1131 -27.98 24.79 4.76
C TYR B 1131 -26.48 24.51 4.63
N GLY B 1132 -25.68 25.47 4.18
CA GLY B 1132 -24.28 25.18 3.91
C GLY B 1132 -24.13 24.29 2.67
N GLY B 1133 -22.89 23.89 2.42
CA GLY B 1133 -22.64 23.04 1.26
C GLY B 1133 -21.16 22.95 0.94
N PHE B 1134 -20.87 22.62 -0.31
CA PHE B 1134 -19.50 22.47 -0.79
C PHE B 1134 -19.05 23.76 -1.48
N ASP B 1135 -17.73 23.87 -1.67
CA ASP B 1135 -17.18 24.82 -2.63
C ASP B 1135 -15.93 24.19 -3.22
N SER B 1136 -15.14 25.00 -3.90
CA SER B 1136 -13.92 24.55 -4.57
C SER B 1136 -14.16 23.37 -5.51
N PRO B 1137 -15.04 23.51 -6.50
CA PRO B 1137 -15.19 22.43 -7.48
C PRO B 1137 -13.99 22.35 -8.39
N THR B 1138 -13.83 21.21 -9.03
CA THR B 1138 -12.75 20.98 -9.96
C THR B 1138 -13.26 21.16 -11.38
N VAL B 1139 -12.53 21.93 -12.18
CA VAL B 1139 -12.88 22.12 -13.58
C VAL B 1139 -12.35 20.94 -14.39
N ALA B 1140 -13.23 20.25 -15.10
CA ALA B 1140 -12.82 19.16 -15.98
C ALA B 1140 -12.08 19.69 -17.20
N TYR B 1141 -12.61 20.75 -17.81
CA TYR B 1141 -11.95 21.48 -18.87
C TYR B 1141 -12.66 22.83 -19.03
N SER B 1142 -11.95 23.79 -19.62
CA SER B 1142 -12.54 25.08 -19.93
C SER B 1142 -13.11 25.07 -21.34
N VAL B 1143 -13.89 26.10 -21.65
CA VAL B 1143 -14.50 26.25 -22.97
C VAL B 1143 -14.46 27.72 -23.36
N LEU B 1144 -14.00 28.00 -24.57
CA LEU B 1144 -13.96 29.37 -25.08
C LEU B 1144 -15.31 29.71 -25.71
N VAL B 1145 -16.01 30.69 -25.14
CA VAL B 1145 -17.36 31.03 -25.57
C VAL B 1145 -17.34 32.41 -26.23
N VAL B 1146 -17.83 32.45 -27.47
CA VAL B 1146 -18.06 33.71 -28.18
C VAL B 1146 -19.57 33.86 -28.29
N ALA B 1147 -20.13 34.80 -27.53
CA ALA B 1147 -21.58 34.93 -27.45
C ALA B 1147 -21.91 36.37 -27.03
N LYS B 1148 -23.14 36.58 -26.57
CA LYS B 1148 -23.56 37.84 -25.98
C LYS B 1148 -24.18 37.57 -24.62
N VAL B 1149 -23.99 38.50 -23.69
CA VAL B 1149 -24.53 38.40 -22.35
C VAL B 1149 -25.35 39.65 -22.05
N GLU B 1150 -26.48 39.46 -21.38
CA GLU B 1150 -27.30 40.59 -20.94
C GLU B 1150 -26.54 41.42 -19.92
N LYS B 1151 -26.63 42.74 -20.06
CA LYS B 1151 -25.94 43.66 -19.18
C LYS B 1151 -26.91 44.72 -18.66
N GLY B 1152 -26.83 45.00 -17.36
CA GLY B 1152 -27.67 46.01 -16.74
C GLY B 1152 -29.10 45.53 -16.55
N LYS B 1153 -29.88 46.40 -15.92
CA LYS B 1153 -31.31 46.11 -15.71
C LYS B 1153 -32.05 45.94 -17.02
N SER B 1154 -31.65 46.71 -18.05
CA SER B 1154 -32.28 46.62 -19.36
C SER B 1154 -31.97 45.31 -20.08
N LYS B 1155 -30.99 44.54 -19.60
CA LYS B 1155 -30.60 43.27 -20.22
C LYS B 1155 -30.20 43.48 -21.69
N LYS B 1156 -29.34 44.48 -21.90
CA LYS B 1156 -28.84 44.82 -23.22
C LYS B 1156 -27.73 43.88 -23.63
N LEU B 1157 -27.87 43.25 -24.79
CA LEU B 1157 -26.92 42.24 -25.23
C LEU B 1157 -25.58 42.86 -25.61
N LYS B 1158 -24.50 42.31 -25.06
CA LYS B 1158 -23.14 42.77 -25.30
C LYS B 1158 -22.25 41.59 -25.65
N SER B 1159 -21.48 41.72 -26.73
CA SER B 1159 -20.65 40.62 -27.20
C SER B 1159 -19.49 40.38 -26.24
N VAL B 1160 -19.26 39.11 -25.91
CA VAL B 1160 -18.17 38.70 -25.04
C VAL B 1160 -17.39 37.55 -25.66
N LYS B 1161 -16.14 37.43 -25.27
CA LYS B 1161 -15.33 36.25 -25.49
C LYS B 1161 -14.64 35.94 -24.17
N GLU B 1162 -14.91 34.77 -23.61
CA GLU B 1162 -14.36 34.44 -22.31
C GLU B 1162 -14.23 32.94 -22.13
N LEU B 1163 -13.54 32.57 -21.05
CA LEU B 1163 -13.31 31.18 -20.67
C LEU B 1163 -14.30 30.77 -19.59
N LEU B 1164 -15.07 29.72 -19.84
CA LEU B 1164 -15.98 29.16 -18.85
C LEU B 1164 -15.47 27.79 -18.43
N GLY B 1165 -15.25 27.61 -17.14
CA GLY B 1165 -14.88 26.32 -16.61
C GLY B 1165 -16.08 25.40 -16.45
N ILE B 1166 -16.10 24.32 -17.21
CA ILE B 1166 -17.08 23.26 -17.02
C ILE B 1166 -16.55 22.39 -15.88
N THR B 1167 -17.32 22.30 -14.79
CA THR B 1167 -16.86 21.47 -13.68
C THR B 1167 -17.13 19.99 -13.95
N ILE B 1168 -16.44 19.14 -13.19
CA ILE B 1168 -16.67 17.70 -13.29
C ILE B 1168 -18.16 17.39 -13.15
N MET B 1169 -18.82 18.01 -12.17
CA MET B 1169 -20.23 17.73 -11.95
C MET B 1169 -21.11 18.20 -13.11
N GLU B 1170 -20.73 19.29 -13.76
CA GLU B 1170 -21.51 19.86 -14.87
C GLU B 1170 -21.21 19.21 -16.22
N ARG B 1171 -20.20 18.34 -16.29
CA ARG B 1171 -19.67 17.92 -17.58
C ARG B 1171 -20.70 17.15 -18.41
N SER B 1172 -21.39 16.19 -17.80
CA SER B 1172 -22.36 15.40 -18.56
C SER B 1172 -23.49 16.26 -19.08
N SER B 1173 -23.98 17.18 -18.25
CA SER B 1173 -25.05 18.08 -18.68
C SER B 1173 -24.60 18.96 -19.83
N PHE B 1174 -23.37 19.49 -19.73
CA PHE B 1174 -22.86 20.36 -20.80
C PHE B 1174 -22.68 19.59 -22.10
N GLU B 1175 -22.14 18.37 -22.04
CA GLU B 1175 -21.89 17.62 -23.26
C GLU B 1175 -23.19 17.10 -23.88
N LYS B 1176 -24.21 16.82 -23.06
CA LYS B 1176 -25.46 16.32 -23.62
C LYS B 1176 -26.11 17.35 -24.54
N ASN B 1177 -26.02 18.63 -24.20
CA ASN B 1177 -26.51 19.68 -25.09
C ASN B 1177 -25.84 21.02 -24.77
N PRO B 1178 -24.73 21.35 -25.43
CA PRO B 1178 -23.94 22.51 -24.99
C PRO B 1178 -24.65 23.84 -25.13
N ILE B 1179 -25.45 24.04 -26.18
CA ILE B 1179 -26.12 25.32 -26.39
C ILE B 1179 -27.07 25.61 -25.24
N ASP B 1180 -27.89 24.63 -24.87
CA ASP B 1180 -28.83 24.81 -23.76
C ASP B 1180 -28.10 25.10 -22.45
N PHE B 1181 -26.99 24.42 -22.19
CA PHE B 1181 -26.22 24.66 -20.98
C PHE B 1181 -25.69 26.08 -20.94
N LEU B 1182 -25.06 26.53 -22.03
CA LEU B 1182 -24.50 27.87 -22.06
C LEU B 1182 -25.59 28.94 -21.98
N GLU B 1183 -26.77 28.66 -22.52
CA GLU B 1183 -27.88 29.61 -22.39
C GLU B 1183 -28.40 29.63 -20.96
N ALA B 1184 -28.42 28.48 -20.28
CA ALA B 1184 -28.78 28.47 -18.87
C ALA B 1184 -27.78 29.23 -18.02
N LYS B 1185 -26.50 29.25 -18.43
CA LYS B 1185 -25.50 30.02 -17.72
C LYS B 1185 -25.59 31.52 -18.00
N GLY B 1186 -26.33 31.91 -19.03
CA GLY B 1186 -26.54 33.32 -19.33
C GLY B 1186 -26.07 33.78 -20.70
N TYR B 1187 -25.43 32.93 -21.50
CA TYR B 1187 -24.89 33.33 -22.80
C TYR B 1187 -25.95 33.23 -23.89
N LYS B 1188 -26.01 34.25 -24.73
CA LYS B 1188 -27.00 34.34 -25.80
C LYS B 1188 -26.29 34.36 -27.15
N GLU B 1189 -26.90 33.70 -28.14
CA GLU B 1189 -26.39 33.65 -29.51
C GLU B 1189 -24.97 33.10 -29.56
N VAL B 1190 -24.78 31.94 -28.93
CA VAL B 1190 -23.47 31.31 -28.90
C VAL B 1190 -23.07 30.91 -30.31
N LYS B 1191 -21.82 31.21 -30.67
CA LYS B 1191 -21.23 30.73 -31.92
C LYS B 1191 -20.81 29.28 -31.70
N LYS B 1192 -21.70 28.35 -32.04
CA LYS B 1192 -21.47 26.95 -31.70
C LYS B 1192 -20.18 26.43 -32.30
N ASP B 1193 -19.87 26.82 -33.54
CA ASP B 1193 -18.69 26.32 -34.22
C ASP B 1193 -17.40 27.03 -33.80
N LEU B 1194 -17.48 28.04 -32.94
CA LEU B 1194 -16.30 28.67 -32.38
C LEU B 1194 -15.98 28.18 -30.97
N ILE B 1195 -16.79 27.30 -30.41
CA ILE B 1195 -16.48 26.72 -29.11
C ILE B 1195 -15.20 25.92 -29.21
N ILE B 1196 -14.26 26.20 -28.31
CA ILE B 1196 -13.01 25.46 -28.23
C ILE B 1196 -12.93 24.80 -26.86
N LYS B 1197 -12.70 23.48 -26.85
CA LYS B 1197 -12.49 22.72 -25.63
C LYS B 1197 -11.03 22.86 -25.21
N LEU B 1198 -10.80 23.32 -23.99
CA LEU B 1198 -9.46 23.64 -23.49
C LEU B 1198 -9.19 22.89 -22.20
N PRO B 1199 -8.61 21.70 -22.28
CA PRO B 1199 -8.27 20.97 -21.05
C PRO B 1199 -7.14 21.66 -20.30
N LYS B 1200 -6.92 21.20 -19.07
CA LYS B 1200 -5.79 21.67 -18.28
C LYS B 1200 -4.50 21.51 -19.08
N TYR B 1201 -3.64 22.52 -18.99
CA TYR B 1201 -2.33 22.63 -19.63
C TYR B 1201 -2.40 23.01 -21.10
N SER B 1202 -3.57 23.42 -21.62
CA SER B 1202 -3.63 23.98 -22.96
C SER B 1202 -2.62 25.10 -23.08
N LEU B 1203 -1.91 25.13 -24.21
CA LEU B 1203 -0.74 25.98 -24.38
C LEU B 1203 -1.08 27.23 -25.20
N PHE B 1204 -0.62 28.39 -24.72
CA PHE B 1204 -0.80 29.67 -25.41
C PHE B 1204 0.53 30.38 -25.49
N GLU B 1205 0.82 30.95 -26.66
CA GLU B 1205 1.97 31.82 -26.84
C GLU B 1205 1.51 33.25 -27.02
N LEU B 1206 2.20 34.16 -26.33
CA LEU B 1206 1.87 35.58 -26.40
C LEU B 1206 3.00 36.36 -27.06
N GLU B 1207 3.43 37.44 -26.43
CA GLU B 1207 4.47 38.28 -27.02
C GLU B 1207 5.84 37.86 -26.53
N ASN B 1208 6.82 38.00 -27.42
CA ASN B 1208 8.24 37.76 -27.13
C ASN B 1208 8.52 36.30 -26.75
N GLY B 1209 7.78 35.36 -27.33
CA GLY B 1209 7.96 33.96 -26.98
C GLY B 1209 7.38 33.55 -25.64
N ARG B 1210 6.78 34.47 -24.89
CA ARG B 1210 6.21 34.14 -23.60
C ARG B 1210 5.06 33.15 -23.77
N LYS B 1211 5.06 32.10 -22.95
CA LYS B 1211 4.05 31.05 -23.03
C LYS B 1211 3.38 30.86 -21.68
N ARG B 1212 2.09 30.55 -21.74
CA ARG B 1212 1.31 30.18 -20.56
C ARG B 1212 0.61 28.86 -20.83
N MET B 1213 0.33 28.13 -19.76
CA MET B 1213 -0.52 26.96 -19.82
C MET B 1213 -1.77 27.18 -18.97
N LEU B 1214 -2.87 26.55 -19.37
CA LEU B 1214 -4.11 26.66 -18.60
C LEU B 1214 -4.00 25.83 -17.32
N ALA B 1215 -4.16 26.48 -16.17
CA ALA B 1215 -4.30 25.77 -14.91
C ALA B 1215 -5.74 25.49 -14.56
N SER B 1216 -6.66 26.29 -15.12
CA SER B 1216 -8.09 26.21 -14.90
C SER B 1216 -8.73 27.32 -15.73
N ALA B 1217 -10.01 27.61 -15.51
CA ALA B 1217 -10.65 28.70 -16.24
C ALA B 1217 -10.20 30.07 -15.76
N GLY B 1218 -9.62 30.16 -14.55
CA GLY B 1218 -9.26 31.44 -14.00
C GLY B 1218 -7.82 31.61 -13.57
N GLU B 1219 -6.95 30.63 -13.86
CA GLU B 1219 -5.55 30.70 -13.48
C GLU B 1219 -4.66 30.12 -14.58
N LEU B 1220 -3.44 30.64 -14.67
CA LEU B 1220 -2.45 30.22 -15.66
C LEU B 1220 -1.18 29.75 -14.97
N GLN B 1221 -0.42 28.95 -15.72
CA GLN B 1221 0.88 28.41 -15.32
C GLN B 1221 1.98 28.89 -16.27
N LYS B 1222 3.21 28.86 -15.77
CA LYS B 1222 4.37 29.16 -16.60
C LYS B 1222 4.48 28.15 -17.75
N GLY B 1223 4.82 28.66 -18.93
CA GLY B 1223 4.78 27.85 -20.14
C GLY B 1223 6.09 27.71 -20.88
N ASN B 1224 7.16 28.32 -20.38
CA ASN B 1224 8.45 28.32 -21.05
C ASN B 1224 9.45 27.42 -20.33
N GLU B 1225 10.48 27.01 -21.06
CA GLU B 1225 11.65 26.33 -20.51
C GLU B 1225 12.83 27.29 -20.59
N LEU B 1226 13.59 27.41 -19.50
CA LEU B 1226 14.80 28.21 -19.48
C LEU B 1226 15.95 27.33 -19.94
N ALA B 1227 16.38 27.52 -21.19
CA ALA B 1227 17.49 26.75 -21.76
C ALA B 1227 18.81 27.36 -21.30
N LEU B 1228 19.28 26.94 -20.14
CA LEU B 1228 20.54 27.43 -19.61
C LEU B 1228 21.70 26.75 -20.33
N PRO B 1229 22.68 27.51 -20.83
CA PRO B 1229 23.78 26.91 -21.60
C PRO B 1229 24.56 25.86 -20.80
N SER B 1230 25.22 24.97 -21.54
CA SER B 1230 25.80 23.77 -20.94
C SER B 1230 26.95 24.09 -20.00
N LYS B 1231 27.78 25.08 -20.35
CA LYS B 1231 28.89 25.45 -19.47
C LYS B 1231 28.38 25.86 -18.09
N TYR B 1232 27.26 26.58 -18.04
CA TYR B 1232 26.70 26.98 -16.75
C TYR B 1232 26.14 25.79 -15.99
N VAL B 1233 25.51 24.84 -16.70
CA VAL B 1233 25.01 23.63 -16.05
C VAL B 1233 26.15 22.87 -15.40
N ASN B 1234 27.25 22.70 -16.14
CA ASN B 1234 28.39 21.94 -15.61
C ASN B 1234 29.06 22.68 -14.46
N PHE B 1235 29.18 24.01 -14.58
CA PHE B 1235 29.73 24.79 -13.48
C PHE B 1235 28.85 24.67 -12.24
N LEU B 1236 27.52 24.62 -12.42
CA LEU B 1236 26.63 24.53 -11.27
C LEU B 1236 26.70 23.15 -10.64
N TYR B 1237 26.83 22.10 -11.47
CA TYR B 1237 27.01 20.76 -10.92
C TYR B 1237 28.29 20.66 -10.11
N LEU B 1238 29.40 21.19 -10.65
CA LEU B 1238 30.67 21.08 -9.95
C LEU B 1238 30.72 21.97 -8.72
N ALA B 1239 30.20 23.20 -8.83
CA ALA B 1239 30.34 24.16 -7.75
C ALA B 1239 29.46 23.80 -6.55
N SER B 1240 28.34 23.12 -6.79
CA SER B 1240 27.41 22.75 -5.73
C SER B 1240 27.72 21.41 -5.09
N HIS B 1241 28.76 20.71 -5.56
CA HIS B 1241 29.07 19.35 -5.12
C HIS B 1241 27.88 18.41 -5.36
N TYR B 1242 27.20 18.60 -6.50
CA TYR B 1242 26.11 17.74 -6.90
C TYR B 1242 26.59 16.29 -6.95
N GLU B 1243 25.81 15.39 -6.37
CA GLU B 1243 26.17 13.97 -6.25
C GLU B 1243 27.46 13.88 -5.43
N LYS B 1244 28.45 13.10 -5.85
CA LYS B 1244 29.71 12.99 -5.13
C LYS B 1244 30.87 13.29 -6.08
N LEU B 1245 32.01 13.65 -5.49
CA LEU B 1245 33.17 14.04 -6.28
C LEU B 1245 33.79 12.82 -6.97
N LYS B 1246 34.00 11.75 -6.22
CA LYS B 1246 34.63 10.53 -6.72
C LYS B 1246 35.96 10.87 -7.39
N GLY B 1247 36.25 10.23 -8.53
CA GLY B 1247 37.45 10.53 -9.28
C GLY B 1247 38.70 10.34 -8.45
N SER B 1248 39.68 11.20 -8.68
CA SER B 1248 40.94 11.22 -7.97
C SER B 1248 41.15 12.57 -7.32
N PRO B 1249 42.04 12.67 -6.34
CA PRO B 1249 42.32 13.99 -5.74
C PRO B 1249 42.88 14.99 -6.74
N GLU B 1250 43.64 14.54 -7.74
CA GLU B 1250 44.12 15.45 -8.77
C GLU B 1250 42.97 15.95 -9.65
N ASP B 1251 42.08 15.05 -10.05
CA ASP B 1251 40.90 15.47 -10.81
C ASP B 1251 40.00 16.37 -9.97
N ASN B 1252 39.87 16.07 -8.67
CA ASN B 1252 39.09 16.94 -7.79
C ASN B 1252 39.71 18.32 -7.70
N GLU B 1253 41.04 18.40 -7.64
CA GLU B 1253 41.70 19.69 -7.60
C GLU B 1253 41.51 20.45 -8.91
N GLN B 1254 41.54 19.73 -10.04
CA GLN B 1254 41.28 20.40 -11.32
C GLN B 1254 39.85 20.92 -11.40
N LYS B 1255 38.88 20.15 -10.90
CA LYS B 1255 37.50 20.62 -10.88
C LYS B 1255 37.36 21.85 -9.97
N GLN B 1256 38.03 21.84 -8.82
CA GLN B 1256 37.98 22.98 -7.91
C GLN B 1256 38.61 24.22 -8.53
N LEU B 1257 39.75 24.05 -9.21
CA LEU B 1257 40.38 25.17 -9.90
C LEU B 1257 39.53 25.67 -11.06
N PHE B 1258 38.78 24.79 -11.71
CA PHE B 1258 37.84 25.23 -12.74
C PHE B 1258 36.72 26.06 -12.13
N VAL B 1259 36.16 25.59 -11.01
CA VAL B 1259 35.12 26.36 -10.31
C VAL B 1259 35.64 27.74 -9.93
N GLU B 1260 36.86 27.81 -9.43
CA GLU B 1260 37.40 29.09 -8.98
C GLU B 1260 37.78 29.99 -10.15
N GLN B 1261 38.20 29.40 -11.28
CA GLN B 1261 38.53 30.19 -12.46
C GLN B 1261 37.28 30.72 -13.16
N HIS B 1262 36.13 30.10 -12.93
CA HIS B 1262 34.87 30.50 -13.57
C HIS B 1262 33.86 30.96 -12.53
N LYS B 1263 34.35 31.64 -11.48
CA LYS B 1263 33.44 32.17 -10.47
C LYS B 1263 32.48 33.19 -11.08
N HIS B 1264 32.94 33.95 -12.07
CA HIS B 1264 32.09 34.96 -12.70
C HIS B 1264 30.82 34.33 -13.27
N TYR B 1265 30.86 33.04 -13.62
CA TYR B 1265 29.67 32.35 -14.10
C TYR B 1265 28.47 32.60 -13.19
N LEU B 1266 28.69 32.61 -11.88
CA LEU B 1266 27.62 32.91 -10.93
C LEU B 1266 26.82 34.12 -11.40
N ASP B 1267 27.48 35.28 -11.49
CA ASP B 1267 26.79 36.48 -11.95
C ASP B 1267 26.11 36.23 -13.29
N GLU B 1268 26.84 35.65 -14.24
CA GLU B 1268 26.27 35.39 -15.55
C GLU B 1268 24.99 34.58 -15.43
N ILE B 1269 25.03 33.50 -14.63
CA ILE B 1269 23.85 32.68 -14.44
C ILE B 1269 22.70 33.52 -13.92
N ILE B 1270 22.98 34.34 -12.89
CA ILE B 1270 21.94 35.24 -12.37
C ILE B 1270 21.39 36.09 -13.49
N GLU B 1271 22.27 36.71 -14.27
CA GLU B 1271 21.84 37.52 -15.40
C GLU B 1271 20.89 36.74 -16.28
N GLN B 1272 21.28 35.52 -16.66
CA GLN B 1272 20.41 34.69 -17.47
C GLN B 1272 19.02 34.61 -16.87
N ILE B 1273 18.95 34.17 -15.60
CA ILE B 1273 17.67 34.06 -14.91
C ILE B 1273 16.92 35.38 -15.03
N SER B 1274 17.58 36.49 -14.66
CA SER B 1274 16.94 37.80 -14.70
C SER B 1274 16.36 38.06 -16.08
N GLU B 1275 17.18 37.90 -17.13
CA GLU B 1275 16.70 38.12 -18.48
C GLU B 1275 15.44 37.31 -18.73
N PHE B 1276 15.53 36.00 -18.49
CA PHE B 1276 14.39 35.11 -18.70
C PHE B 1276 13.19 35.63 -17.92
N SER B 1277 13.37 35.96 -16.64
CA SER B 1277 12.25 36.35 -15.81
C SER B 1277 11.62 37.64 -16.30
N LYS B 1278 12.39 38.51 -16.95
CA LYS B 1278 11.83 39.76 -17.46
C LYS B 1278 11.12 39.55 -18.78
N ARG B 1279 11.52 38.55 -19.56
CA ARG B 1279 10.87 38.33 -20.85
C ARG B 1279 9.59 37.51 -20.70
N VAL B 1280 9.53 36.62 -19.70
CA VAL B 1280 8.64 35.47 -19.75
C VAL B 1280 7.89 35.25 -18.43
N ILE B 1281 8.49 35.61 -17.31
CA ILE B 1281 7.90 35.29 -16.01
C ILE B 1281 7.04 36.43 -15.47
N LEU B 1282 7.56 37.66 -15.50
CA LEU B 1282 6.82 38.86 -15.10
C LEU B 1282 6.42 38.79 -13.62
N ALA B 1283 7.40 38.51 -12.77
CA ALA B 1283 7.24 38.53 -11.31
C ALA B 1283 8.20 39.59 -10.78
N ASP B 1284 7.80 40.86 -10.93
CA ASP B 1284 8.70 41.97 -10.63
C ASP B 1284 9.16 41.96 -9.18
N ALA B 1285 8.21 41.85 -8.25
CA ALA B 1285 8.56 41.89 -6.83
C ALA B 1285 9.47 40.73 -6.45
N ASN B 1286 9.09 39.51 -6.88
CA ASN B 1286 9.90 38.34 -6.55
C ASN B 1286 11.29 38.43 -7.17
N LEU B 1287 11.39 38.89 -8.43
CA LEU B 1287 12.69 39.01 -9.06
C LEU B 1287 13.57 40.04 -8.34
N ASP B 1288 12.97 41.16 -7.92
CA ASP B 1288 13.74 42.15 -7.17
C ASP B 1288 14.20 41.59 -5.83
N LYS B 1289 13.33 40.86 -5.13
CA LYS B 1289 13.72 40.24 -3.87
C LYS B 1289 14.86 39.24 -4.10
N VAL B 1290 14.83 38.52 -5.23
CA VAL B 1290 15.86 37.54 -5.52
C VAL B 1290 17.19 38.23 -5.81
N LEU B 1291 17.18 39.29 -6.62
CA LEU B 1291 18.40 40.01 -6.91
C LEU B 1291 18.99 40.61 -5.64
N SER B 1292 18.12 41.11 -4.74
CA SER B 1292 18.59 41.61 -3.46
C SER B 1292 19.21 40.51 -2.62
N ALA B 1293 18.55 39.36 -2.54
CA ALA B 1293 19.08 38.25 -1.74
C ALA B 1293 20.41 37.76 -2.29
N TYR B 1294 20.55 37.74 -3.62
CA TYR B 1294 21.81 37.33 -4.23
C TYR B 1294 22.91 38.34 -3.92
N ASN B 1295 22.61 39.63 -4.04
CA ASN B 1295 23.60 40.65 -3.68
C ASN B 1295 23.86 40.70 -2.19
N LYS B 1296 23.03 40.06 -1.37
CA LYS B 1296 23.26 40.04 0.07
C LYS B 1296 24.27 38.97 0.47
N HIS B 1297 24.20 37.80 -0.17
CA HIS B 1297 25.07 36.68 0.17
C HIS B 1297 26.23 36.51 -0.81
N ARG B 1298 26.74 37.61 -1.36
CA ARG B 1298 27.88 37.51 -2.27
C ARG B 1298 29.15 37.09 -1.55
N ASP B 1299 29.20 37.22 -0.22
CA ASP B 1299 30.36 36.79 0.56
C ASP B 1299 30.22 35.37 1.08
N LYS B 1300 29.12 34.68 0.76
CA LYS B 1300 28.99 33.28 1.14
C LYS B 1300 29.92 32.41 0.30
N PRO B 1301 30.24 31.21 0.78
CA PRO B 1301 31.07 30.30 -0.03
C PRO B 1301 30.43 30.00 -1.37
N ILE B 1302 31.28 29.74 -2.37
CA ILE B 1302 30.80 29.46 -3.73
C ILE B 1302 29.86 28.26 -3.73
N ARG B 1303 30.16 27.25 -2.90
CA ARG B 1303 29.32 26.06 -2.86
C ARG B 1303 27.89 26.38 -2.43
N GLU B 1304 27.75 27.17 -1.36
CA GLU B 1304 26.42 27.48 -0.84
C GLU B 1304 25.66 28.38 -1.80
N GLN B 1305 26.35 29.35 -2.42
CA GLN B 1305 25.70 30.17 -3.43
C GLN B 1305 25.24 29.33 -4.61
N ALA B 1306 26.01 28.31 -4.98
CA ALA B 1306 25.60 27.44 -6.07
C ALA B 1306 24.37 26.62 -5.70
N GLU B 1307 24.34 26.08 -4.48
CA GLU B 1307 23.17 25.34 -4.03
C GLU B 1307 21.92 26.22 -4.04
N ASN B 1308 22.04 27.45 -3.53
CA ASN B 1308 20.87 28.31 -3.51
C ASN B 1308 20.49 28.81 -4.90
N ILE B 1309 21.46 28.91 -5.82
CA ILE B 1309 21.10 29.20 -7.21
C ILE B 1309 20.32 28.03 -7.80
N ILE B 1310 20.72 26.79 -7.48
CA ILE B 1310 19.90 25.64 -7.85
C ILE B 1310 18.47 25.84 -7.38
N HIS B 1311 18.30 26.29 -6.14
CA HIS B 1311 16.97 26.60 -5.63
C HIS B 1311 16.27 27.67 -6.48
N LEU B 1312 17.04 28.65 -6.98
CA LEU B 1312 16.45 29.79 -7.67
C LEU B 1312 15.62 29.40 -8.89
N PHE B 1313 15.89 28.25 -9.51
CA PHE B 1313 15.21 27.93 -10.77
C PHE B 1313 13.73 27.61 -10.58
N THR B 1314 13.24 27.50 -9.34
CA THR B 1314 11.81 27.35 -9.12
C THR B 1314 11.05 28.57 -9.62
N LEU B 1315 11.70 29.74 -9.63
CA LEU B 1315 11.07 30.93 -10.17
C LEU B 1315 10.80 30.78 -11.66
N THR B 1316 11.69 30.09 -12.38
CA THR B 1316 11.63 30.01 -13.85
C THR B 1316 11.11 28.69 -14.38
N ASN B 1317 10.97 27.67 -13.54
CA ASN B 1317 10.56 26.34 -13.98
C ASN B 1317 9.26 26.39 -14.76
N LEU B 1318 9.14 25.49 -15.73
CA LEU B 1318 7.85 25.23 -16.37
C LEU B 1318 6.85 24.77 -15.31
N GLY B 1319 5.60 25.18 -15.47
CA GLY B 1319 4.51 24.65 -14.67
C GLY B 1319 3.97 25.65 -13.66
N ALA B 1320 3.28 25.09 -12.66
CA ALA B 1320 2.65 25.93 -11.65
C ALA B 1320 3.71 26.64 -10.80
N PRO B 1321 3.48 27.90 -10.45
CA PRO B 1321 4.42 28.61 -9.57
C PRO B 1321 4.42 27.98 -8.18
N ALA B 1322 5.59 28.00 -7.56
CA ALA B 1322 5.77 27.44 -6.24
C ALA B 1322 6.74 28.29 -5.44
N ALA B 1323 6.55 28.31 -4.13
CA ALA B 1323 7.44 29.05 -3.25
C ALA B 1323 8.79 28.37 -3.17
N PHE B 1324 9.83 29.17 -2.96
CA PHE B 1324 11.17 28.59 -2.79
C PHE B 1324 11.94 29.45 -1.79
N LYS B 1325 13.16 29.01 -1.48
CA LYS B 1325 14.00 29.68 -0.48
C LYS B 1325 15.39 29.91 -1.05
N TYR B 1326 15.84 31.15 -1.03
CA TYR B 1326 17.23 31.50 -1.32
C TYR B 1326 17.89 31.84 0.01
N PHE B 1327 18.77 30.94 0.47
CA PHE B 1327 19.37 30.99 1.80
C PHE B 1327 18.22 31.01 2.81
N ASP B 1328 18.08 32.05 3.64
CA ASP B 1328 16.99 32.15 4.59
C ASP B 1328 15.83 32.99 4.08
N THR B 1329 15.98 33.62 2.92
CA THR B 1329 14.91 34.42 2.35
C THR B 1329 13.89 33.53 1.65
N THR B 1330 12.61 33.75 1.94
CA THR B 1330 11.53 32.98 1.32
C THR B 1330 10.88 33.81 0.23
N ILE B 1331 10.75 33.20 -0.96
CA ILE B 1331 10.09 33.82 -2.10
C ILE B 1331 8.76 33.10 -2.29
N ASP B 1332 7.67 33.78 -1.98
CA ASP B 1332 6.34 33.24 -2.17
C ASP B 1332 5.96 33.29 -3.64
N ARG B 1333 5.15 32.33 -4.07
CA ARG B 1333 4.85 32.18 -5.48
C ARG B 1333 4.01 33.34 -5.99
N LYS B 1334 4.40 33.89 -7.13
CA LYS B 1334 3.59 34.85 -7.87
C LYS B 1334 2.69 34.07 -8.81
N ARG B 1335 1.38 34.18 -8.61
CA ARG B 1335 0.40 33.44 -9.39
C ARG B 1335 -0.14 34.30 -10.53
N TYR B 1336 -0.70 33.63 -11.53
CA TYR B 1336 -1.29 34.27 -12.69
C TYR B 1336 -2.82 34.12 -12.58
N THR B 1337 -3.42 35.03 -11.82
CA THR B 1337 -4.80 34.90 -11.35
C THR B 1337 -5.85 35.33 -12.39
N SER B 1338 -5.47 35.48 -13.65
CA SER B 1338 -6.42 35.84 -14.69
C SER B 1338 -6.03 35.16 -16.00
N THR B 1339 -7.04 34.69 -16.74
CA THR B 1339 -6.80 34.05 -18.02
C THR B 1339 -7.21 34.90 -19.21
N LYS B 1340 -7.52 36.18 -18.98
CA LYS B 1340 -8.07 37.03 -20.05
C LYS B 1340 -7.11 37.17 -21.21
N GLU B 1341 -5.81 37.27 -20.94
CA GLU B 1341 -4.86 37.59 -22.01
C GLU B 1341 -4.79 36.48 -23.07
N VAL B 1342 -4.89 35.22 -22.66
CA VAL B 1342 -4.80 34.14 -23.64
C VAL B 1342 -5.96 34.19 -24.62
N LEU B 1343 -7.07 34.84 -24.25
CA LEU B 1343 -8.20 34.95 -25.18
C LEU B 1343 -7.84 35.75 -26.42
N ASP B 1344 -6.68 36.41 -26.46
CA ASP B 1344 -6.24 37.08 -27.67
C ASP B 1344 -4.85 36.63 -28.12
N ALA B 1345 -4.33 35.56 -27.54
CA ALA B 1345 -3.00 35.07 -27.88
C ALA B 1345 -3.11 33.97 -28.95
N THR B 1346 -2.03 33.22 -29.15
CA THR B 1346 -2.04 32.12 -30.10
C THR B 1346 -2.15 30.80 -29.34
N LEU B 1347 -3.22 30.06 -29.58
CA LEU B 1347 -3.39 28.72 -29.03
C LEU B 1347 -2.58 27.71 -29.84
N ILE B 1348 -1.86 26.82 -29.15
CA ILE B 1348 -0.99 25.85 -29.81
C ILE B 1348 -1.46 24.45 -29.47
N HIS B 1349 -1.93 23.72 -30.46
CA HIS B 1349 -2.22 22.30 -30.32
C HIS B 1349 -0.99 21.51 -30.74
N GLN B 1350 -0.56 20.57 -29.90
CA GLN B 1350 0.65 19.78 -30.12
C GLN B 1350 0.33 18.29 -30.19
N SER B 1351 1.00 17.59 -31.10
CA SER B 1351 0.98 16.14 -31.10
C SER B 1351 1.83 15.62 -29.93
N ILE B 1352 1.87 14.30 -29.77
CA ILE B 1352 2.50 13.71 -28.59
C ILE B 1352 3.99 14.08 -28.51
N THR B 1353 4.68 14.12 -29.64
CA THR B 1353 6.07 14.57 -29.69
C THR B 1353 6.22 16.08 -29.76
N GLY B 1354 5.13 16.81 -30.01
CA GLY B 1354 5.22 18.24 -30.23
C GLY B 1354 5.80 18.62 -31.57
N LEU B 1355 6.03 17.66 -32.45
CA LEU B 1355 6.60 17.98 -33.76
C LEU B 1355 5.54 18.48 -34.73
N TYR B 1356 4.32 17.96 -34.63
CA TYR B 1356 3.20 18.46 -35.41
C TYR B 1356 2.38 19.44 -34.58
N GLU B 1357 2.18 20.65 -35.10
CA GLU B 1357 1.51 21.73 -34.39
C GLU B 1357 0.37 22.31 -35.22
N THR B 1358 -0.66 22.78 -34.52
CA THR B 1358 -1.70 23.61 -35.12
C THR B 1358 -1.80 24.87 -34.29
N ARG B 1359 -1.57 26.02 -34.92
CA ARG B 1359 -1.57 27.30 -34.23
C ARG B 1359 -2.80 28.10 -34.64
N ILE B 1360 -3.55 28.58 -33.65
CA ILE B 1360 -4.81 29.28 -33.86
C ILE B 1360 -4.67 30.68 -33.26
N ASP B 1361 -4.75 31.71 -34.10
CA ASP B 1361 -4.74 33.08 -33.60
C ASP B 1361 -6.13 33.39 -33.03
N LEU B 1362 -6.20 33.53 -31.72
CA LEU B 1362 -7.47 33.77 -31.04
C LEU B 1362 -7.93 35.22 -31.14
N SER B 1363 -7.03 36.17 -31.40
CA SER B 1363 -7.45 37.55 -31.59
C SER B 1363 -8.38 37.70 -32.79
N GLN B 1364 -8.40 36.72 -33.69
CA GLN B 1364 -9.27 36.75 -34.85
C GLN B 1364 -10.67 36.21 -34.56
N LEU B 1365 -10.93 35.75 -33.34
CA LEU B 1365 -12.25 35.28 -32.94
C LEU B 1365 -12.99 36.37 -32.17
N GLY B 1366 -14.25 36.59 -32.55
CA GLY B 1366 -15.09 37.56 -31.85
C GLY B 1366 -15.38 38.80 -32.65
MG MG E . -22.19 12.27 14.35
MG MG F . -27.28 8.58 -1.73
K K G . -8.47 10.43 -15.51
K K H . -1.15 16.95 -26.98
K K I . -5.77 12.69 -11.57
K K J . -10.56 -21.31 4.08
K K K . -15.41 20.00 19.22
K K L . -20.46 -40.98 12.61
K K M . 5.67 -10.89 43.57
K K N . -43.39 25.54 8.59
K K O . 16.82 -27.05 2.82
K K P . 12.06 -20.59 -8.64
#